data_5XK9
#
_entry.id   5XK9
#
_cell.length_a   120.955
_cell.length_b   68.774
_cell.length_c   129.465
_cell.angle_alpha   90.00
_cell.angle_beta   90.08
_cell.angle_gamma   90.00
#
_symmetry.space_group_name_H-M   'P 1 21 1'
#
loop_
_entity.id
_entity.type
_entity.pdbx_description
1 polymer 'Undecaprenyl diphosphate synthase'
2 non-polymer 'MAGNESIUM ION'
3 non-polymer 'GERANYL S-THIOLODIPHOSPHATE'
4 non-polymer 'DIMETHYLALLYL DIPHOSPHATE'
5 water water
#
_entity_poly.entity_id   1
_entity_poly.type   'polypeptide(L)'
_entity_poly.pdbx_seq_one_letter_code
;MAHHHHHHVDDDDKMMTNLMLLPDGMRRWSQKQGISLDDSYAAMTDKLVEFTGWAREEGFTTFYVTVSSVANYSRSEEQV
TTAMNAFTEVVRRCHDTLNFNYSGTLEVVPERWLTELEALRAKSDSQSDFTLHFIMGMSLAHEVIGIFNKFNGKIPALTE
ELLAANAYVPEPVDFLIRPGGHVRMSSFYPLMSPFAEMYFCPTLLNDMTRADFDVALEDLRERDRRYGLYPV
;
_entity_poly.pdbx_strand_id   A,B,C,D,E,F,G,H
#
loop_
_chem_comp.id
_chem_comp.type
_chem_comp.name
_chem_comp.formula
DMA non-polymer 'DIMETHYLALLYL DIPHOSPHATE' 'C5 H12 O7 P2'
GST non-polymer 'GERANYL S-THIOLODIPHOSPHATE' 'C10 H20 O6 P2 S'
MG non-polymer 'MAGNESIUM ION' 'Mg 2'
#
# COMPACT_ATOMS: atom_id res chain seq x y z
N MET A 16 20.99 3.14 49.27
CA MET A 16 20.07 2.19 48.66
C MET A 16 18.76 2.84 48.24
N THR A 17 18.37 2.57 47.00
CA THR A 17 17.20 3.17 46.39
C THR A 17 16.34 2.13 45.70
N ASN A 18 15.03 2.37 45.70
CA ASN A 18 14.05 1.48 45.09
C ASN A 18 13.25 2.27 44.06
N LEU A 19 12.64 1.54 43.12
CA LEU A 19 11.95 2.13 41.99
C LEU A 19 10.57 1.51 41.82
N MET A 20 9.58 2.34 41.51
CA MET A 20 8.19 1.90 41.32
C MET A 20 7.69 2.31 39.95
N LEU A 21 7.10 1.37 39.23
CA LEU A 21 6.59 1.59 37.89
C LEU A 21 5.08 1.37 37.84
N LEU A 22 4.39 2.29 37.15
CA LEU A 22 2.95 2.22 36.88
C LEU A 22 2.73 1.91 35.40
N PRO A 23 2.57 0.65 35.02
CA PRO A 23 2.46 0.29 33.60
C PRO A 23 1.11 0.72 33.01
N ASP A 24 1.16 1.43 31.88
CA ASP A 24 -0.04 2.00 31.30
C ASP A 24 0.13 2.04 29.78
N GLY A 25 -1.00 1.95 29.07
CA GLY A 25 -1.01 2.14 27.63
C GLY A 25 -1.12 0.89 26.78
N MET A 26 -1.61 -0.23 27.32
CA MET A 26 -1.64 -1.47 26.54
C MET A 26 -2.72 -1.43 25.46
N ARG A 27 -3.90 -0.87 25.76
CA ARG A 27 -4.95 -0.77 24.76
C ARG A 27 -4.57 0.18 23.63
N ARG A 28 -4.12 1.39 23.99
CA ARG A 28 -3.68 2.34 22.98
C ARG A 28 -2.55 1.79 22.13
N TRP A 29 -1.68 0.97 22.73
CA TRP A 29 -0.61 0.35 21.96
C TRP A 29 -1.16 -0.72 21.04
N SER A 30 -2.18 -1.46 21.49
CA SER A 30 -2.79 -2.46 20.62
C SER A 30 -3.43 -1.83 19.39
N GLN A 31 -4.13 -0.71 19.57
CA GLN A 31 -4.71 -0.02 18.42
C GLN A 31 -3.62 0.61 17.55
N LYS A 32 -2.56 1.12 18.18
CA LYS A 32 -1.48 1.77 17.45
C LYS A 32 -0.73 0.77 16.58
N GLN A 33 -0.45 -0.42 17.11
CA GLN A 33 0.27 -1.46 16.38
C GLN A 33 -0.63 -2.27 15.46
N GLY A 34 -1.94 -2.14 15.58
CA GLY A 34 -2.87 -2.94 14.78
C GLY A 34 -2.88 -4.41 15.15
N ILE A 35 -2.77 -4.70 16.44
CA ILE A 35 -2.71 -6.08 16.93
C ILE A 35 -3.77 -6.25 18.00
N SER A 36 -3.97 -7.50 18.41
CA SER A 36 -4.94 -7.78 19.45
C SER A 36 -4.43 -7.28 20.80
N LEU A 37 -5.36 -7.15 21.75
CA LEU A 37 -4.97 -6.78 23.10
C LEU A 37 -4.06 -7.82 23.73
N ASP A 38 -4.31 -9.10 23.42
CA ASP A 38 -3.47 -10.17 23.97
C ASP A 38 -2.02 -10.00 23.55
N ASP A 39 -1.78 -9.69 22.28
CA ASP A 39 -0.41 -9.51 21.81
C ASP A 39 0.23 -8.29 22.44
N SER A 40 -0.56 -7.23 22.64
CA SER A 40 -0.06 -6.04 23.34
C SER A 40 0.37 -6.41 24.76
N TYR A 41 -0.37 -7.30 25.42
CA TYR A 41 0.02 -7.70 26.77
C TYR A 41 1.23 -8.63 26.75
N ALA A 42 1.42 -9.40 25.68
CA ALA A 42 2.66 -10.16 25.55
C ALA A 42 3.86 -9.23 25.40
N ALA A 43 3.73 -8.20 24.56
CA ALA A 43 4.76 -7.17 24.48
C ALA A 43 4.98 -6.49 25.83
N MET A 44 3.90 -6.33 26.62
CA MET A 44 4.05 -5.79 27.97
C MET A 44 4.85 -6.73 28.86
N THR A 45 4.64 -8.04 28.72
CA THR A 45 5.43 -9.00 29.49
C THR A 45 6.92 -8.87 29.16
N ASP A 46 7.25 -8.89 27.86
CA ASP A 46 8.65 -8.71 27.47
C ASP A 46 9.22 -7.40 27.98
N LYS A 47 8.45 -6.31 27.84
CA LYS A 47 8.93 -5.00 28.25
C LYS A 47 9.18 -4.95 29.74
N LEU A 48 8.34 -5.62 30.53
CA LEU A 48 8.54 -5.62 31.98
C LEU A 48 9.74 -6.48 32.38
N VAL A 49 10.02 -7.57 31.64
CA VAL A 49 11.26 -8.32 31.89
C VAL A 49 12.48 -7.44 31.62
N GLU A 50 12.50 -6.77 30.46
CA GLU A 50 13.55 -5.80 30.18
C GLU A 50 13.68 -4.78 31.30
N PHE A 51 12.55 -4.23 31.74
CA PHE A 51 12.57 -3.16 32.74
C PHE A 51 13.13 -3.67 34.06
N THR A 52 12.77 -4.90 34.45
CA THR A 52 13.33 -5.51 35.65
C THR A 52 14.85 -5.63 35.53
N GLY A 53 15.34 -6.08 34.38
CA GLY A 53 16.78 -6.11 34.17
C GLY A 53 17.42 -4.75 34.30
N TRP A 54 16.81 -3.73 33.70
CA TRP A 54 17.36 -2.37 33.76
C TRP A 54 17.44 -1.89 35.20
N ALA A 55 16.36 -2.06 35.95
CA ALA A 55 16.33 -1.61 37.34
C ALA A 55 17.38 -2.33 38.17
N ARG A 56 17.55 -3.64 37.95
CA ARG A 56 18.61 -4.35 38.68
C ARG A 56 19.99 -3.81 38.32
N GLU A 57 20.23 -3.57 37.02
CA GLU A 57 21.52 -3.05 36.59
C GLU A 57 21.80 -1.66 37.15
N GLU A 58 20.75 -0.87 37.40
CA GLU A 58 20.90 0.49 37.88
C GLU A 58 21.06 0.58 39.39
N GLY A 59 21.18 -0.55 40.07
CA GLY A 59 21.48 -0.52 41.49
C GLY A 59 20.28 -0.42 42.42
N PHE A 60 19.06 -0.49 41.89
CA PHE A 60 17.90 -0.48 42.75
C PHE A 60 17.78 -1.79 43.52
N THR A 61 17.43 -1.68 44.80
CA THR A 61 17.29 -2.88 45.63
C THR A 61 15.94 -3.55 45.41
N THR A 62 14.90 -2.76 45.16
CA THR A 62 13.57 -3.30 44.91
C THR A 62 12.94 -2.59 43.73
N PHE A 63 12.30 -3.37 42.87
CA PHE A 63 11.53 -2.86 41.74
C PHE A 63 10.06 -3.21 42.00
N TYR A 64 9.28 -2.19 42.35
CA TYR A 64 7.85 -2.33 42.58
C TYR A 64 7.11 -2.11 41.27
N VAL A 65 6.14 -2.97 41.00
CA VAL A 65 5.30 -2.87 39.81
C VAL A 65 3.85 -2.81 40.28
N THR A 66 3.16 -1.73 39.95
CA THR A 66 1.73 -1.65 40.29
C THR A 66 0.97 -2.47 39.24
N VAL A 67 0.50 -3.64 39.65
CA VAL A 67 -0.14 -4.55 38.70
C VAL A 67 -1.54 -4.09 38.39
N SER A 68 -2.26 -3.57 39.39
CA SER A 68 -3.69 -3.31 39.21
C SER A 68 -4.21 -2.52 40.39
N SER A 69 -5.24 -1.73 40.11
CA SER A 69 -6.08 -1.17 41.15
C SER A 69 -7.30 -2.06 41.37
N VAL A 70 -8.03 -1.80 42.46
CA VAL A 70 -9.27 -2.52 42.70
C VAL A 70 -10.24 -2.31 41.54
N ALA A 71 -10.32 -1.09 41.03
CA ALA A 71 -11.24 -0.78 39.93
C ALA A 71 -10.91 -1.59 38.68
N ASN A 72 -9.64 -1.94 38.45
CA ASN A 72 -9.28 -2.69 37.26
C ASN A 72 -9.98 -4.03 37.19
N TYR A 73 -10.29 -4.65 38.33
CA TYR A 73 -10.98 -5.93 38.38
C TYR A 73 -12.47 -5.79 38.08
N SER A 74 -12.93 -4.57 37.81
CA SER A 74 -14.27 -4.31 37.32
C SER A 74 -14.36 -4.36 35.81
N ARG A 75 -13.24 -4.56 35.12
CA ARG A 75 -13.27 -4.85 33.70
C ARG A 75 -13.81 -6.25 33.46
N SER A 76 -14.02 -6.57 32.18
CA SER A 76 -14.52 -7.89 31.82
C SER A 76 -13.54 -8.98 32.25
N GLU A 77 -14.07 -10.20 32.45
CA GLU A 77 -13.23 -11.31 32.91
C GLU A 77 -12.16 -11.66 31.88
N GLU A 78 -12.45 -11.44 30.59
CA GLU A 78 -11.45 -11.69 29.55
C GLU A 78 -10.24 -10.80 29.73
N GLN A 79 -10.47 -9.51 29.99
CA GLN A 79 -9.36 -8.58 30.17
C GLN A 79 -8.63 -8.87 31.48
N VAL A 80 -9.38 -9.20 32.54
CA VAL A 80 -8.75 -9.54 33.82
C VAL A 80 -7.84 -10.76 33.66
N THR A 81 -8.32 -11.79 32.96
CA THR A 81 -7.53 -13.00 32.76
C THR A 81 -6.29 -12.71 31.91
N THR A 82 -6.48 -11.99 30.80
CA THR A 82 -5.35 -11.67 29.93
C THR A 82 -4.28 -10.89 30.68
N ALA A 83 -4.69 -9.86 31.41
CA ALA A 83 -3.73 -9.01 32.11
C ALA A 83 -3.03 -9.77 33.23
N MET A 84 -3.80 -10.45 34.08
CA MET A 84 -3.20 -11.19 35.19
C MET A 84 -2.23 -12.26 34.67
N ASN A 85 -2.58 -12.92 33.56
CA ASN A 85 -1.66 -13.89 32.98
C ASN A 85 -0.41 -13.22 32.45
N ALA A 86 -0.55 -12.04 31.85
CA ALA A 86 0.61 -11.32 31.32
C ALA A 86 1.57 -10.94 32.44
N PHE A 87 1.05 -10.38 33.54
CA PHE A 87 1.90 -10.06 34.68
C PHE A 87 2.53 -11.31 35.28
N THR A 88 1.75 -12.39 35.43
CA THR A 88 2.29 -13.62 35.99
C THR A 88 3.43 -14.17 35.14
N GLU A 89 3.35 -14.01 33.82
CA GLU A 89 4.39 -14.52 32.93
C GLU A 89 5.75 -13.86 33.19
N VAL A 90 5.75 -12.58 33.56
CA VAL A 90 6.98 -11.91 33.97
C VAL A 90 7.68 -12.70 35.08
N VAL A 91 6.93 -13.04 36.12
CA VAL A 91 7.50 -13.78 37.25
C VAL A 91 7.91 -15.18 36.80
N ARG A 92 7.11 -15.81 35.93
CA ARG A 92 7.49 -17.12 35.42
C ARG A 92 8.87 -17.06 34.76
N ARG A 93 9.17 -15.96 34.07
CA ARG A 93 10.44 -15.88 33.35
C ARG A 93 11.60 -15.45 34.24
N CYS A 94 11.36 -14.62 35.26
CA CYS A 94 12.46 -14.03 36.02
C CYS A 94 12.63 -14.57 37.44
N HIS A 95 11.70 -15.39 37.94
CA HIS A 95 11.65 -15.67 39.37
C HIS A 95 12.89 -16.42 39.88
N ASP A 96 13.57 -17.17 39.00
CA ASP A 96 14.69 -17.99 39.46
C ASP A 96 15.90 -17.17 39.88
N THR A 97 16.05 -15.95 39.39
CA THR A 97 17.25 -15.16 39.61
C THR A 97 17.03 -13.96 40.52
N LEU A 98 15.85 -13.83 41.11
CA LEU A 98 15.58 -12.71 42.00
C LEU A 98 14.61 -13.15 43.10
N ASN A 99 14.49 -12.30 44.11
CA ASN A 99 13.49 -12.48 45.16
C ASN A 99 12.18 -11.86 44.70
N PHE A 100 11.10 -12.64 44.75
CA PHE A 100 9.78 -12.18 44.35
C PHE A 100 8.89 -12.06 45.57
N ASN A 101 8.07 -11.02 45.60
CA ASN A 101 7.09 -10.86 46.67
C ASN A 101 5.86 -10.14 46.10
N TYR A 102 4.78 -10.14 46.87
CA TYR A 102 3.57 -9.48 46.43
C TYR A 102 2.74 -9.06 47.64
N SER A 103 1.85 -8.10 47.41
CA SER A 103 0.97 -7.57 48.44
C SER A 103 -0.18 -6.86 47.76
N GLY A 104 -1.12 -6.38 48.58
CA GLY A 104 -2.23 -5.57 48.10
C GLY A 104 -3.54 -6.05 48.67
N THR A 105 -4.64 -5.64 48.02
CA THR A 105 -5.99 -6.06 48.41
C THR A 105 -6.25 -7.40 47.72
N LEU A 106 -5.71 -8.46 48.33
CA LEU A 106 -5.69 -9.76 47.66
C LEU A 106 -7.08 -10.38 47.53
N GLU A 107 -8.07 -9.92 48.31
CA GLU A 107 -9.39 -10.54 48.25
C GLU A 107 -10.11 -10.30 46.93
N VAL A 108 -9.73 -9.27 46.17
CA VAL A 108 -10.36 -8.99 44.89
C VAL A 108 -9.65 -9.63 43.73
N VAL A 109 -8.50 -10.25 43.96
CA VAL A 109 -7.77 -10.95 42.90
C VAL A 109 -8.33 -12.37 42.76
N PRO A 110 -8.61 -12.84 41.56
CA PRO A 110 -9.05 -14.23 41.40
C PRO A 110 -8.03 -15.18 42.02
N GLU A 111 -8.54 -16.18 42.75
CA GLU A 111 -7.70 -17.02 43.60
C GLU A 111 -6.64 -17.76 42.79
N ARG A 112 -6.93 -18.09 41.53
CA ARG A 112 -5.97 -18.78 40.67
C ARG A 112 -4.62 -18.08 40.64
N TRP A 113 -4.64 -16.75 40.43
CA TRP A 113 -3.40 -16.00 40.32
C TRP A 113 -2.72 -15.87 41.67
N LEU A 114 -3.50 -15.79 42.76
CA LEU A 114 -2.90 -15.80 44.08
C LEU A 114 -2.14 -17.09 44.33
N THR A 115 -2.73 -18.22 43.90
CA THR A 115 -2.06 -19.51 44.05
C THR A 115 -0.78 -19.55 43.24
N GLU A 116 -0.84 -19.19 41.95
CA GLU A 116 0.36 -19.28 41.11
C GLU A 116 1.45 -18.33 41.59
N LEU A 117 1.09 -17.09 41.95
CA LEU A 117 2.10 -16.15 42.43
C LEU A 117 2.67 -16.58 43.77
N GLU A 118 1.86 -17.24 44.60
CA GLU A 118 2.36 -17.79 45.85
C GLU A 118 3.40 -18.88 45.58
N ALA A 119 3.10 -19.77 44.65
CA ALA A 119 4.07 -20.80 44.28
C ALA A 119 5.35 -20.20 43.71
N LEU A 120 5.22 -19.17 42.86
CA LEU A 120 6.40 -18.53 42.29
C LEU A 120 7.23 -17.85 43.36
N ARG A 121 6.58 -17.23 44.34
CA ARG A 121 7.33 -16.61 45.43
C ARG A 121 8.06 -17.65 46.25
N ALA A 122 7.41 -18.79 46.51
CA ALA A 122 8.09 -19.87 47.21
C ALA A 122 9.29 -20.38 46.43
N LYS A 123 9.21 -20.35 45.10
CA LYS A 123 10.30 -20.85 44.26
C LYS A 123 11.37 -19.80 43.97
N SER A 124 11.16 -18.55 44.37
CA SER A 124 12.10 -17.49 44.00
C SER A 124 13.33 -17.52 44.90
N ASP A 125 14.36 -16.78 44.48
CA ASP A 125 15.64 -16.73 45.20
C ASP A 125 15.52 -15.74 46.34
N SER A 126 15.18 -16.24 47.53
CA SER A 126 15.03 -15.40 48.71
C SER A 126 16.34 -14.78 49.18
N GLN A 127 17.48 -15.30 48.72
CA GLN A 127 18.78 -14.76 49.08
C GLN A 127 19.28 -13.69 48.13
N SER A 128 18.56 -13.43 47.03
CA SER A 128 18.97 -12.41 46.09
C SER A 128 18.89 -11.03 46.74
N ASP A 129 19.84 -10.17 46.37
CA ASP A 129 19.83 -8.79 46.83
C ASP A 129 18.93 -7.88 46.00
N PHE A 130 18.24 -8.43 45.00
CA PHE A 130 17.30 -7.67 44.18
C PHE A 130 15.91 -8.29 44.32
N THR A 131 14.91 -7.43 44.50
CA THR A 131 13.55 -7.86 44.75
C THR A 131 12.61 -7.29 43.69
N LEU A 132 11.80 -8.16 43.10
CA LEU A 132 10.66 -7.77 42.30
C LEU A 132 9.40 -7.93 43.14
N HIS A 133 8.61 -6.86 43.26
CA HIS A 133 7.46 -6.85 44.16
C HIS A 133 6.23 -6.39 43.40
N PHE A 134 5.23 -7.28 43.27
CA PHE A 134 3.97 -6.93 42.65
C PHE A 134 3.00 -6.40 43.70
N ILE A 135 2.34 -5.30 43.40
CA ILE A 135 1.24 -4.80 44.22
C ILE A 135 -0.03 -4.91 43.38
N MET A 136 -1.03 -5.59 43.93
CA MET A 136 -2.26 -5.86 43.21
C MET A 136 -3.44 -5.28 43.97
N GLY A 137 -4.42 -4.76 43.23
CA GLY A 137 -5.58 -4.16 43.85
C GLY A 137 -5.25 -2.96 44.70
N MET A 138 -4.44 -2.05 44.17
CA MET A 138 -4.09 -0.85 44.93
C MET A 138 -5.28 0.08 45.06
N SER A 139 -5.42 0.63 46.26
CA SER A 139 -6.47 1.59 46.61
C SER A 139 -6.23 2.00 48.04
N LEU A 140 -5.95 3.29 48.29
CA LEU A 140 -5.64 3.73 49.64
C LEU A 140 -6.81 3.49 50.57
N ALA A 141 -8.03 3.67 50.09
CA ALA A 141 -9.21 3.43 50.93
C ALA A 141 -9.26 1.98 51.37
N HIS A 142 -9.08 1.05 50.44
CA HIS A 142 -9.11 -0.37 50.79
C HIS A 142 -7.95 -0.74 51.70
N GLU A 143 -6.77 -0.13 51.47
CA GLU A 143 -5.61 -0.42 52.30
C GLU A 143 -5.85 0.02 53.75
N VAL A 144 -6.29 1.26 53.93
CA VAL A 144 -6.55 1.78 55.28
C VAL A 144 -7.66 0.98 55.96
N ILE A 145 -8.73 0.68 55.21
CA ILE A 145 -9.83 -0.10 55.77
C ILE A 145 -9.35 -1.47 56.22
N GLY A 146 -8.52 -2.12 55.40
CA GLY A 146 -7.97 -3.42 55.76
C GLY A 146 -7.11 -3.37 57.01
N ILE A 147 -6.26 -2.35 57.13
CA ILE A 147 -5.41 -2.24 58.31
C ILE A 147 -6.26 -2.03 59.55
N PHE A 148 -7.24 -1.12 59.46
CA PHE A 148 -8.13 -0.89 60.60
C PHE A 148 -8.86 -2.17 61.00
N ASN A 149 -9.50 -2.83 60.03
CA ASN A 149 -10.25 -4.05 60.34
C ASN A 149 -9.34 -5.15 60.88
N LYS A 150 -8.07 -5.15 60.47
CA LYS A 150 -7.12 -6.12 61.01
C LYS A 150 -6.81 -5.85 62.48
N PHE A 151 -6.54 -4.59 62.84
CA PHE A 151 -6.11 -4.29 64.20
C PHE A 151 -7.23 -3.76 65.10
N ASN A 152 -8.45 -3.61 64.58
CA ASN A 152 -9.56 -3.03 65.33
C ASN A 152 -9.79 -3.81 66.63
N GLY A 153 -9.64 -3.10 67.76
CA GLY A 153 -9.89 -3.69 69.06
C GLY A 153 -8.81 -4.61 69.58
N LYS A 154 -7.70 -4.77 68.86
CA LYS A 154 -6.65 -5.72 69.22
C LYS A 154 -5.38 -5.06 69.74
N ILE A 155 -5.22 -3.76 69.54
CA ILE A 155 -4.05 -3.02 70.02
C ILE A 155 -4.57 -1.78 70.75
N PRO A 156 -3.82 -1.23 71.71
CA PRO A 156 -4.29 0.00 72.36
C PRO A 156 -4.25 1.21 71.46
N ALA A 157 -3.33 1.24 70.48
CA ALA A 157 -3.22 2.36 69.56
C ALA A 157 -2.37 1.94 68.38
N LEU A 158 -2.60 2.59 67.24
CA LEU A 158 -1.80 2.37 66.03
C LEU A 158 -0.55 3.24 66.08
N THR A 159 0.60 2.63 65.81
CA THR A 159 1.87 3.35 65.75
C THR A 159 2.35 3.43 64.31
N GLU A 160 3.32 4.33 64.07
CA GLU A 160 3.90 4.41 62.73
C GLU A 160 4.65 3.15 62.36
N GLU A 161 5.23 2.45 63.34
CA GLU A 161 5.95 1.22 63.06
C GLU A 161 5.01 0.13 62.55
N LEU A 162 3.87 -0.05 63.22
CA LEU A 162 2.92 -1.07 62.81
C LEU A 162 2.28 -0.71 61.48
N LEU A 163 1.91 0.56 61.30
CA LEU A 163 1.36 1.00 60.03
C LEU A 163 2.34 0.71 58.89
N ALA A 164 3.61 1.08 59.08
CA ALA A 164 4.61 0.81 58.06
C ALA A 164 4.77 -0.69 57.82
N ALA A 165 4.64 -1.49 58.88
CA ALA A 165 4.77 -2.94 58.77
C ALA A 165 3.57 -3.59 58.09
N ASN A 166 2.46 -2.86 57.94
CA ASN A 166 1.28 -3.44 57.29
C ASN A 166 0.84 -2.73 56.02
N ALA A 167 1.58 -1.71 55.56
CA ALA A 167 1.23 -1.07 54.30
C ALA A 167 1.55 -2.00 53.13
N TYR A 168 0.84 -1.79 52.02
CA TYR A 168 1.05 -2.61 50.82
C TYR A 168 2.50 -2.52 50.36
N VAL A 169 3.03 -1.31 50.29
CA VAL A 169 4.44 -1.08 49.96
C VAL A 169 5.22 -1.07 51.27
N PRO A 170 6.12 -2.03 51.50
CA PRO A 170 6.72 -2.19 52.84
C PRO A 170 7.80 -1.17 53.18
N GLU A 171 8.10 -0.21 52.30
CA GLU A 171 9.14 0.77 52.56
C GLU A 171 8.81 2.02 51.76
N PRO A 172 9.41 3.16 52.12
CA PRO A 172 9.21 4.37 51.31
C PRO A 172 9.76 4.20 49.91
N VAL A 173 9.02 4.71 48.92
CA VAL A 173 9.41 4.64 47.52
C VAL A 173 10.24 5.87 47.17
N ASP A 174 11.41 5.63 46.57
CA ASP A 174 12.29 6.71 46.14
C ASP A 174 11.80 7.33 44.84
N PHE A 175 11.73 6.54 43.78
CA PHE A 175 11.39 7.00 42.45
C PHE A 175 10.14 6.30 41.96
N LEU A 176 9.27 7.05 41.29
CA LEU A 176 8.04 6.53 40.72
C LEU A 176 7.94 7.02 39.29
N ILE A 177 7.64 6.10 38.37
CA ILE A 177 7.56 6.41 36.95
C ILE A 177 6.19 5.98 36.45
N ARG A 178 5.47 6.90 35.79
CA ARG A 178 4.21 6.57 35.14
C ARG A 178 4.28 6.99 33.69
N PRO A 179 4.48 6.05 32.77
CA PRO A 179 4.35 6.33 31.33
C PRO A 179 2.88 6.41 30.94
N GLY A 180 2.64 6.69 29.66
CA GLY A 180 1.29 6.66 29.13
C GLY A 180 0.58 8.00 29.03
N GLY A 181 1.21 9.09 29.48
CA GLY A 181 0.72 10.43 29.22
C GLY A 181 -0.20 11.03 30.26
N HIS A 182 -0.65 10.25 31.24
CA HIS A 182 -1.59 10.76 32.24
C HIS A 182 -0.81 11.28 33.46
N VAL A 183 -1.06 12.54 33.81
CA VAL A 183 -0.42 13.15 34.97
C VAL A 183 -1.37 13.06 36.15
N ARG A 184 -1.39 11.89 36.79
CA ARG A 184 -2.22 11.62 37.95
C ARG A 184 -1.75 10.30 38.53
N MET A 185 -2.08 10.06 39.79
CA MET A 185 -1.66 8.85 40.48
C MET A 185 -2.74 7.78 40.53
N SER A 186 -4.00 8.13 40.28
CA SER A 186 -5.13 7.18 40.30
C SER A 186 -5.17 6.55 41.69
N SER A 187 -5.23 5.21 41.79
CA SER A 187 -5.27 4.51 43.07
C SER A 187 -3.91 4.00 43.51
N PHE A 188 -2.82 4.48 42.90
CA PHE A 188 -1.51 3.87 43.03
C PHE A 188 -0.54 4.65 43.90
N TYR A 189 -0.98 5.67 44.62
CA TYR A 189 -0.04 6.43 45.45
C TYR A 189 0.42 5.57 46.63
N PRO A 190 1.72 5.47 46.88
CA PRO A 190 2.20 4.61 47.97
C PRO A 190 2.04 5.32 49.31
N LEU A 191 1.41 4.62 50.26
CA LEU A 191 0.98 5.24 51.50
C LEU A 191 2.14 5.87 52.27
N MET A 192 3.23 5.13 52.44
CA MET A 192 4.33 5.55 53.31
C MET A 192 5.50 6.15 52.55
N SER A 193 5.22 6.87 51.45
CA SER A 193 6.24 7.51 50.62
C SER A 193 5.90 9.00 50.48
N PRO A 194 5.98 9.77 51.57
CA PRO A 194 5.59 11.18 51.48
C PRO A 194 6.45 12.01 50.55
N PHE A 195 7.73 11.67 50.38
CA PHE A 195 8.67 12.42 49.56
C PHE A 195 9.16 11.64 48.34
N ALA A 196 8.34 10.71 47.85
CA ALA A 196 8.67 10.01 46.62
C ALA A 196 8.76 11.00 45.47
N GLU A 197 9.73 10.81 44.59
CA GLU A 197 9.86 11.64 43.40
C GLU A 197 9.06 11.01 42.29
N MET A 198 8.26 11.82 41.60
CA MET A 198 7.37 11.33 40.55
C MET A 198 7.87 11.77 39.19
N TYR A 199 7.72 10.90 38.20
CA TYR A 199 8.14 11.20 36.84
C TYR A 199 7.05 10.70 35.90
N PHE A 200 6.55 11.60 35.07
CA PHE A 200 5.53 11.30 34.08
C PHE A 200 6.12 11.51 32.69
N CYS A 201 5.76 10.63 31.75
CA CYS A 201 6.23 10.73 30.38
C CYS A 201 5.12 10.27 29.45
N PRO A 202 5.01 10.86 28.26
CA PRO A 202 3.91 10.48 27.36
C PRO A 202 4.10 9.14 26.68
N THR A 203 5.32 8.62 26.64
CA THR A 203 5.59 7.36 25.95
C THR A 203 4.76 6.22 26.55
N LEU A 204 4.07 5.48 25.68
CA LEU A 204 3.43 4.25 26.12
C LEU A 204 4.47 3.28 26.64
N LEU A 205 4.08 2.45 27.60
CA LEU A 205 5.04 1.54 28.23
C LEU A 205 5.73 0.65 27.21
N ASN A 206 4.96 0.08 26.28
CA ASN A 206 5.53 -0.86 25.32
C ASN A 206 6.47 -0.19 24.32
N ASP A 207 6.50 1.13 24.26
CA ASP A 207 7.46 1.85 23.43
C ASP A 207 8.65 2.34 24.23
N MET A 208 8.69 2.09 25.54
CA MET A 208 9.78 2.57 26.36
C MET A 208 11.07 1.87 26.00
N THR A 209 12.11 2.65 25.74
CA THR A 209 13.44 2.14 25.47
C THR A 209 14.32 2.26 26.71
N ARG A 210 15.48 1.61 26.66
CA ARG A 210 16.46 1.79 27.72
C ARG A 210 16.90 3.24 27.85
N ALA A 211 16.97 3.97 26.72
CA ALA A 211 17.34 5.37 26.75
C ALA A 211 16.27 6.21 27.43
N ASP A 212 15.00 5.91 27.18
CA ASP A 212 13.93 6.61 27.90
C ASP A 212 14.04 6.40 29.40
N PHE A 213 14.29 5.16 29.81
CA PHE A 213 14.50 4.85 31.22
C PHE A 213 15.67 5.63 31.78
N ASP A 214 16.77 5.70 31.02
CA ASP A 214 17.98 6.38 31.48
C ASP A 214 17.76 7.87 31.66
N VAL A 215 17.05 8.52 30.72
CA VAL A 215 16.82 9.95 30.87
C VAL A 215 15.80 10.21 31.98
N ALA A 216 14.86 9.28 32.19
CA ALA A 216 14.01 9.35 33.37
C ALA A 216 14.84 9.34 34.65
N LEU A 217 15.84 8.45 34.72
CA LEU A 217 16.70 8.38 35.91
C LEU A 217 17.57 9.62 36.04
N GLU A 218 18.00 10.21 34.93
CA GLU A 218 18.70 11.48 34.99
C GLU A 218 17.82 12.54 35.64
N ASP A 219 16.57 12.66 35.17
CA ASP A 219 15.62 13.59 35.77
C ASP A 219 15.45 13.33 37.26
N LEU A 220 15.17 12.08 37.63
CA LEU A 220 14.85 11.75 39.01
C LEU A 220 16.06 11.95 39.93
N ARG A 221 17.25 11.55 39.49
CA ARG A 221 18.46 11.66 40.31
C ARG A 221 19.02 13.08 40.37
N GLU A 222 18.70 13.92 39.40
CA GLU A 222 19.16 15.30 39.40
C GLU A 222 18.39 16.17 40.38
N ARG A 223 17.21 15.74 40.82
CA ARG A 223 16.38 16.54 41.72
C ARG A 223 16.99 16.66 43.10
N ASP A 224 16.75 17.80 43.74
CA ASP A 224 17.20 18.06 45.09
C ASP A 224 16.12 17.63 46.07
N ARG A 225 16.36 16.56 46.80
CA ARG A 225 15.43 16.06 47.81
C ARG A 225 15.69 16.78 49.12
N ARG A 226 14.64 17.41 49.67
CA ARG A 226 14.78 18.20 50.89
C ARG A 226 13.89 17.75 52.03
N TYR A 227 12.86 16.95 51.77
CA TYR A 227 12.05 16.33 52.82
C TYR A 227 11.41 17.36 53.75
N GLY A 228 10.91 18.45 53.17
CA GLY A 228 10.27 19.48 53.95
C GLY A 228 11.19 20.35 54.75
N LEU A 229 12.50 20.10 54.72
CA LEU A 229 13.46 20.89 55.48
C LEU A 229 14.17 21.88 54.56
N MET B 15 -22.88 22.73 42.37
CA MET B 15 -22.20 21.49 42.07
C MET B 15 -20.75 21.55 42.57
N MET B 16 -20.39 20.57 43.39
CA MET B 16 -19.10 20.58 44.08
C MET B 16 -17.96 20.48 43.08
N THR B 17 -17.04 21.43 43.12
CA THR B 17 -15.84 21.41 42.30
C THR B 17 -14.70 21.90 43.17
N ASN B 18 -13.58 21.18 43.19
CA ASN B 18 -12.51 21.56 44.11
C ASN B 18 -11.15 21.68 43.43
N LEU B 19 -10.35 22.54 44.01
CA LEU B 19 -9.01 22.86 43.56
C LEU B 19 -8.11 22.86 44.78
N MET B 20 -6.94 22.24 44.66
CA MET B 20 -5.98 22.17 45.73
C MET B 20 -4.66 22.72 45.24
N LEU B 21 -4.08 23.64 45.99
CA LEU B 21 -2.84 24.29 45.63
C LEU B 21 -1.79 23.92 46.66
N LEU B 22 -0.61 23.55 46.18
CA LEU B 22 0.56 23.26 47.01
C LEU B 22 1.53 24.42 46.80
N PRO B 23 1.47 25.46 47.63
CA PRO B 23 2.34 26.63 47.40
C PRO B 23 3.79 26.31 47.74
N ASP B 24 4.69 26.64 46.81
CA ASP B 24 6.09 26.27 46.96
C ASP B 24 6.97 27.32 46.31
N GLY B 25 8.20 27.44 46.81
CA GLY B 25 9.21 28.27 46.19
C GLY B 25 9.51 29.60 46.85
N MET B 26 9.17 29.77 48.13
CA MET B 26 9.36 31.05 48.79
C MET B 26 10.84 31.35 49.04
N ARG B 27 11.61 30.32 49.39
CA ARG B 27 13.04 30.52 49.64
C ARG B 27 13.76 30.92 48.36
N ARG B 28 13.54 30.15 47.29
CA ARG B 28 14.15 30.45 46.00
C ARG B 28 13.72 31.82 45.48
N TRP B 29 12.48 32.23 45.75
CA TRP B 29 12.03 33.54 45.32
C TRP B 29 12.72 34.64 46.12
N SER B 30 12.94 34.40 47.42
CA SER B 30 13.68 35.39 48.21
C SER B 30 15.10 35.54 47.68
N GLN B 31 15.75 34.43 47.31
CA GLN B 31 17.08 34.55 46.71
C GLN B 31 17.03 35.23 45.35
N LYS B 32 15.98 34.94 44.56
CA LYS B 32 15.88 35.50 43.22
C LYS B 32 15.68 37.01 43.26
N GLN B 33 14.85 37.49 44.17
CA GLN B 33 14.57 38.91 44.30
C GLN B 33 15.61 39.65 45.14
N GLY B 34 16.46 38.93 45.85
CA GLY B 34 17.42 39.57 46.75
C GLY B 34 16.74 40.20 47.95
N ILE B 35 15.72 39.56 48.50
CA ILE B 35 14.94 40.09 49.61
C ILE B 35 14.93 39.06 50.73
N SER B 36 14.42 39.49 51.89
CA SER B 36 14.34 38.60 53.03
C SER B 36 13.26 37.54 52.83
N LEU B 37 13.34 36.48 53.63
CA LEU B 37 12.32 35.44 53.62
C LEU B 37 10.96 36.03 54.01
N ASP B 38 10.95 36.97 54.96
CA ASP B 38 9.70 37.60 55.38
C ASP B 38 9.02 38.32 54.21
N ASP B 39 9.79 39.06 53.42
CA ASP B 39 9.20 39.78 52.29
C ASP B 39 8.72 38.82 51.21
N SER B 40 9.45 37.73 50.98
CA SER B 40 8.99 36.71 50.05
C SER B 40 7.67 36.10 50.52
N TYR B 41 7.53 35.90 51.84
CA TYR B 41 6.28 35.37 52.36
C TYR B 41 5.16 36.40 52.33
N ALA B 42 5.51 37.69 52.39
CA ALA B 42 4.51 38.73 52.18
C ALA B 42 3.99 38.70 50.75
N ALA B 43 4.91 38.56 49.78
CA ALA B 43 4.47 38.33 48.40
C ALA B 43 3.64 37.06 48.30
N MET B 44 3.95 36.03 49.09
CA MET B 44 3.13 34.83 49.08
C MET B 44 1.73 35.11 49.59
N THR B 45 1.61 35.95 50.63
CA THR B 45 0.28 36.33 51.12
C THR B 45 -0.52 37.02 50.04
N ASP B 46 0.08 38.04 49.41
CA ASP B 46 -0.62 38.74 48.32
C ASP B 46 -1.01 37.77 47.22
N LYS B 47 -0.08 36.89 46.83
CA LYS B 47 -0.35 35.95 45.75
C LYS B 47 -1.47 35.00 46.10
N LEU B 48 -1.53 34.56 47.37
CA LEU B 48 -2.57 33.62 47.76
C LEU B 48 -3.93 34.29 47.85
N VAL B 49 -3.98 35.57 48.23
CA VAL B 49 -5.24 36.29 48.14
C VAL B 49 -5.70 36.37 46.68
N GLU B 50 -4.77 36.73 45.78
CA GLU B 50 -5.08 36.69 44.35
C GLU B 50 -5.63 35.33 43.94
N PHE B 51 -4.92 34.26 44.34
CA PHE B 51 -5.25 32.91 43.89
C PHE B 51 -6.62 32.48 44.39
N THR B 52 -6.93 32.81 45.65
CA THR B 52 -8.26 32.54 46.17
C THR B 52 -9.31 33.26 45.33
N GLY B 53 -9.06 34.53 44.99
CA GLY B 53 -9.97 35.23 44.10
C GLY B 53 -10.14 34.55 42.75
N TRP B 54 -9.03 34.11 42.15
CA TRP B 54 -9.08 33.43 40.87
C TRP B 54 -9.91 32.15 40.94
N ALA B 55 -9.68 31.35 41.99
CA ALA B 55 -10.40 30.09 42.13
C ALA B 55 -11.89 30.34 42.31
N ARG B 56 -12.25 31.38 43.09
CA ARG B 56 -13.66 31.72 43.23
C ARG B 56 -14.26 32.14 41.90
N GLU B 57 -13.53 32.96 41.12
CA GLU B 57 -14.05 33.40 39.82
C GLU B 57 -14.24 32.23 38.86
N GLU B 58 -13.40 31.20 38.98
CA GLU B 58 -13.46 30.06 38.07
C GLU B 58 -14.50 29.02 38.48
N GLY B 59 -15.30 29.29 39.51
CA GLY B 59 -16.41 28.43 39.86
C GLY B 59 -16.11 27.30 40.83
N PHE B 60 -14.90 27.25 41.41
CA PHE B 60 -14.62 26.22 42.40
C PHE B 60 -15.41 26.49 43.68
N THR B 61 -15.95 25.43 44.27
CA THR B 61 -16.72 25.59 45.50
C THR B 61 -15.83 25.66 46.73
N THR B 62 -14.72 24.92 46.73
CA THR B 62 -13.75 24.96 47.82
C THR B 62 -12.35 25.05 47.24
N PHE B 63 -11.55 25.92 47.82
CA PHE B 63 -10.14 26.08 47.47
C PHE B 63 -9.30 25.59 48.63
N TYR B 64 -8.65 24.43 48.45
CA TYR B 64 -7.77 23.86 49.46
C TYR B 64 -6.36 24.38 49.27
N VAL B 65 -5.74 24.79 50.37
CA VAL B 65 -4.34 25.23 50.39
C VAL B 65 -3.63 24.39 51.43
N THR B 66 -2.60 23.67 51.01
CA THR B 66 -1.78 22.89 51.94
C THR B 66 -0.79 23.84 52.60
N VAL B 67 -1.02 24.14 53.88
CA VAL B 67 -0.20 25.13 54.58
C VAL B 67 1.14 24.56 54.98
N SER B 68 1.17 23.28 55.37
CA SER B 68 2.37 22.72 55.98
C SER B 68 2.24 21.22 56.08
N SER B 69 3.37 20.54 56.02
CA SER B 69 3.46 19.15 56.41
C SER B 69 3.90 19.06 57.86
N VAL B 70 3.81 17.86 58.44
CA VAL B 70 4.33 17.63 59.78
C VAL B 70 5.82 17.95 59.83
N ALA B 71 6.57 17.52 58.81
CA ALA B 71 8.01 17.77 58.78
C ALA B 71 8.35 19.24 58.77
N ASN B 72 7.48 20.08 58.16
CA ASN B 72 7.77 21.51 58.08
C ASN B 72 7.93 22.14 59.45
N TYR B 73 7.23 21.61 60.46
CA TYR B 73 7.32 22.17 61.80
C TYR B 73 8.61 21.80 62.51
N SER B 74 9.49 21.03 61.87
CA SER B 74 10.82 20.77 62.38
C SER B 74 11.85 21.78 61.90
N ARG B 75 11.44 22.74 61.08
CA ARG B 75 12.31 23.86 60.72
C ARG B 75 12.52 24.76 61.94
N SER B 76 13.41 25.75 61.79
CA SER B 76 13.68 26.67 62.88
C SER B 76 12.42 27.44 63.24
N GLU B 77 12.38 27.93 64.49
CA GLU B 77 11.18 28.62 64.98
C GLU B 77 10.90 29.90 64.19
N GLU B 78 11.96 30.60 63.75
CA GLU B 78 11.74 31.81 62.96
C GLU B 78 11.05 31.50 61.65
N GLN B 79 11.46 30.42 60.97
CA GLN B 79 10.87 30.09 59.69
C GLN B 79 9.41 29.66 59.85
N VAL B 80 9.12 28.85 60.87
CA VAL B 80 7.75 28.45 61.17
C VAL B 80 6.89 29.68 61.46
N THR B 81 7.42 30.62 62.25
CA THR B 81 6.67 31.83 62.58
C THR B 81 6.39 32.64 61.32
N THR B 82 7.39 32.81 60.46
CA THR B 82 7.21 33.58 59.23
C THR B 82 6.12 32.96 58.36
N ALA B 83 6.23 31.65 58.11
CA ALA B 83 5.29 30.99 57.21
C ALA B 83 3.87 30.99 57.79
N MET B 84 3.73 30.55 59.04
CA MET B 84 2.41 30.50 59.67
C MET B 84 1.78 31.88 59.73
N ASN B 85 2.58 32.91 59.98
CA ASN B 85 2.03 34.27 59.98
C ASN B 85 1.58 34.68 58.59
N ALA B 86 2.31 34.29 57.54
CA ALA B 86 1.91 34.67 56.19
C ALA B 86 0.56 34.04 55.82
N PHE B 87 0.42 32.73 56.07
CA PHE B 87 -0.85 32.07 55.76
C PHE B 87 -1.99 32.65 56.61
N THR B 88 -1.72 32.81 57.90
CA THR B 88 -2.74 33.38 58.78
C THR B 88 -3.15 34.77 58.29
N GLU B 89 -2.20 35.53 57.75
CA GLU B 89 -2.52 36.84 57.20
C GLU B 89 -3.45 36.70 55.99
N VAL B 90 -3.27 35.66 55.18
CA VAL B 90 -4.27 35.40 54.13
C VAL B 90 -5.66 35.31 54.75
N VAL B 91 -5.80 34.52 55.81
CA VAL B 91 -7.11 34.38 56.44
C VAL B 91 -7.58 35.72 57.02
N ARG B 92 -6.67 36.48 57.62
CA ARG B 92 -7.01 37.80 58.16
C ARG B 92 -7.60 38.70 57.09
N ARG B 93 -7.09 38.61 55.87
CA ARG B 93 -7.58 39.48 54.81
C ARG B 93 -8.87 38.96 54.18
N CYS B 94 -9.09 37.65 54.18
CA CYS B 94 -10.20 37.09 53.40
C CYS B 94 -11.39 36.62 54.22
N HIS B 95 -11.28 36.52 55.54
CA HIS B 95 -12.29 35.77 56.31
C HIS B 95 -13.67 36.43 56.24
N ASP B 96 -13.73 37.75 56.03
CA ASP B 96 -15.01 38.45 56.06
C ASP B 96 -15.88 38.14 54.85
N THR B 97 -15.29 37.74 53.72
CA THR B 97 -16.05 37.55 52.49
C THR B 97 -16.14 36.09 52.04
N LEU B 98 -15.65 35.15 52.83
CA LEU B 98 -15.75 33.75 52.45
C LEU B 98 -15.88 32.89 53.70
N ASN B 99 -16.25 31.63 53.48
CA ASN B 99 -16.25 30.65 54.55
C ASN B 99 -14.85 30.06 54.69
N PHE B 100 -14.31 30.09 55.91
CA PHE B 100 -13.00 29.55 56.19
C PHE B 100 -13.10 28.29 57.05
N ASN B 101 -12.25 27.31 56.76
CA ASN B 101 -12.17 26.09 57.56
C ASN B 101 -10.72 25.62 57.57
N TYR B 102 -10.41 24.69 58.49
CA TYR B 102 -9.07 24.14 58.56
C TYR B 102 -9.13 22.75 59.19
N SER B 103 -8.09 21.96 58.92
CA SER B 103 -7.99 20.60 59.44
C SER B 103 -6.54 20.15 59.34
N GLY B 104 -6.26 18.95 59.86
CA GLY B 104 -4.95 18.36 59.75
C GLY B 104 -4.48 17.81 61.08
N THR B 105 -3.17 17.65 61.21
CA THR B 105 -2.55 17.20 62.46
C THR B 105 -2.35 18.42 63.35
N LEU B 106 -3.43 18.80 64.03
CA LEU B 106 -3.44 20.05 64.79
C LEU B 106 -2.51 20.01 66.00
N GLU B 107 -2.13 18.83 66.48
CA GLU B 107 -1.30 18.75 67.68
C GLU B 107 0.11 19.28 67.45
N VAL B 108 0.58 19.34 66.21
CA VAL B 108 1.92 19.83 65.91
C VAL B 108 1.92 21.31 65.51
N VAL B 109 0.76 21.93 65.36
CA VAL B 109 0.71 23.35 65.02
C VAL B 109 0.88 24.17 66.29
N PRO B 110 1.76 25.17 66.30
CA PRO B 110 1.88 26.02 67.50
C PRO B 110 0.54 26.62 67.89
N GLU B 111 0.22 26.59 69.19
CA GLU B 111 -1.12 26.97 69.63
C GLU B 111 -1.46 28.41 69.28
N ARG B 112 -0.48 29.31 69.21
CA ARG B 112 -0.79 30.69 68.85
C ARG B 112 -1.58 30.73 67.55
N TRP B 113 -1.11 30.01 66.53
CA TRP B 113 -1.75 30.02 65.22
C TRP B 113 -3.06 29.25 65.24
N LEU B 114 -3.16 28.16 66.01
CA LEU B 114 -4.43 27.46 66.13
C LEU B 114 -5.50 28.34 66.75
N THR B 115 -5.13 29.12 67.77
CA THR B 115 -6.05 30.04 68.42
C THR B 115 -6.51 31.11 67.47
N GLU B 116 -5.57 31.77 66.80
CA GLU B 116 -5.95 32.85 65.89
C GLU B 116 -6.79 32.32 64.73
N LEU B 117 -6.37 31.19 64.15
CA LEU B 117 -7.12 30.61 63.04
C LEU B 117 -8.49 30.11 63.46
N GLU B 118 -8.61 29.60 64.68
CA GLU B 118 -9.92 29.21 65.19
C GLU B 118 -10.83 30.41 65.36
N ALA B 119 -10.31 31.50 65.95
CA ALA B 119 -11.10 32.70 66.08
C ALA B 119 -11.54 33.22 64.71
N LEU B 120 -10.63 33.19 63.73
CA LEU B 120 -10.96 33.67 62.40
C LEU B 120 -12.00 32.78 61.72
N ARG B 121 -11.90 31.46 61.93
CA ARG B 121 -12.87 30.55 61.34
C ARG B 121 -14.26 30.74 61.94
N ALA B 122 -14.33 30.95 63.26
CA ALA B 122 -15.62 31.22 63.89
C ALA B 122 -16.26 32.50 63.35
N LYS B 123 -15.44 33.47 62.97
CA LYS B 123 -15.90 34.77 62.45
C LYS B 123 -16.13 34.78 60.94
N SER B 124 -15.82 33.71 60.23
CA SER B 124 -15.85 33.77 58.77
C SER B 124 -17.29 33.73 58.26
N ASP B 125 -17.44 34.03 56.97
CA ASP B 125 -18.76 34.15 56.34
C ASP B 125 -19.28 32.75 56.02
N SER B 126 -20.03 32.20 56.96
CA SER B 126 -20.59 30.85 56.81
C SER B 126 -21.60 30.76 55.67
N GLN B 127 -22.13 31.89 55.21
CA GLN B 127 -23.10 31.87 54.12
C GLN B 127 -22.47 31.95 52.74
N SER B 128 -21.17 32.16 52.65
CA SER B 128 -20.52 32.21 51.35
C SER B 128 -20.62 30.85 50.69
N ASP B 129 -20.86 30.85 49.39
CA ASP B 129 -20.86 29.61 48.62
C ASP B 129 -19.45 29.17 48.22
N PHE B 130 -18.44 29.94 48.62
CA PHE B 130 -17.04 29.64 48.34
C PHE B 130 -16.31 29.44 49.67
N THR B 131 -15.50 28.40 49.74
CA THR B 131 -14.79 28.05 50.97
C THR B 131 -13.29 28.01 50.71
N LEU B 132 -12.55 28.67 51.58
CA LEU B 132 -11.11 28.52 51.69
C LEU B 132 -10.82 27.59 52.86
N HIS B 133 -10.05 26.53 52.59
CA HIS B 133 -9.80 25.47 53.59
C HIS B 133 -8.31 25.22 53.69
N PHE B 134 -7.72 25.49 54.86
CA PHE B 134 -6.32 25.22 55.12
C PHE B 134 -6.16 23.82 55.70
N ILE B 135 -5.20 23.06 55.19
CA ILE B 135 -4.81 21.80 55.81
C ILE B 135 -3.40 21.98 56.34
N MET B 136 -3.22 21.73 57.64
CA MET B 136 -1.96 21.97 58.32
C MET B 136 -1.44 20.67 58.91
N GLY B 137 -0.12 20.50 58.88
CA GLY B 137 0.48 19.27 59.37
C GLY B 137 0.04 18.06 58.59
N MET B 138 0.09 18.15 57.26
CA MET B 138 -0.31 17.03 56.41
C MET B 138 0.71 15.90 56.49
N SER B 139 0.19 14.67 56.56
CA SER B 139 0.97 13.44 56.60
C SER B 139 0.01 12.25 56.62
N LEU B 140 0.08 11.40 55.59
CA LEU B 140 -0.87 10.29 55.50
C LEU B 140 -0.78 9.37 56.70
N ALA B 141 0.44 9.13 57.22
CA ALA B 141 0.61 8.26 58.38
C ALA B 141 -0.10 8.83 59.60
N HIS B 142 0.10 10.12 59.90
CA HIS B 142 -0.55 10.74 61.05
C HIS B 142 -2.07 10.76 60.86
N GLU B 143 -2.53 10.98 59.63
CA GLU B 143 -3.96 11.01 59.35
C GLU B 143 -4.61 9.66 59.64
N VAL B 144 -4.04 8.58 59.07
CA VAL B 144 -4.55 7.24 59.29
C VAL B 144 -4.48 6.86 60.76
N ILE B 145 -3.36 7.19 61.42
CA ILE B 145 -3.21 6.85 62.84
C ILE B 145 -4.29 7.55 63.66
N GLY B 146 -4.54 8.83 63.38
CA GLY B 146 -5.58 9.54 64.11
C GLY B 146 -6.96 8.94 63.91
N ILE B 147 -7.29 8.58 62.66
CA ILE B 147 -8.59 7.97 62.39
C ILE B 147 -8.72 6.64 63.12
N PHE B 148 -7.69 5.80 63.03
CA PHE B 148 -7.72 4.52 63.74
C PHE B 148 -7.92 4.72 65.23
N ASN B 149 -7.09 5.57 65.86
CA ASN B 149 -7.20 5.77 67.29
C ASN B 149 -8.56 6.34 67.68
N LYS B 150 -9.18 7.12 66.78
CA LYS B 150 -10.53 7.61 67.06
C LYS B 150 -11.53 6.46 67.08
N PHE B 151 -11.48 5.58 66.08
CA PHE B 151 -12.50 4.55 65.95
C PHE B 151 -12.07 3.17 66.48
N ASN B 152 -10.86 3.06 67.02
CA ASN B 152 -10.35 1.78 67.50
C ASN B 152 -11.26 1.16 68.55
N GLY B 153 -11.80 -0.02 68.25
CA GLY B 153 -12.61 -0.77 69.19
C GLY B 153 -14.02 -0.26 69.39
N LYS B 154 -14.43 0.77 68.66
CA LYS B 154 -15.74 1.37 68.85
C LYS B 154 -16.73 1.09 67.72
N ILE B 155 -16.25 0.59 66.59
CA ILE B 155 -17.13 0.23 65.47
C ILE B 155 -16.78 -1.18 65.04
N PRO B 156 -17.72 -1.93 64.44
CA PRO B 156 -17.38 -3.29 63.99
C PRO B 156 -16.42 -3.31 62.81
N ALA B 157 -16.43 -2.29 61.96
CA ALA B 157 -15.57 -2.23 60.80
C ALA B 157 -15.52 -0.81 60.29
N LEU B 158 -14.42 -0.47 59.62
CA LEU B 158 -14.30 0.84 59.01
C LEU B 158 -14.96 0.84 57.64
N THR B 159 -15.78 1.86 57.38
CA THR B 159 -16.47 2.03 56.11
C THR B 159 -15.84 3.18 55.34
N GLU B 160 -16.10 3.20 54.02
CA GLU B 160 -15.62 4.32 53.21
C GLU B 160 -16.27 5.63 53.61
N GLU B 161 -17.51 5.57 54.11
CA GLU B 161 -18.21 6.76 54.56
C GLU B 161 -17.51 7.39 55.75
N LEU B 162 -17.19 6.59 56.76
CA LEU B 162 -16.54 7.13 57.95
C LEU B 162 -15.15 7.64 57.62
N LEU B 163 -14.41 6.88 56.83
CA LEU B 163 -13.08 7.33 56.40
C LEU B 163 -13.17 8.65 55.66
N ALA B 164 -14.10 8.75 54.70
CA ALA B 164 -14.26 9.99 53.96
C ALA B 164 -14.67 11.14 54.88
N ALA B 165 -15.50 10.85 55.88
CA ALA B 165 -15.96 11.88 56.81
C ALA B 165 -14.90 12.28 57.82
N ASN B 166 -13.81 11.52 57.96
CA ASN B 166 -12.78 11.85 58.93
C ASN B 166 -11.42 12.14 58.31
N ALA B 167 -11.31 12.18 56.98
CA ALA B 167 -10.06 12.55 56.34
C ALA B 167 -9.81 14.06 56.48
N TYR B 168 -8.53 14.43 56.39
CA TYR B 168 -8.15 15.85 56.48
C TYR B 168 -8.85 16.67 55.40
N VAL B 169 -8.85 16.17 54.17
CA VAL B 169 -9.59 16.79 53.07
C VAL B 169 -10.99 16.16 53.05
N PRO B 170 -12.04 16.91 53.36
CA PRO B 170 -13.36 16.29 53.59
C PRO B 170 -14.13 15.91 52.34
N GLU B 171 -13.57 16.11 51.15
CA GLU B 171 -14.27 15.81 49.91
C GLU B 171 -13.24 15.47 48.84
N PRO B 172 -13.64 14.80 47.76
CA PRO B 172 -12.70 14.53 46.67
C PRO B 172 -12.19 15.81 46.02
N VAL B 173 -10.90 15.83 45.72
CA VAL B 173 -10.27 16.95 45.05
C VAL B 173 -10.32 16.71 43.55
N ASP B 174 -10.82 17.69 42.81
CA ASP B 174 -10.87 17.62 41.35
C ASP B 174 -9.49 17.89 40.74
N PHE B 175 -8.93 19.07 41.00
CA PHE B 175 -7.66 19.45 40.41
C PHE B 175 -6.63 19.74 41.50
N LEU B 176 -5.38 19.37 41.24
CA LEU B 176 -4.28 19.63 42.15
C LEU B 176 -3.16 20.30 41.36
N ILE B 177 -2.68 21.43 41.85
CA ILE B 177 -1.67 22.23 41.17
C ILE B 177 -0.48 22.43 42.10
N ARG B 178 0.72 22.11 41.63
CA ARG B 178 1.93 22.39 42.38
C ARG B 178 2.90 23.21 41.54
N PRO B 179 3.00 24.51 41.78
CA PRO B 179 4.05 25.31 41.15
C PRO B 179 5.37 25.07 41.87
N GLY B 180 6.44 25.69 41.36
CA GLY B 180 7.74 25.62 41.98
C GLY B 180 8.71 24.60 41.43
N GLY B 181 8.28 23.78 40.46
CA GLY B 181 9.20 22.94 39.71
C GLY B 181 9.41 21.52 40.24
N HIS B 182 8.94 21.21 41.44
CA HIS B 182 9.15 19.87 41.99
C HIS B 182 7.94 18.98 41.68
N VAL B 183 8.22 17.82 41.08
CA VAL B 183 7.18 16.86 40.72
C VAL B 183 7.11 15.79 41.81
N ARG B 184 6.41 16.10 42.89
CA ARG B 184 6.27 15.23 44.06
C ARG B 184 5.19 15.82 44.95
N MET B 185 4.68 15.00 45.86
CA MET B 185 3.60 15.43 46.74
C MET B 185 4.08 15.95 48.08
N SER B 186 5.28 15.57 48.52
CA SER B 186 5.92 16.16 49.69
C SER B 186 5.02 16.12 50.93
N SER B 187 4.38 14.99 51.16
CA SER B 187 3.48 14.70 52.28
C SER B 187 2.10 15.34 52.12
N PHE B 188 1.74 15.86 50.94
CA PHE B 188 0.50 16.61 50.77
C PHE B 188 -0.55 15.87 49.94
N TYR B 189 -0.37 14.58 49.68
CA TYR B 189 -1.34 13.83 48.88
C TYR B 189 -2.68 13.72 49.60
N PRO B 190 -3.80 14.02 48.94
CA PRO B 190 -5.11 13.92 49.59
C PRO B 190 -5.58 12.47 49.60
N LEU B 191 -5.93 11.98 50.80
CA LEU B 191 -6.18 10.55 50.99
C LEU B 191 -7.30 10.04 50.09
N MET B 192 -8.44 10.72 50.07
CA MET B 192 -9.65 10.22 49.42
C MET B 192 -9.90 10.85 48.05
N SER B 193 -8.85 11.13 47.27
CA SER B 193 -9.01 11.71 45.94
C SER B 193 -8.34 10.79 44.91
N PRO B 194 -8.89 9.59 44.70
CA PRO B 194 -8.30 8.67 43.72
C PRO B 194 -8.34 9.18 42.29
N PHE B 195 -9.25 10.10 41.97
CA PHE B 195 -9.41 10.53 40.58
C PHE B 195 -8.98 11.98 40.37
N ALA B 196 -8.19 12.54 41.29
CA ALA B 196 -7.67 13.89 41.11
C ALA B 196 -6.68 13.94 39.96
N GLU B 197 -6.77 15.02 39.17
CA GLU B 197 -5.83 15.32 38.10
C GLU B 197 -4.74 16.25 38.63
N MET B 198 -3.48 15.96 38.31
CA MET B 198 -2.35 16.72 38.80
C MET B 198 -1.75 17.59 37.70
N TYR B 199 -1.28 18.78 38.08
CA TYR B 199 -0.62 19.73 37.19
C TYR B 199 0.58 20.32 37.90
N PHE B 200 1.76 20.19 37.30
CA PHE B 200 3.00 20.73 37.82
C PHE B 200 3.56 21.74 36.82
N CYS B 201 4.12 22.84 37.32
CA CYS B 201 4.74 23.83 36.46
C CYS B 201 5.96 24.42 37.16
N PRO B 202 7.00 24.80 36.40
CA PRO B 202 8.24 25.27 37.04
C PRO B 202 8.15 26.66 37.62
N THR B 203 7.17 27.48 37.23
CA THR B 203 7.07 28.82 37.75
C THR B 203 6.89 28.80 39.27
N LEU B 204 7.73 29.58 39.97
CA LEU B 204 7.53 29.77 41.40
C LEU B 204 6.18 30.41 41.68
N LEU B 205 5.61 30.09 42.84
CA LEU B 205 4.27 30.56 43.16
C LEU B 205 4.17 32.08 43.08
N ASN B 206 5.16 32.79 43.61
CA ASN B 206 5.10 34.25 43.63
C ASN B 206 5.21 34.86 42.24
N ASP B 207 5.59 34.08 41.23
CA ASP B 207 5.65 34.53 39.84
C ASP B 207 4.43 34.11 39.02
N MET B 208 3.50 33.38 39.61
CA MET B 208 2.33 32.90 38.88
C MET B 208 1.40 34.06 38.51
N THR B 209 1.03 34.12 37.23
CA THR B 209 0.08 35.11 36.74
C THR B 209 -1.31 34.48 36.59
N ARG B 210 -2.30 35.33 36.35
CA ARG B 210 -3.64 34.83 36.07
C ARG B 210 -3.65 33.98 34.81
N ALA B 211 -2.84 34.36 33.81
CA ALA B 211 -2.76 33.57 32.58
C ALA B 211 -2.13 32.21 32.84
N ASP B 212 -1.10 32.14 33.69
CA ASP B 212 -0.55 30.83 34.05
C ASP B 212 -1.61 29.94 34.67
N PHE B 213 -2.40 30.50 35.58
CA PHE B 213 -3.50 29.76 36.18
C PHE B 213 -4.51 29.32 35.12
N ASP B 214 -4.83 30.22 34.18
CA ASP B 214 -5.82 29.88 33.16
C ASP B 214 -5.35 28.75 32.26
N VAL B 215 -4.08 28.75 31.86
CA VAL B 215 -3.61 27.66 31.01
C VAL B 215 -3.45 26.37 31.82
N ALA B 216 -3.12 26.48 33.11
CA ALA B 216 -3.18 25.31 33.97
C ALA B 216 -4.57 24.71 33.97
N LEU B 217 -5.60 25.55 34.06
CA LEU B 217 -6.98 25.07 34.06
C LEU B 217 -7.38 24.52 32.70
N GLU B 218 -6.86 25.10 31.61
CA GLU B 218 -7.07 24.50 30.30
C GLU B 218 -6.53 23.08 30.26
N ASP B 219 -5.27 22.91 30.69
CA ASP B 219 -4.69 21.58 30.73
C ASP B 219 -5.53 20.62 31.57
N LEU B 220 -5.88 21.03 32.79
CA LEU B 220 -6.59 20.12 33.69
C LEU B 220 -7.98 19.79 33.16
N ARG B 221 -8.70 20.78 32.61
CA ARG B 221 -10.07 20.56 32.15
C ARG B 221 -10.14 19.81 30.83
N GLU B 222 -9.08 19.85 30.02
CA GLU B 222 -9.07 19.11 28.75
C GLU B 222 -8.91 17.61 28.97
N ARG B 223 -8.46 17.20 30.14
CA ARG B 223 -8.26 15.78 30.40
C ARG B 223 -9.63 15.10 30.51
N MET C 15 12.04 50.26 23.86
CA MET C 15 12.47 49.23 22.92
C MET C 15 11.30 48.73 22.06
N MET C 16 11.41 48.98 20.76
CA MET C 16 10.41 48.57 19.78
C MET C 16 10.51 47.08 19.45
N THR C 17 9.36 46.40 19.48
CA THR C 17 9.28 44.96 19.29
C THR C 17 8.15 44.59 18.33
N ASN C 18 8.40 43.54 17.54
CA ASN C 18 7.47 43.04 16.54
C ASN C 18 7.23 41.55 16.78
N LEU C 19 6.12 41.04 16.25
CA LEU C 19 5.70 39.66 16.47
C LEU C 19 5.31 39.01 15.16
N MET C 20 5.69 37.74 14.98
CA MET C 20 5.35 36.96 13.78
C MET C 20 4.63 35.69 14.20
N LEU C 21 3.50 35.42 13.54
CA LEU C 21 2.68 34.24 13.81
C LEU C 21 2.60 33.36 12.56
N LEU C 22 2.75 32.05 12.78
CA LEU C 22 2.64 31.01 11.75
C LEU C 22 1.35 30.22 11.94
N PRO C 23 0.26 30.57 11.26
CA PRO C 23 -1.03 29.91 11.52
C PRO C 23 -1.04 28.48 11.01
N ASP C 24 -1.40 27.54 11.89
CA ASP C 24 -1.31 26.13 11.54
C ASP C 24 -2.42 25.36 12.23
N GLY C 25 -2.87 24.29 11.59
CA GLY C 25 -3.81 23.37 12.19
C GLY C 25 -5.26 23.46 11.72
N MET C 26 -5.52 24.05 10.55
CA MET C 26 -6.91 24.25 10.16
C MET C 26 -7.59 22.93 9.80
N ARG C 27 -6.89 22.04 9.10
CA ARG C 27 -7.48 20.75 8.75
C ARG C 27 -7.74 19.89 9.99
N ARG C 28 -6.74 19.78 10.88
CA ARG C 28 -6.94 19.01 12.10
C ARG C 28 -8.08 19.57 12.93
N TRP C 29 -8.24 20.90 12.94
CA TRP C 29 -9.34 21.50 13.70
C TRP C 29 -10.67 21.22 13.04
N SER C 30 -10.72 21.22 11.70
CA SER C 30 -11.96 20.88 11.01
C SER C 30 -12.36 19.44 11.30
N GLN C 31 -11.40 18.52 11.31
CA GLN C 31 -11.71 17.14 11.64
C GLN C 31 -12.11 17.00 13.12
N LYS C 32 -11.42 17.71 14.01
CA LYS C 32 -11.72 17.57 15.43
C LYS C 32 -13.12 18.10 15.77
N GLN C 33 -13.49 19.23 15.16
CA GLN C 33 -14.80 19.84 15.38
C GLN C 33 -15.90 19.20 14.55
N GLY C 34 -15.55 18.37 13.58
CA GLY C 34 -16.54 17.77 12.70
C GLY C 34 -17.20 18.76 11.76
N ILE C 35 -16.44 19.72 11.24
CA ILE C 35 -16.97 20.76 10.38
C ILE C 35 -16.17 20.79 9.08
N SER C 36 -16.67 21.57 8.12
CA SER C 36 -16.00 21.71 6.85
C SER C 36 -14.72 22.52 6.99
N LEU C 37 -13.87 22.43 5.96
CA LEU C 37 -12.66 23.24 5.93
C LEU C 37 -13.01 24.73 5.88
N ASP C 38 -14.09 25.09 5.17
CA ASP C 38 -14.50 26.50 5.13
C ASP C 38 -14.84 27.03 6.51
N ASP C 39 -15.55 26.25 7.32
CA ASP C 39 -15.92 26.71 8.66
C ASP C 39 -14.69 26.82 9.55
N SER C 40 -13.74 25.89 9.40
CA SER C 40 -12.50 25.99 10.15
C SER C 40 -11.73 27.26 9.78
N TYR C 41 -11.73 27.63 8.49
CA TYR C 41 -11.03 28.85 8.09
C TYR C 41 -11.79 30.11 8.51
N ALA C 42 -13.12 30.05 8.60
CA ALA C 42 -13.86 31.17 9.16
C ALA C 42 -13.53 31.35 10.63
N ALA C 43 -13.45 30.24 11.38
CA ALA C 43 -12.95 30.31 12.74
C ALA C 43 -11.54 30.87 12.79
N MET C 44 -10.72 30.56 11.78
CA MET C 44 -9.37 31.14 11.70
C MET C 44 -9.43 32.64 11.48
N THR C 45 -10.37 33.12 10.66
CA THR C 45 -10.52 34.55 10.45
C THR C 45 -10.84 35.25 11.76
N ASP C 46 -11.84 34.76 12.49
CA ASP C 46 -12.15 35.35 13.79
C ASP C 46 -10.94 35.33 14.71
N LYS C 47 -10.26 34.19 14.78
CA LYS C 47 -9.12 34.06 15.69
C LYS C 47 -7.99 35.01 15.31
N LEU C 48 -7.76 35.21 14.02
CA LEU C 48 -6.69 36.10 13.58
C LEU C 48 -7.03 37.56 13.82
N VAL C 49 -8.31 37.92 13.74
CA VAL C 49 -8.72 39.28 14.14
C VAL C 49 -8.45 39.47 15.64
N GLU C 50 -8.88 38.50 16.46
CA GLU C 50 -8.55 38.53 17.88
C GLU C 50 -7.05 38.70 18.08
N PHE C 51 -6.25 37.89 17.40
CA PHE C 51 -4.81 37.87 17.62
C PHE C 51 -4.17 39.19 17.24
N THR C 52 -4.62 39.80 16.13
CA THR C 52 -4.14 41.12 15.77
C THR C 52 -4.45 42.12 16.87
N GLY C 53 -5.68 42.06 17.43
CA GLY C 53 -5.99 42.91 18.57
C GLY C 53 -5.06 42.69 19.75
N TRP C 54 -4.78 41.42 20.07
CA TRP C 54 -3.89 41.12 21.19
C TRP C 54 -2.50 41.70 20.95
N ALA C 55 -1.96 41.50 19.75
CA ALA C 55 -0.63 41.99 19.43
C ALA C 55 -0.56 43.51 19.52
N ARG C 56 -1.61 44.19 19.05
CA ARG C 56 -1.64 45.65 19.18
C ARG C 56 -1.67 46.07 20.64
N GLU C 57 -2.52 45.42 21.45
CA GLU C 57 -2.61 45.79 22.87
C GLU C 57 -1.30 45.55 23.59
N GLU C 58 -0.50 44.58 23.15
CA GLU C 58 0.76 44.25 23.80
C GLU C 58 1.93 45.13 23.35
N GLY C 59 1.66 46.14 22.53
CA GLY C 59 2.68 47.11 22.19
C GLY C 59 3.56 46.74 21.02
N PHE C 60 3.26 45.65 20.31
CA PHE C 60 4.04 45.30 19.14
C PHE C 60 3.81 46.30 18.02
N THR C 61 4.90 46.67 17.35
CA THR C 61 4.79 47.66 16.27
C THR C 61 4.30 47.03 14.98
N THR C 62 4.67 45.79 14.70
CA THR C 62 4.19 45.07 13.54
C THR C 62 3.84 43.64 13.92
N PHE C 63 2.70 43.17 13.41
CA PHE C 63 2.25 41.79 13.55
C PHE C 63 2.30 41.15 12.16
N TYR C 64 3.29 40.28 11.96
CA TYR C 64 3.47 39.53 10.72
C TYR C 64 2.70 38.23 10.79
N VAL C 65 2.02 37.90 9.71
CA VAL C 65 1.30 36.63 9.60
C VAL C 65 1.84 35.92 8.37
N THR C 66 2.38 34.73 8.55
CA THR C 66 2.83 33.95 7.41
C THR C 66 1.59 33.30 6.79
N VAL C 67 1.15 33.83 5.66
CA VAL C 67 -0.10 33.39 5.07
C VAL C 67 0.08 32.03 4.40
N SER C 68 1.23 31.82 3.76
CA SER C 68 1.37 30.66 2.90
C SER C 68 2.82 30.51 2.47
N SER C 69 3.20 29.26 2.18
CA SER C 69 4.43 29.00 1.45
C SER C 69 4.11 28.91 -0.04
N VAL C 70 5.16 28.89 -0.86
CA VAL C 70 4.98 28.69 -2.30
C VAL C 70 4.28 27.36 -2.57
N ALA C 71 4.68 26.30 -1.85
CA ALA C 71 4.09 24.98 -2.06
C ALA C 71 2.60 24.95 -1.76
N ASN C 72 2.13 25.79 -0.84
CA ASN C 72 0.71 25.80 -0.48
C ASN C 72 -0.16 26.12 -1.68
N TYR C 73 0.33 26.91 -2.64
CA TYR C 73 -0.44 27.26 -3.82
C TYR C 73 -0.51 26.13 -4.83
N SER C 74 0.11 24.99 -4.55
CA SER C 74 -0.10 23.79 -5.35
C SER C 74 -1.25 22.94 -4.84
N ARG C 75 -1.91 23.37 -3.76
CA ARG C 75 -3.12 22.69 -3.35
C ARG C 75 -4.24 22.93 -4.37
N SER C 76 -5.34 22.22 -4.16
CA SER C 76 -6.48 22.36 -5.05
C SER C 76 -6.98 23.79 -5.07
N GLU C 77 -7.64 24.15 -6.17
CA GLU C 77 -8.13 25.51 -6.34
C GLU C 77 -9.13 25.87 -5.23
N GLU C 78 -9.91 24.89 -4.77
CA GLU C 78 -10.88 25.15 -3.70
C GLU C 78 -10.18 25.48 -2.39
N GLN C 79 -9.11 24.75 -2.05
CA GLN C 79 -8.42 25.05 -0.80
C GLN C 79 -7.70 26.40 -0.88
N VAL C 80 -7.09 26.70 -2.04
CA VAL C 80 -6.45 27.99 -2.22
C VAL C 80 -7.46 29.12 -2.07
N THR C 81 -8.62 28.96 -2.70
CA THR C 81 -9.66 29.99 -2.62
C THR C 81 -10.18 30.16 -1.19
N THR C 82 -10.45 29.04 -0.51
CA THR C 82 -10.95 29.11 0.87
C THR C 82 -9.95 29.81 1.79
N ALA C 83 -8.68 29.40 1.72
CA ALA C 83 -7.68 29.96 2.62
C ALA C 83 -7.42 31.42 2.32
N MET C 84 -7.18 31.74 1.04
CA MET C 84 -6.93 33.13 0.66
C MET C 84 -8.12 34.02 1.00
N ASN C 85 -9.34 33.51 0.84
CA ASN C 85 -10.50 34.30 1.21
C ASN C 85 -10.56 34.55 2.71
N ALA C 86 -10.21 33.56 3.52
CA ALA C 86 -10.21 33.76 4.97
C ALA C 86 -9.17 34.81 5.40
N PHE C 87 -7.95 34.68 4.89
CA PHE C 87 -6.91 35.66 5.22
C PHE C 87 -7.30 37.05 4.72
N THR C 88 -7.79 37.15 3.48
CA THR C 88 -8.23 38.44 2.98
C THR C 88 -9.35 39.02 3.83
N GLU C 89 -10.24 38.16 4.34
CA GLU C 89 -11.34 38.63 5.19
C GLU C 89 -10.82 39.27 6.46
N VAL C 90 -9.72 38.75 7.01
CA VAL C 90 -9.07 39.44 8.13
C VAL C 90 -8.81 40.90 7.81
N VAL C 91 -8.19 41.15 6.65
CA VAL C 91 -7.85 42.51 6.24
C VAL C 91 -9.11 43.32 6.00
N ARG C 92 -10.14 42.71 5.40
CA ARG C 92 -11.41 43.41 5.21
C ARG C 92 -11.94 43.91 6.55
N ARG C 93 -11.77 43.13 7.62
CA ARG C 93 -12.34 43.55 8.89
C ARG C 93 -11.48 44.55 9.64
N CYS C 94 -10.15 44.50 9.51
CA CYS C 94 -9.30 45.32 10.37
C CYS C 94 -8.60 46.48 9.67
N HIS C 95 -8.67 46.55 8.33
CA HIS C 95 -7.76 47.41 7.57
C HIS C 95 -7.96 48.90 7.85
N ASP C 96 -9.17 49.32 8.23
CA ASP C 96 -9.44 50.75 8.37
C ASP C 96 -8.76 51.38 9.58
N THR C 97 -8.41 50.58 10.60
CA THR C 97 -7.87 51.11 11.85
C THR C 97 -6.39 50.80 12.05
N LEU C 98 -5.73 50.25 11.04
CA LEU C 98 -4.31 49.94 11.13
C LEU C 98 -3.69 50.11 9.76
N ASN C 99 -2.36 50.11 9.72
CA ASN C 99 -1.62 50.09 8.47
C ASN C 99 -1.47 48.64 8.01
N PHE C 100 -1.88 48.36 6.77
CA PHE C 100 -1.76 47.03 6.21
C PHE C 100 -0.73 47.04 5.09
N ASN C 101 0.08 45.98 5.03
CA ASN C 101 1.04 45.81 3.96
C ASN C 101 1.20 44.32 3.70
N TYR C 102 1.86 44.00 2.58
CA TYR C 102 2.08 42.60 2.22
C TYR C 102 3.32 42.50 1.35
N SER C 103 3.87 41.29 1.29
CA SER C 103 5.04 40.99 0.48
C SER C 103 5.13 39.48 0.29
N GLY C 104 6.12 39.04 -0.50
CA GLY C 104 6.39 37.64 -0.68
C GLY C 104 6.57 37.33 -2.15
N THR C 105 6.43 36.03 -2.47
CA THR C 105 6.52 35.56 -3.85
C THR C 105 5.15 35.74 -4.50
N LEU C 106 4.88 36.98 -4.93
CA LEU C 106 3.53 37.33 -5.38
C LEU C 106 3.16 36.67 -6.69
N GLU C 107 4.15 36.22 -7.48
CA GLU C 107 3.84 35.65 -8.79
C GLU C 107 3.10 34.33 -8.71
N VAL C 108 3.15 33.63 -7.57
CA VAL C 108 2.43 32.37 -7.44
C VAL C 108 1.05 32.54 -6.78
N VAL C 109 0.72 33.73 -6.32
CA VAL C 109 -0.59 33.98 -5.73
C VAL C 109 -1.58 34.32 -6.85
N PRO C 110 -2.77 33.74 -6.86
CA PRO C 110 -3.77 34.12 -7.87
C PRO C 110 -4.02 35.63 -7.85
N GLU C 111 -4.08 36.21 -9.05
CA GLU C 111 -4.10 37.67 -9.20
C GLU C 111 -5.28 38.32 -8.47
N ARG C 112 -6.43 37.64 -8.40
CA ARG C 112 -7.61 38.22 -7.74
C ARG C 112 -7.28 38.69 -6.33
N TRP C 113 -6.59 37.83 -5.55
CA TRP C 113 -6.30 38.19 -4.17
C TRP C 113 -5.28 39.30 -4.08
N LEU C 114 -4.32 39.34 -5.01
CA LEU C 114 -3.38 40.47 -5.04
C LEU C 114 -4.10 41.78 -5.33
N THR C 115 -5.09 41.74 -6.23
CA THR C 115 -5.86 42.94 -6.51
C THR C 115 -6.61 43.41 -5.28
N GLU C 116 -7.33 42.49 -4.62
CA GLU C 116 -8.12 42.88 -3.46
C GLU C 116 -7.22 43.36 -2.32
N LEU C 117 -6.12 42.64 -2.05
CA LEU C 117 -5.23 43.04 -0.97
C LEU C 117 -4.53 44.36 -1.27
N GLU C 118 -4.25 44.64 -2.55
CA GLU C 118 -3.68 45.94 -2.91
C GLU C 118 -4.69 47.06 -2.66
N ALA C 119 -5.95 46.86 -3.04
CA ALA C 119 -6.98 47.85 -2.73
C ALA C 119 -7.10 48.05 -1.23
N LEU C 120 -7.08 46.96 -0.47
CA LEU C 120 -7.19 47.07 0.99
C LEU C 120 -5.99 47.79 1.59
N ARG C 121 -4.80 47.58 1.04
CA ARG C 121 -3.63 48.31 1.53
C ARG C 121 -3.77 49.80 1.22
N ALA C 122 -4.26 50.13 0.02
CA ALA C 122 -4.49 51.52 -0.31
C ALA C 122 -5.53 52.15 0.61
N LYS C 123 -6.49 51.36 1.10
CA LYS C 123 -7.54 51.89 1.97
C LYS C 123 -7.15 51.89 3.44
N SER C 124 -6.00 51.33 3.79
CA SER C 124 -5.64 51.22 5.20
C SER C 124 -5.08 52.55 5.72
N ASP C 125 -4.98 52.63 7.04
CA ASP C 125 -4.52 53.85 7.72
C ASP C 125 -3.00 53.87 7.75
N SER C 126 -2.41 54.51 6.74
CA SER C 126 -0.96 54.63 6.67
C SER C 126 -0.39 55.43 7.83
N GLN C 127 -1.22 56.18 8.57
CA GLN C 127 -0.76 56.96 9.71
C GLN C 127 -0.77 56.18 11.01
N SER C 128 -1.27 54.95 10.99
CA SER C 128 -1.34 54.13 12.19
C SER C 128 0.04 53.75 12.70
N ASP C 129 0.19 53.70 14.02
CA ASP C 129 1.41 53.22 14.63
C ASP C 129 1.47 51.70 14.74
N PHE C 130 0.44 51.00 14.26
CA PHE C 130 0.43 49.54 14.27
C PHE C 130 0.24 49.03 12.84
N THR C 131 1.03 48.03 12.47
CA THR C 131 1.03 47.49 11.11
C THR C 131 0.71 46.00 11.15
N LEU C 132 -0.23 45.57 10.30
CA LEU C 132 -0.46 44.17 10.00
C LEU C 132 0.17 43.87 8.64
N HIS C 133 1.06 42.86 8.60
CA HIS C 133 1.82 42.57 7.40
C HIS C 133 1.69 41.10 7.04
N PHE C 134 1.08 40.82 5.89
CA PHE C 134 0.96 39.46 5.37
C PHE C 134 2.14 39.13 4.49
N ILE C 135 2.75 37.97 4.72
CA ILE C 135 3.76 37.43 3.82
C ILE C 135 3.19 36.19 3.16
N MET C 136 3.17 36.18 1.83
CA MET C 136 2.56 35.12 1.06
C MET C 136 3.62 34.47 0.17
N GLY C 137 3.51 33.15 0.02
CA GLY C 137 4.49 32.42 -0.76
C GLY C 137 5.88 32.49 -0.17
N MET C 138 6.00 32.23 1.13
CA MET C 138 7.31 32.22 1.76
C MET C 138 8.11 31.01 1.29
N SER C 139 9.38 31.23 1.00
CA SER C 139 10.34 30.21 0.58
C SER C 139 11.69 30.87 0.38
N LEU C 140 12.69 30.47 1.17
CA LEU C 140 13.99 31.13 1.10
C LEU C 140 14.62 30.97 -0.28
N ALA C 141 14.47 29.80 -0.90
CA ALA C 141 15.04 29.60 -2.23
C ALA C 141 14.43 30.57 -3.23
N HIS C 142 13.11 30.67 -3.25
CA HIS C 142 12.44 31.59 -4.17
C HIS C 142 12.78 33.04 -3.85
N GLU C 143 12.91 33.38 -2.57
CA GLU C 143 13.25 34.74 -2.18
C GLU C 143 14.64 35.12 -2.70
N VAL C 144 15.64 34.27 -2.44
CA VAL C 144 17.00 34.55 -2.87
C VAL C 144 17.10 34.59 -4.39
N ILE C 145 16.44 33.63 -5.06
CA ILE C 145 16.44 33.62 -6.51
C ILE C 145 15.81 34.89 -7.07
N GLY C 146 14.69 35.32 -6.50
CA GLY C 146 14.05 36.53 -6.94
C GLY C 146 14.92 37.77 -6.78
N ILE C 147 15.57 37.91 -5.62
CA ILE C 147 16.43 39.06 -5.41
C ILE C 147 17.60 39.05 -6.39
N PHE C 148 18.25 37.88 -6.55
CA PHE C 148 19.37 37.78 -7.48
C PHE C 148 18.94 38.16 -8.90
N ASN C 149 17.88 37.54 -9.40
CA ASN C 149 17.41 37.84 -10.75
C ASN C 149 16.98 39.29 -10.88
N LYS C 150 16.52 39.90 -9.79
CA LYS C 150 16.15 41.31 -9.83
C LYS C 150 17.38 42.19 -10.05
N PHE C 151 18.46 41.94 -9.32
CA PHE C 151 19.62 42.82 -9.39
C PHE C 151 20.74 42.28 -10.26
N ASN C 152 20.55 41.12 -10.89
CA ASN C 152 21.60 40.47 -11.68
C ASN C 152 22.08 41.38 -12.80
N GLY C 153 23.37 41.71 -12.77
CA GLY C 153 23.99 42.50 -13.81
C GLY C 153 23.68 43.98 -13.78
N LYS C 154 22.94 44.46 -12.78
CA LYS C 154 22.53 45.85 -12.72
C LYS C 154 23.20 46.65 -11.61
N ILE C 155 23.83 45.99 -10.65
CA ILE C 155 24.57 46.67 -9.59
C ILE C 155 25.95 46.03 -9.48
N PRO C 156 26.97 46.76 -9.00
CA PRO C 156 28.30 46.13 -8.86
C PRO C 156 28.37 45.09 -7.76
N ALA C 157 27.58 45.22 -6.69
CA ALA C 157 27.63 44.28 -5.59
C ALA C 157 26.38 44.43 -4.75
N LEU C 158 26.00 43.33 -4.10
CA LEU C 158 24.87 43.33 -3.18
C LEU C 158 25.36 43.75 -1.80
N THR C 159 24.67 44.72 -1.19
CA THR C 159 24.99 45.18 0.14
C THR C 159 23.93 44.70 1.13
N GLU C 160 24.28 44.74 2.42
CA GLU C 160 23.31 44.37 3.44
C GLU C 160 22.14 45.34 3.49
N GLU C 161 22.37 46.61 3.15
CA GLU C 161 21.29 47.59 3.12
C GLU C 161 20.29 47.25 2.02
N LEU C 162 20.78 46.95 0.81
CA LEU C 162 19.89 46.60 -0.30
C LEU C 162 19.19 45.27 -0.06
N LEU C 163 19.94 44.28 0.44
CA LEU C 163 19.33 43.00 0.77
C LEU C 163 18.20 43.20 1.78
N ALA C 164 18.46 43.97 2.84
CA ALA C 164 17.42 44.24 3.84
C ALA C 164 16.24 44.96 3.21
N ALA C 165 16.49 45.86 2.25
CA ALA C 165 15.41 46.57 1.60
C ALA C 165 14.63 45.71 0.61
N ASN C 166 15.14 44.55 0.23
CA ASN C 166 14.43 43.69 -0.71
C ASN C 166 14.01 42.33 -0.15
N ALA C 167 14.24 42.07 1.13
CA ALA C 167 13.76 40.82 1.73
C ALA C 167 12.25 40.88 1.92
N TYR C 168 11.62 39.71 1.96
CA TYR C 168 10.17 39.64 2.15
C TYR C 168 9.76 40.29 3.46
N VAL C 169 10.44 39.96 4.56
CA VAL C 169 10.20 40.57 5.86
C VAL C 169 11.13 41.77 5.99
N PRO C 170 10.59 42.99 6.12
CA PRO C 170 11.43 44.19 5.97
C PRO C 170 12.29 44.54 7.18
N GLU C 171 12.26 43.75 8.25
CA GLU C 171 13.03 44.05 9.45
C GLU C 171 13.32 42.74 10.16
N PRO C 172 14.32 42.71 11.04
CA PRO C 172 14.53 41.51 11.85
C PRO C 172 13.34 41.26 12.76
N VAL C 173 12.93 39.99 12.86
CA VAL C 173 11.79 39.59 13.67
C VAL C 173 12.27 39.30 15.09
N ASP C 174 11.59 39.89 16.08
CA ASP C 174 11.93 39.64 17.48
C ASP C 174 11.39 38.30 17.93
N PHE C 175 10.07 38.12 17.86
CA PHE C 175 9.38 36.96 18.38
C PHE C 175 8.63 36.26 17.26
N LEU C 176 8.66 34.94 17.30
CA LEU C 176 7.98 34.09 16.32
C LEU C 176 7.24 32.99 17.07
N ILE C 177 5.97 32.79 16.73
CA ILE C 177 5.12 31.81 17.40
C ILE C 177 4.56 30.85 16.37
N ARG C 178 4.73 29.55 16.62
CA ARG C 178 4.14 28.53 15.76
C ARG C 178 3.27 27.59 16.59
N PRO C 179 1.96 27.76 16.58
CA PRO C 179 1.07 26.78 17.20
C PRO C 179 0.95 25.55 16.32
N GLY C 180 0.22 24.55 16.82
CA GLY C 180 -0.06 23.37 16.04
C GLY C 180 0.82 22.17 16.30
N GLY C 181 1.81 22.28 17.19
CA GLY C 181 2.53 21.12 17.65
C GLY C 181 3.76 20.74 16.85
N HIS C 182 3.98 21.34 15.70
CA HIS C 182 5.13 20.98 14.87
C HIS C 182 6.32 21.86 15.24
N VAL C 183 7.44 21.22 15.57
CA VAL C 183 8.67 21.91 15.93
C VAL C 183 9.57 21.93 14.70
N ARG C 184 9.31 22.89 13.82
CA ARG C 184 10.04 23.08 12.57
C ARG C 184 9.61 24.43 12.01
N MET C 185 10.44 24.97 11.12
CA MET C 185 10.15 26.28 10.53
C MET C 185 9.54 26.19 9.14
N SER C 186 9.62 25.03 8.48
CA SER C 186 9.06 24.83 7.14
C SER C 186 9.71 25.86 6.22
N SER C 187 8.96 26.60 5.41
CA SER C 187 9.52 27.61 4.51
C SER C 187 9.46 29.02 5.10
N PHE C 188 9.26 29.15 6.41
CA PHE C 188 8.89 30.45 6.97
C PHE C 188 9.99 31.12 7.78
N TYR C 189 11.23 30.62 7.75
CA TYR C 189 12.26 31.29 8.52
C TYR C 189 12.57 32.63 7.86
N PRO C 190 12.58 33.73 8.62
CA PRO C 190 12.81 35.05 8.01
C PRO C 190 14.29 35.30 7.73
N LEU C 191 14.58 35.72 6.51
CA LEU C 191 15.95 35.80 6.03
C LEU C 191 16.82 36.68 6.92
N MET C 192 16.31 37.84 7.32
CA MET C 192 17.14 38.83 8.04
C MET C 192 16.88 38.82 9.54
N SER C 193 16.55 37.66 10.11
CA SER C 193 16.29 37.54 11.55
C SER C 193 17.16 36.42 12.13
N PRO C 194 18.48 36.60 12.18
CA PRO C 194 19.33 35.52 12.70
C PRO C 194 19.09 35.19 14.15
N PHE C 195 18.62 36.16 14.95
CA PHE C 195 18.44 35.98 16.39
C PHE C 195 16.97 36.08 16.80
N ALA C 196 16.05 35.79 15.89
CA ALA C 196 14.64 35.76 16.25
C ALA C 196 14.41 34.68 17.31
N GLU C 197 13.56 35.00 18.29
CA GLU C 197 13.21 34.04 19.32
C GLU C 197 12.01 33.23 18.85
N MET C 198 12.10 31.91 19.00
CA MET C 198 11.10 30.98 18.51
C MET C 198 10.32 30.38 19.67
N TYR C 199 9.02 30.21 19.49
CA TYR C 199 8.14 29.63 20.50
C TYR C 199 7.20 28.65 19.82
N PHE C 200 7.19 27.40 20.31
CA PHE C 200 6.32 26.35 19.80
C PHE C 200 5.37 25.89 20.90
N CYS C 201 4.12 25.64 20.52
CA CYS C 201 3.12 25.13 21.45
C CYS C 201 2.19 24.19 20.69
N PRO C 202 1.68 23.14 21.36
CA PRO C 202 0.86 22.15 20.65
C PRO C 202 -0.55 22.64 20.32
N THR C 203 -1.03 23.68 20.99
CA THR C 203 -2.39 24.17 20.73
C THR C 203 -2.58 24.57 19.28
N LEU C 204 -3.64 24.04 18.66
CA LEU C 204 -4.03 24.50 17.33
C LEU C 204 -4.38 25.97 17.40
N LEU C 205 -4.17 26.68 16.28
CA LEU C 205 -4.41 28.12 16.27
C LEU C 205 -5.84 28.45 16.65
N ASN C 206 -6.81 27.69 16.13
CA ASN C 206 -8.21 28.00 16.40
C ASN C 206 -8.60 27.73 17.85
N ASP C 207 -7.77 27.03 18.61
CA ASP C 207 -8.01 26.79 20.02
C ASP C 207 -7.21 27.75 20.91
N MET C 208 -6.39 28.61 20.34
CA MET C 208 -5.57 29.52 21.13
C MET C 208 -6.43 30.55 21.86
N THR C 209 -6.21 30.68 23.16
CA THR C 209 -6.87 31.70 23.97
C THR C 209 -5.92 32.86 24.22
N ARG C 210 -6.48 33.94 24.76
CA ARG C 210 -5.67 35.07 25.20
C ARG C 210 -4.65 34.65 26.25
N ALA C 211 -5.01 33.70 27.12
CA ALA C 211 -4.08 33.21 28.13
C ALA C 211 -2.92 32.45 27.51
N ASP C 212 -3.20 31.65 26.47
CA ASP C 212 -2.12 30.98 25.75
C ASP C 212 -1.15 31.99 25.14
N PHE C 213 -1.69 33.03 24.52
CA PHE C 213 -0.85 34.09 23.97
C PHE C 213 -0.02 34.74 25.07
N ASP C 214 -0.64 35.00 26.22
CA ASP C 214 0.05 35.68 27.31
C ASP C 214 1.20 34.84 27.84
N VAL C 215 1.01 33.52 28.00
CA VAL C 215 2.11 32.70 28.50
C VAL C 215 3.19 32.52 27.44
N ALA C 216 2.80 32.51 26.16
CA ALA C 216 3.80 32.58 25.11
C ALA C 216 4.65 33.84 25.23
N LEU C 217 4.03 34.99 25.50
CA LEU C 217 4.78 36.23 25.65
C LEU C 217 5.61 36.22 26.93
N GLU C 218 5.12 35.58 27.99
CA GLU C 218 5.96 35.41 29.16
C GLU C 218 7.23 34.65 28.79
N ASP C 219 7.07 33.51 28.12
CA ASP C 219 8.21 32.71 27.66
C ASP C 219 9.17 33.54 26.81
N LEU C 220 8.64 34.24 25.81
CA LEU C 220 9.51 34.96 24.89
C LEU C 220 10.24 36.10 25.59
N ARG C 221 9.55 36.82 26.48
CA ARG C 221 10.14 37.99 27.13
C ARG C 221 11.11 37.62 28.25
N GLU C 222 11.00 36.44 28.87
CA GLU C 222 11.97 36.08 29.92
C GLU C 222 13.33 35.72 29.34
N ARG C 223 13.41 35.42 28.05
CA ARG C 223 14.66 34.96 27.47
C ARG C 223 15.71 36.05 27.43
N ASP C 224 16.96 35.67 27.70
CA ASP C 224 18.10 36.57 27.59
C ASP C 224 18.64 36.49 26.16
N ARG C 225 18.52 37.60 25.43
CA ARG C 225 19.01 37.68 24.06
C ARG C 225 20.45 38.18 24.09
N ARG C 226 21.36 37.42 23.49
CA ARG C 226 22.78 37.74 23.54
C ARG C 226 23.38 38.04 22.17
N TYR C 227 22.72 37.68 21.08
CA TYR C 227 23.13 38.04 19.72
C TYR C 227 24.54 37.56 19.39
N GLY C 228 24.92 36.38 19.92
CA GLY C 228 26.22 35.80 19.65
C GLY C 228 27.36 36.32 20.49
N LEU C 229 27.09 37.23 21.44
CA LEU C 229 28.11 37.81 22.29
C LEU C 229 27.92 37.33 23.73
N TYR C 230 28.83 37.77 24.61
CA TYR C 230 28.79 37.43 26.03
C TYR C 230 28.25 38.62 26.83
N PRO C 231 27.61 38.34 27.98
CA PRO C 231 27.04 39.43 28.78
C PRO C 231 28.11 40.31 29.38
N VAL C 232 27.76 41.59 29.56
CA VAL C 232 28.66 42.56 30.17
C VAL C 232 28.08 43.04 31.49
N MET D 16 20.29 7.44 3.12
CA MET D 16 21.06 8.61 3.49
C MET D 16 20.32 9.50 4.48
N THR D 17 20.97 9.82 5.60
CA THR D 17 20.40 10.66 6.65
C THR D 17 21.48 11.60 7.17
N ASN D 18 21.10 12.83 7.48
CA ASN D 18 22.05 13.78 8.00
C ASN D 18 21.53 14.45 9.28
N LEU D 19 22.49 14.88 10.08
CA LEU D 19 22.24 15.47 11.39
C LEU D 19 23.08 16.73 11.52
N MET D 20 22.49 17.78 12.08
CA MET D 20 23.17 19.04 12.31
C MET D 20 23.03 19.38 13.78
N LEU D 21 24.15 19.70 14.42
CA LEU D 21 24.20 20.01 15.84
C LEU D 21 24.65 21.46 16.01
N LEU D 22 23.94 22.19 16.87
CA LEU D 22 24.26 23.56 17.26
C LEU D 22 24.79 23.53 18.69
N PRO D 23 26.10 23.40 18.89
CA PRO D 23 26.62 23.27 20.26
C PRO D 23 26.53 24.58 21.03
N ASP D 24 26.00 24.51 22.25
CA ASP D 24 25.75 25.70 23.04
C ASP D 24 25.90 25.39 24.52
N GLY D 25 26.27 26.41 25.30
CA GLY D 25 26.30 26.34 26.75
C GLY D 25 27.66 26.21 27.39
N MET D 26 28.75 26.55 26.69
CA MET D 26 30.09 26.33 27.24
C MET D 26 30.42 27.29 28.38
N ARG D 27 30.02 28.56 28.25
CA ARG D 27 30.25 29.52 29.32
C ARG D 27 29.44 29.15 30.56
N ARG D 28 28.16 28.86 30.39
CA ARG D 28 27.34 28.44 31.52
C ARG D 28 27.87 27.16 32.15
N TRP D 29 28.46 26.26 31.35
CA TRP D 29 29.03 25.03 31.91
C TRP D 29 30.31 25.33 32.70
N SER D 30 31.13 26.26 32.22
CA SER D 30 32.31 26.66 32.98
C SER D 30 31.90 27.27 34.32
N GLN D 31 30.85 28.09 34.32
CA GLN D 31 30.37 28.64 35.58
C GLN D 31 29.76 27.55 36.46
N LYS D 32 29.07 26.60 35.84
CA LYS D 32 28.38 25.56 36.59
C LYS D 32 29.37 24.62 37.28
N GLN D 33 30.46 24.24 36.58
CA GLN D 33 31.49 23.37 37.12
C GLN D 33 32.54 24.13 37.94
N GLY D 34 32.54 25.46 37.89
CA GLY D 34 33.56 26.24 38.56
C GLY D 34 34.94 26.11 37.93
N ILE D 35 35.00 26.06 36.60
CA ILE D 35 36.25 25.91 35.88
C ILE D 35 36.37 27.05 34.87
N SER D 36 37.55 27.15 34.27
CA SER D 36 37.80 28.19 33.29
C SER D 36 37.04 27.91 32.00
N LEU D 37 36.92 28.96 31.17
CA LEU D 37 36.31 28.79 29.86
C LEU D 37 37.11 27.80 29.01
N ASP D 38 38.44 27.84 29.13
CA ASP D 38 39.29 26.93 28.36
C ASP D 38 38.96 25.47 28.71
N ASP D 39 38.80 25.17 30.00
CA ASP D 39 38.50 23.80 30.40
C ASP D 39 37.10 23.38 29.97
N SER D 40 36.14 24.31 30.02
CA SER D 40 34.80 24.00 29.51
C SER D 40 34.86 23.67 28.02
N TYR D 41 35.69 24.39 27.27
CA TYR D 41 35.81 24.11 25.85
C TYR D 41 36.62 22.84 25.58
N ALA D 42 37.53 22.47 26.48
CA ALA D 42 38.20 21.17 26.37
C ALA D 42 37.18 20.05 26.55
N ALA D 43 36.31 20.20 27.56
CA ALA D 43 35.19 19.27 27.71
C ALA D 43 34.29 19.29 26.48
N MET D 44 34.15 20.44 25.83
CA MET D 44 33.37 20.49 24.59
C MET D 44 34.04 19.68 23.49
N THR D 45 35.37 19.74 23.41
CA THR D 45 36.10 18.94 22.43
C THR D 45 35.85 17.45 22.66
N ASP D 46 36.03 16.99 23.90
CA ASP D 46 35.77 15.59 24.22
C ASP D 46 34.33 15.21 23.88
N LYS D 47 33.37 16.06 24.26
CA LYS D 47 31.97 15.76 24.04
C LYS D 47 31.67 15.68 22.55
N LEU D 48 32.30 16.52 21.74
CA LEU D 48 32.05 16.51 20.30
C LEU D 48 32.69 15.29 19.64
N VAL D 49 33.82 14.81 20.15
CA VAL D 49 34.36 13.53 19.67
C VAL D 49 33.37 12.40 19.96
N GLU D 50 32.88 12.34 21.21
CA GLU D 50 31.82 11.41 21.56
C GLU D 50 30.64 11.52 20.60
N PHE D 51 30.19 12.76 20.34
CA PHE D 51 28.99 13.00 19.54
C PHE D 51 29.18 12.54 18.10
N THR D 52 30.37 12.78 17.55
CA THR D 52 30.69 12.28 16.23
C THR D 52 30.62 10.77 16.19
N GLY D 53 31.15 10.11 17.23
CA GLY D 53 30.99 8.66 17.32
C GLY D 53 29.54 8.22 17.36
N TRP D 54 28.72 8.89 18.17
CA TRP D 54 27.31 8.53 18.27
C TRP D 54 26.60 8.69 16.93
N ALA D 55 26.84 9.80 16.24
CA ALA D 55 26.20 10.04 14.95
C ALA D 55 26.62 8.99 13.93
N ARG D 56 27.90 8.63 13.92
CA ARG D 56 28.35 7.58 13.01
C ARG D 56 27.67 6.26 13.32
N GLU D 57 27.58 5.90 14.60
CA GLU D 57 26.93 4.63 14.96
C GLU D 57 25.46 4.61 14.58
N GLU D 58 24.81 5.77 14.56
CA GLU D 58 23.38 5.82 14.27
C GLU D 58 23.07 5.83 12.78
N GLY D 59 24.08 5.67 11.92
CA GLY D 59 23.85 5.53 10.50
C GLY D 59 23.76 6.80 9.71
N PHE D 60 24.02 7.95 10.32
CA PHE D 60 24.03 9.20 9.57
C PHE D 60 25.23 9.24 8.63
N THR D 61 25.00 9.72 7.41
CA THR D 61 26.09 9.80 6.43
C THR D 61 26.94 11.04 6.64
N THR D 62 26.34 12.14 7.06
CA THR D 62 27.06 13.38 7.29
C THR D 62 26.61 13.99 8.60
N PHE D 63 27.58 14.43 9.41
CA PHE D 63 27.33 15.10 10.68
C PHE D 63 27.80 16.54 10.55
N TYR D 64 26.84 17.47 10.47
CA TYR D 64 27.13 18.90 10.39
C TYR D 64 27.23 19.50 11.78
N VAL D 65 28.27 20.31 12.00
CA VAL D 65 28.47 21.02 13.25
C VAL D 65 28.67 22.50 12.92
N THR D 66 27.81 23.35 13.47
CA THR D 66 27.92 24.79 13.30
C THR D 66 28.99 25.33 14.26
N VAL D 67 30.13 25.74 13.71
CA VAL D 67 31.27 26.18 14.53
C VAL D 67 31.08 27.59 15.05
N SER D 68 30.53 28.48 14.24
CA SER D 68 30.51 29.89 14.60
C SER D 68 29.60 30.65 13.64
N SER D 69 28.99 31.71 14.16
CA SER D 69 28.35 32.70 13.33
C SER D 69 29.33 33.84 13.05
N VAL D 70 28.96 34.71 12.10
CA VAL D 70 29.74 35.92 11.88
C VAL D 70 29.80 36.73 13.16
N ALA D 71 28.66 36.83 13.87
CA ALA D 71 28.60 37.60 15.12
C ALA D 71 29.54 37.04 16.17
N ASN D 72 29.76 35.72 16.19
CA ASN D 72 30.63 35.12 17.20
C ASN D 72 32.05 35.69 17.13
N TYR D 73 32.50 36.08 15.94
CA TYR D 73 33.85 36.63 15.82
C TYR D 73 33.97 38.07 16.32
N SER D 74 32.88 38.65 16.84
CA SER D 74 32.95 39.91 17.55
C SER D 74 33.15 39.71 19.05
N ARG D 75 33.24 38.47 19.52
CA ARG D 75 33.67 38.24 20.89
C ARG D 75 35.14 38.62 21.03
N SER D 76 35.63 38.59 22.27
CA SER D 76 37.02 38.93 22.52
C SER D 76 37.94 37.97 21.77
N GLU D 77 39.16 38.44 21.51
CA GLU D 77 40.14 37.63 20.78
C GLU D 77 40.48 36.35 21.51
N GLU D 78 40.53 36.40 22.85
CA GLU D 78 40.82 35.20 23.62
C GLU D 78 39.71 34.16 23.49
N GLN D 79 38.46 34.60 23.52
CA GLN D 79 37.33 33.67 23.42
C GLN D 79 37.27 33.03 22.03
N VAL D 80 37.52 33.82 20.99
CA VAL D 80 37.60 33.27 19.64
C VAL D 80 38.72 32.24 19.56
N THR D 81 39.87 32.54 20.18
CA THR D 81 40.99 31.59 20.15
C THR D 81 40.62 30.29 20.85
N THR D 82 40.01 30.39 22.04
CA THR D 82 39.62 29.19 22.79
C THR D 82 38.65 28.33 21.97
N ALA D 83 37.59 28.94 21.44
CA ALA D 83 36.57 28.17 20.74
C ALA D 83 37.10 27.56 19.45
N MET D 84 37.75 28.36 18.61
CA MET D 84 38.29 27.84 17.37
C MET D 84 39.30 26.73 17.64
N ASN D 85 40.10 26.86 18.71
CA ASN D 85 41.05 25.82 19.06
C ASN D 85 40.35 24.53 19.48
N ALA D 86 39.24 24.65 20.22
CA ALA D 86 38.52 23.45 20.65
C ALA D 86 37.93 22.69 19.46
N PHE D 87 37.27 23.41 18.55
CA PHE D 87 36.72 22.74 17.35
C PHE D 87 37.84 22.13 16.50
N THR D 88 38.89 22.91 16.27
CA THR D 88 40.02 22.41 15.49
C THR D 88 40.62 21.17 16.14
N GLU D 89 40.65 21.13 17.47
CA GLU D 89 41.16 19.95 18.16
C GLU D 89 40.27 18.73 17.90
N VAL D 90 38.94 18.94 17.83
CA VAL D 90 38.07 17.84 17.40
C VAL D 90 38.55 17.28 16.06
N VAL D 91 38.82 18.16 15.10
CA VAL D 91 39.28 17.66 13.80
C VAL D 91 40.65 16.99 13.93
N ARG D 92 41.56 17.54 14.73
CA ARG D 92 42.86 16.93 14.94
C ARG D 92 42.72 15.49 15.43
N ARG D 93 41.73 15.24 16.28
CA ARG D 93 41.55 13.91 16.83
C ARG D 93 40.82 12.97 15.88
N CYS D 94 39.96 13.48 15.01
CA CYS D 94 39.13 12.59 14.22
C CYS D 94 39.52 12.45 12.75
N HIS D 95 40.41 13.29 12.22
CA HIS D 95 40.55 13.36 10.76
C HIS D 95 41.06 12.06 10.16
N ASP D 96 41.82 11.26 10.93
CA ASP D 96 42.40 10.05 10.37
C ASP D 96 41.35 8.97 10.09
N THR D 97 40.22 9.00 10.77
CA THR D 97 39.20 7.95 10.64
C THR D 97 37.92 8.41 9.97
N LEU D 98 37.85 9.65 9.50
CA LEU D 98 36.64 10.12 8.82
C LEU D 98 37.01 11.12 7.75
N ASN D 99 36.03 11.41 6.89
CA ASN D 99 36.14 12.45 5.89
C ASN D 99 35.75 13.79 6.52
N PHE D 100 36.61 14.78 6.38
CA PHE D 100 36.35 16.11 6.93
C PHE D 100 36.13 17.12 5.80
N ASN D 101 35.19 18.03 6.01
CA ASN D 101 34.96 19.13 5.09
C ASN D 101 34.51 20.34 5.90
N TYR D 102 34.53 21.50 5.26
CA TYR D 102 34.09 22.73 5.92
C TYR D 102 33.64 23.74 4.86
N SER D 103 32.86 24.73 5.31
CA SER D 103 32.36 25.78 4.43
C SER D 103 31.88 26.95 5.29
N GLY D 104 31.47 28.03 4.63
CA GLY D 104 30.88 29.17 5.29
C GLY D 104 31.48 30.48 4.83
N THR D 105 31.28 31.52 5.64
CA THR D 105 31.86 32.85 5.39
C THR D 105 33.30 32.83 5.90
N LEU D 106 34.20 32.27 5.07
CA LEU D 106 35.56 32.03 5.52
C LEU D 106 36.36 33.31 5.74
N GLU D 107 35.91 34.44 5.19
CA GLU D 107 36.67 35.67 5.29
C GLU D 107 36.74 36.20 6.72
N VAL D 108 35.83 35.78 7.61
CA VAL D 108 35.86 36.23 8.99
C VAL D 108 36.60 35.28 9.91
N VAL D 109 37.03 34.12 9.42
CA VAL D 109 37.79 33.18 10.24
C VAL D 109 39.26 33.59 10.23
N PRO D 110 39.91 33.68 11.39
CA PRO D 110 41.34 33.98 11.42
C PRO D 110 42.15 33.01 10.57
N GLU D 111 43.14 33.54 9.86
CA GLU D 111 43.89 32.75 8.88
C GLU D 111 44.52 31.51 9.49
N ARG D 112 44.96 31.58 10.75
CA ARG D 112 45.56 30.44 11.43
C ARG D 112 44.65 29.22 11.36
N TRP D 113 43.38 29.40 11.75
CA TRP D 113 42.45 28.28 11.80
C TRP D 113 42.04 27.81 10.41
N LEU D 114 41.91 28.74 9.44
CA LEU D 114 41.62 28.32 8.07
C LEU D 114 42.76 27.48 7.50
N THR D 115 44.00 27.86 7.78
CA THR D 115 45.15 27.09 7.30
C THR D 115 45.15 25.70 7.91
N GLU D 116 45.03 25.61 9.23
CA GLU D 116 45.08 24.30 9.87
C GLU D 116 43.90 23.43 9.44
N LEU D 117 42.70 24.00 9.36
CA LEU D 117 41.54 23.21 8.95
C LEU D 117 41.64 22.76 7.51
N GLU D 118 42.24 23.57 6.64
CA GLU D 118 42.44 23.14 5.26
C GLU D 118 43.43 21.98 5.18
N ALA D 119 44.55 22.08 5.91
CA ALA D 119 45.49 20.96 5.94
C ALA D 119 44.83 19.69 6.47
N LEU D 120 44.02 19.82 7.53
CA LEU D 120 43.35 18.66 8.10
C LEU D 120 42.34 18.08 7.12
N ARG D 121 41.64 18.93 6.36
CA ARG D 121 40.71 18.41 5.36
C ARG D 121 41.47 17.64 4.28
N ALA D 122 42.61 18.18 3.84
CA ALA D 122 43.42 17.47 2.85
C ALA D 122 43.95 16.15 3.40
N LYS D 123 44.22 16.07 4.70
CA LYS D 123 44.75 14.86 5.32
C LYS D 123 43.67 13.87 5.77
N SER D 124 42.39 14.21 5.62
CA SER D 124 41.35 13.37 6.19
C SER D 124 41.14 12.12 5.34
N ASP D 125 40.36 11.19 5.87
CA ASP D 125 40.08 9.92 5.20
C ASP D 125 38.99 10.15 4.17
N SER D 126 39.40 10.44 2.94
CA SER D 126 38.46 10.66 1.84
C SER D 126 37.68 9.41 1.47
N GLN D 127 38.14 8.23 1.90
CA GLN D 127 37.48 6.98 1.55
C GLN D 127 36.38 6.60 2.55
N SER D 128 36.28 7.31 3.67
CA SER D 128 35.27 7.03 4.67
C SER D 128 33.88 7.36 4.16
N ASP D 129 32.90 6.53 4.53
CA ASP D 129 31.50 6.78 4.21
C ASP D 129 30.82 7.72 5.21
N PHE D 130 31.55 8.22 6.21
CA PHE D 130 31.01 9.14 7.19
C PHE D 130 31.80 10.45 7.12
N THR D 131 31.08 11.57 7.14
CA THR D 131 31.68 12.88 6.96
C THR D 131 31.37 13.77 8.15
N LEU D 132 32.40 14.42 8.68
CA LEU D 132 32.26 15.50 9.64
C LEU D 132 32.43 16.82 8.89
N HIS D 133 31.44 17.71 8.99
CA HIS D 133 31.41 18.94 8.22
C HIS D 133 31.18 20.12 9.15
N PHE D 134 32.17 21.00 9.22
CA PHE D 134 32.09 22.24 9.99
C PHE D 134 31.55 23.36 9.13
N ILE D 135 30.61 24.14 9.67
CA ILE D 135 30.17 25.37 9.05
C ILE D 135 30.59 26.52 9.96
N MET D 136 31.35 27.46 9.41
CA MET D 136 31.92 28.58 10.15
C MET D 136 31.44 29.89 9.58
N GLY D 137 31.26 30.88 10.45
CA GLY D 137 30.79 32.19 10.04
C GLY D 137 29.44 32.14 9.40
N MET D 138 28.50 31.42 10.02
CA MET D 138 27.17 31.29 9.46
C MET D 138 26.41 32.60 9.55
N SER D 139 25.69 32.92 8.47
CA SER D 139 24.86 34.11 8.37
C SER D 139 24.16 34.09 7.02
N LEU D 140 22.83 34.02 7.02
CA LEU D 140 22.10 33.94 5.75
C LEU D 140 22.37 35.15 4.88
N ALA D 141 22.47 36.33 5.50
CA ALA D 141 22.75 37.56 4.77
C ALA D 141 24.09 37.49 4.06
N HIS D 142 25.15 37.10 4.79
CA HIS D 142 26.47 36.97 4.20
C HIS D 142 26.52 35.86 3.16
N GLU D 143 25.78 34.78 3.40
CA GLU D 143 25.76 33.66 2.45
C GLU D 143 25.17 34.12 1.11
N VAL D 144 24.00 34.74 1.17
CA VAL D 144 23.34 35.24 -0.04
C VAL D 144 24.19 36.30 -0.73
N ILE D 145 24.73 37.24 0.04
CA ILE D 145 25.56 38.29 -0.54
C ILE D 145 26.77 37.70 -1.25
N GLY D 146 27.41 36.70 -0.64
CA GLY D 146 28.53 36.05 -1.29
C GLY D 146 28.15 35.38 -2.59
N ILE D 147 27.02 34.66 -2.59
CA ILE D 147 26.57 33.97 -3.81
C ILE D 147 26.28 34.99 -4.91
N PHE D 148 25.57 36.07 -4.57
CA PHE D 148 25.28 37.10 -5.57
C PHE D 148 26.57 37.70 -6.14
N ASN D 149 27.47 38.16 -5.27
CA ASN D 149 28.70 38.78 -5.75
C ASN D 149 29.52 37.82 -6.59
N LYS D 150 29.45 36.52 -6.28
CA LYS D 150 30.15 35.53 -7.10
C LYS D 150 29.54 35.41 -8.50
N PHE D 151 28.22 35.30 -8.58
CA PHE D 151 27.58 35.02 -9.86
C PHE D 151 27.00 36.23 -10.57
N ASN D 152 27.12 37.43 -9.99
CA ASN D 152 26.53 38.64 -10.58
C ASN D 152 27.05 38.88 -11.99
N GLY D 153 26.13 38.91 -12.95
CA GLY D 153 26.45 39.23 -14.33
C GLY D 153 27.10 38.12 -15.11
N LYS D 154 27.29 36.95 -14.52
CA LYS D 154 27.99 35.84 -15.16
C LYS D 154 27.07 34.68 -15.54
N ILE D 155 25.84 34.67 -15.06
CA ILE D 155 24.83 33.67 -15.45
C ILE D 155 23.57 34.43 -15.83
N PRO D 156 22.72 33.87 -16.69
CA PRO D 156 21.48 34.59 -17.03
C PRO D 156 20.49 34.64 -15.87
N ALA D 157 20.51 33.66 -14.97
CA ALA D 157 19.57 33.64 -13.85
C ALA D 157 20.07 32.66 -12.80
N LEU D 158 19.69 32.90 -11.55
CA LEU D 158 19.99 31.97 -10.49
C LEU D 158 18.92 30.90 -10.47
N THR D 159 19.34 29.64 -10.46
CA THR D 159 18.45 28.49 -10.41
C THR D 159 18.57 27.85 -9.03
N GLU D 160 17.58 27.00 -8.70
CA GLU D 160 17.66 26.26 -7.44
C GLU D 160 18.84 25.31 -7.43
N GLU D 161 19.25 24.80 -8.60
CA GLU D 161 20.40 23.90 -8.66
C GLU D 161 21.68 24.66 -8.30
N LEU D 162 21.87 25.85 -8.86
CA LEU D 162 23.07 26.64 -8.56
C LEU D 162 23.08 27.09 -7.10
N LEU D 163 21.94 27.57 -6.60
CA LEU D 163 21.84 27.95 -5.21
C LEU D 163 22.18 26.77 -4.29
N ALA D 164 21.59 25.60 -4.58
CA ALA D 164 21.88 24.42 -3.77
C ALA D 164 23.35 24.05 -3.84
N ALA D 165 23.97 24.23 -5.01
CA ALA D 165 25.37 23.88 -5.16
C ALA D 165 26.30 24.88 -4.50
N ASN D 166 25.80 26.08 -4.16
CA ASN D 166 26.65 27.10 -3.56
C ASN D 166 26.25 27.50 -2.15
N ALA D 167 25.24 26.87 -1.57
CA ALA D 167 24.91 27.15 -0.18
C ALA D 167 25.98 26.55 0.74
N TYR D 168 26.10 27.14 1.92
CA TYR D 168 27.10 26.66 2.89
C TYR D 168 26.87 25.19 3.23
N VAL D 169 25.63 24.82 3.51
CA VAL D 169 25.27 23.43 3.77
C VAL D 169 24.90 22.79 2.44
N PRO D 170 25.65 21.80 1.95
CA PRO D 170 25.49 21.33 0.56
C PRO D 170 24.28 20.44 0.31
N GLU D 171 23.45 20.19 1.31
CA GLU D 171 22.28 19.32 1.12
C GLU D 171 21.20 19.73 2.10
N PRO D 172 19.95 19.32 1.86
CA PRO D 172 18.91 19.56 2.86
C PRO D 172 19.24 18.82 4.15
N VAL D 173 19.00 19.48 5.27
CA VAL D 173 19.29 18.90 6.58
C VAL D 173 18.06 18.14 7.06
N ASP D 174 18.29 16.88 7.44
CA ASP D 174 17.21 16.04 7.98
C ASP D 174 16.88 16.43 9.41
N PHE D 175 17.84 16.33 10.32
CA PHE D 175 17.58 16.61 11.74
C PHE D 175 18.47 17.74 12.23
N LEU D 176 17.93 18.60 13.09
CA LEU D 176 18.68 19.69 13.69
C LEU D 176 18.46 19.67 15.19
N ILE D 177 19.55 19.70 15.95
CA ILE D 177 19.49 19.60 17.41
C ILE D 177 20.22 20.79 18.02
N ARG D 178 19.53 21.50 18.91
CA ARG D 178 20.16 22.58 19.66
C ARG D 178 19.99 22.35 21.15
N PRO D 179 21.02 21.85 21.84
CA PRO D 179 20.98 21.79 23.30
C PRO D 179 21.27 23.17 23.88
N GLY D 180 21.20 23.26 25.22
CA GLY D 180 21.53 24.49 25.92
C GLY D 180 20.36 25.35 26.33
N GLY D 181 19.13 24.99 25.95
CA GLY D 181 17.94 25.62 26.49
C GLY D 181 17.38 26.78 25.69
N HIS D 182 18.09 27.29 24.69
CA HIS D 182 17.61 28.41 23.90
C HIS D 182 16.93 27.93 22.63
N VAL D 183 15.69 28.37 22.42
CA VAL D 183 14.90 27.99 21.24
C VAL D 183 15.02 29.10 20.19
N ARG D 184 16.08 29.05 19.39
CA ARG D 184 16.39 30.04 18.38
C ARG D 184 17.50 29.48 17.50
N MET D 185 17.70 30.09 16.33
CA MET D 185 18.71 29.60 15.41
C MET D 185 20.04 30.33 15.55
N SER D 186 20.05 31.55 16.09
CA SER D 186 21.28 32.28 16.40
C SER D 186 22.22 32.38 15.21
N SER D 187 21.66 32.65 14.03
CA SER D 187 22.36 32.82 12.75
C SER D 187 22.75 31.51 12.09
N PHE D 188 22.27 30.36 12.57
CA PHE D 188 22.70 29.05 12.10
C PHE D 188 21.67 28.30 11.28
N TYR D 189 20.61 28.97 10.83
CA TYR D 189 19.59 28.30 10.03
C TYR D 189 20.15 27.85 8.68
N PRO D 190 19.94 26.59 8.28
CA PRO D 190 20.45 26.12 6.98
C PRO D 190 19.54 26.58 5.86
N LEU D 191 20.13 27.24 4.86
CA LEU D 191 19.35 27.93 3.83
C LEU D 191 18.40 27.00 3.08
N MET D 192 18.90 25.84 2.65
CA MET D 192 18.18 24.96 1.72
C MET D 192 17.55 23.76 2.43
N SER D 193 16.99 23.94 3.62
CA SER D 193 16.40 22.84 4.38
C SER D 193 14.93 23.15 4.71
N PRO D 194 14.06 23.21 3.71
CA PRO D 194 12.64 23.53 4.00
C PRO D 194 11.94 22.49 4.84
N PHE D 195 12.40 21.24 4.85
CA PHE D 195 11.70 20.17 5.57
C PHE D 195 12.49 19.66 6.78
N ALA D 196 13.43 20.46 7.28
CA ALA D 196 14.19 20.07 8.48
C ALA D 196 13.29 20.01 9.70
N GLU D 197 13.50 18.98 10.52
CA GLU D 197 12.86 18.85 11.82
C GLU D 197 13.82 19.35 12.90
N MET D 198 13.30 20.17 13.81
CA MET D 198 14.10 20.80 14.86
C MET D 198 13.81 20.19 16.23
N TYR D 199 14.85 20.08 17.05
CA TYR D 199 14.74 19.56 18.41
C TYR D 199 15.58 20.42 19.35
N PHE D 200 14.94 20.93 20.40
CA PHE D 200 15.58 21.75 21.41
C PHE D 200 15.48 21.04 22.77
N CYS D 201 16.55 21.09 23.56
CA CYS D 201 16.55 20.50 24.89
C CYS D 201 17.35 21.36 25.85
N PRO D 202 16.95 21.41 27.12
CA PRO D 202 17.63 22.31 28.07
C PRO D 202 19.02 21.85 28.50
N THR D 203 19.36 20.57 28.33
CA THR D 203 20.67 20.10 28.75
C THR D 203 21.78 20.84 28.03
N LEU D 204 22.73 21.37 28.79
CA LEU D 204 23.93 21.95 28.20
C LEU D 204 24.68 20.87 27.42
N LEU D 205 25.41 21.29 26.39
CA LEU D 205 26.07 20.32 25.52
C LEU D 205 27.02 19.42 26.30
N ASN D 206 27.82 19.99 27.20
CA ASN D 206 28.80 19.18 27.93
C ASN D 206 28.15 18.21 28.91
N ASP D 207 26.87 18.34 29.19
CA ASP D 207 26.14 17.40 30.03
C ASP D 207 25.35 16.37 29.24
N MET D 208 25.35 16.47 27.92
CA MET D 208 24.57 15.55 27.10
C MET D 208 25.14 14.15 27.19
N THR D 209 24.28 13.18 27.47
CA THR D 209 24.64 11.76 27.50
C THR D 209 24.22 11.10 26.20
N ARG D 210 24.69 9.86 26.01
CA ARG D 210 24.24 9.07 24.87
C ARG D 210 22.75 8.83 24.92
N ALA D 211 22.18 8.66 26.11
CA ALA D 211 20.74 8.46 26.23
C ALA D 211 19.97 9.71 25.80
N ASP D 212 20.47 10.90 26.17
CA ASP D 212 19.85 12.15 25.71
C ASP D 212 19.83 12.23 24.19
N PHE D 213 20.95 11.89 23.55
CA PHE D 213 21.01 11.83 22.10
C PHE D 213 19.98 10.85 21.54
N ASP D 214 19.88 9.67 22.18
CA ASP D 214 18.98 8.64 21.68
C ASP D 214 17.52 9.10 21.75
N VAL D 215 17.12 9.75 22.85
CA VAL D 215 15.74 10.18 22.96
C VAL D 215 15.48 11.39 22.05
N ALA D 216 16.48 12.23 21.83
CA ALA D 216 16.35 13.25 20.78
C ALA D 216 16.07 12.62 19.43
N LEU D 217 16.78 11.55 19.08
CA LEU D 217 16.54 10.90 17.80
C LEU D 217 15.19 10.19 17.76
N GLU D 218 14.73 9.65 18.89
CA GLU D 218 13.38 9.10 18.95
C GLU D 218 12.35 10.17 18.63
N ASP D 219 12.45 11.32 19.31
CA ASP D 219 11.56 12.44 19.05
C ASP D 219 11.58 12.85 17.58
N LEU D 220 12.79 13.03 17.03
CA LEU D 220 12.90 13.52 15.65
C LEU D 220 12.36 12.50 14.64
N ARG D 221 12.65 11.22 14.85
CA ARG D 221 12.25 10.17 13.91
C ARG D 221 10.78 9.82 14.02
N GLU D 222 10.13 10.08 15.16
CA GLU D 222 8.72 9.74 15.31
C GLU D 222 7.83 10.67 14.47
N ARG D 223 8.35 11.80 14.04
CA ARG D 223 7.54 12.75 13.28
C ARG D 223 7.21 12.21 11.90
N ASP D 224 8.22 11.75 11.16
CA ASP D 224 8.01 10.92 9.98
C ASP D 224 9.31 10.22 9.59
N MET E 16 -19.36 4.14 -15.20
CA MET E 16 -18.47 4.75 -16.19
C MET E 16 -17.24 3.90 -16.45
N THR E 17 -16.95 3.72 -17.73
CA THR E 17 -15.92 2.81 -18.19
C THR E 17 -15.05 3.46 -19.27
N ASN E 18 -13.76 3.10 -19.26
CA ASN E 18 -12.80 3.61 -20.24
C ASN E 18 -12.07 2.46 -20.93
N LEU E 19 -11.57 2.76 -22.13
CA LEU E 19 -10.96 1.79 -23.02
C LEU E 19 -9.64 2.32 -23.55
N MET E 20 -8.64 1.44 -23.62
CA MET E 20 -7.30 1.76 -24.11
C MET E 20 -6.93 0.80 -25.23
N LEU E 21 -6.44 1.34 -26.34
CA LEU E 21 -6.09 0.56 -27.51
C LEU E 21 -4.60 0.69 -27.81
N LEU E 22 -3.96 -0.44 -28.13
CA LEU E 22 -2.55 -0.48 -28.54
C LEU E 22 -2.49 -0.80 -30.03
N PRO E 23 -2.44 0.21 -30.90
CA PRO E 23 -2.48 -0.06 -32.34
C PRO E 23 -1.19 -0.70 -32.84
N ASP E 24 -1.33 -1.81 -33.56
CA ASP E 24 -0.20 -2.59 -34.00
C ASP E 24 -0.53 -3.29 -35.32
N GLY E 25 0.51 -3.54 -36.11
CA GLY E 25 0.40 -4.31 -37.32
C GLY E 25 0.43 -3.54 -38.64
N MET E 26 0.97 -2.32 -38.65
CA MET E 26 0.93 -1.51 -39.87
C MET E 26 1.90 -2.01 -40.94
N ARG E 27 3.11 -2.42 -40.53
CA ARG E 27 4.07 -2.94 -41.50
C ARG E 27 3.58 -4.26 -42.10
N ARG E 28 3.18 -5.20 -41.24
CA ARG E 28 2.67 -6.47 -41.74
C ARG E 28 1.46 -6.26 -42.64
N TRP E 29 0.63 -5.27 -42.34
CA TRP E 29 -0.53 -4.99 -43.18
C TRP E 29 -0.10 -4.36 -44.51
N SER E 30 0.93 -3.51 -44.50
CA SER E 30 1.43 -2.97 -45.75
C SER E 30 1.95 -4.07 -46.66
N GLN E 31 2.68 -5.05 -46.09
CA GLN E 31 3.14 -6.18 -46.87
C GLN E 31 1.98 -7.05 -47.32
N LYS E 32 0.97 -7.20 -46.46
CA LYS E 32 -0.17 -8.05 -46.76
C LYS E 32 -1.01 -7.49 -47.91
N GLN E 33 -1.26 -6.18 -47.90
CA GLN E 33 -2.04 -5.54 -48.94
C GLN E 33 -1.23 -5.21 -50.19
N GLY E 34 0.09 -5.30 -50.13
CA GLY E 34 0.92 -4.91 -51.25
C GLY E 34 0.94 -3.42 -51.50
N ILE E 35 0.94 -2.61 -50.44
CA ILE E 35 0.88 -1.16 -50.54
C ILE E 35 2.05 -0.57 -49.75
N SER E 36 2.22 0.73 -49.91
CA SER E 36 3.28 1.42 -49.19
C SER E 36 2.94 1.52 -47.71
N LEU E 37 3.96 1.78 -46.89
CA LEU E 37 3.74 2.00 -45.48
C LEU E 37 2.87 3.23 -45.24
N ASP E 38 3.05 4.27 -46.06
CA ASP E 38 2.26 5.49 -45.93
C ASP E 38 0.77 5.20 -46.09
N ASP E 39 0.40 4.41 -47.10
CA ASP E 39 -0.99 4.07 -47.31
C ASP E 39 -1.52 3.18 -46.19
N SER E 40 -0.68 2.29 -45.67
CA SER E 40 -1.06 1.50 -44.50
C SER E 40 -1.39 2.40 -43.32
N TYR E 41 -0.61 3.47 -43.14
CA TYR E 41 -0.88 4.40 -42.04
C TYR E 41 -2.09 5.26 -42.32
N ALA E 42 -2.41 5.53 -43.59
CA ALA E 42 -3.66 6.21 -43.90
C ALA E 42 -4.85 5.32 -43.53
N ALA E 43 -4.77 4.03 -43.89
CA ALA E 43 -5.77 3.08 -43.44
C ALA E 43 -5.83 3.00 -41.92
N MET E 44 -4.69 3.16 -41.25
CA MET E 44 -4.69 3.21 -39.78
C MET E 44 -5.43 4.43 -39.27
N THR E 45 -5.25 5.58 -39.93
CA THR E 45 -6.00 6.78 -39.53
C THR E 45 -7.49 6.54 -39.66
N ASP E 46 -7.93 6.04 -40.82
CA ASP E 46 -9.35 5.74 -41.03
C ASP E 46 -9.87 4.75 -39.98
N LYS E 47 -9.11 3.68 -39.74
CA LYS E 47 -9.54 2.66 -38.79
C LYS E 47 -9.66 3.23 -37.38
N LEU E 48 -8.75 4.14 -37.02
CA LEU E 48 -8.79 4.72 -35.67
C LEU E 48 -9.94 5.71 -35.54
N VAL E 49 -10.32 6.39 -36.63
CA VAL E 49 -11.54 7.21 -36.62
C VAL E 49 -12.76 6.32 -36.38
N GLU E 50 -12.88 5.24 -37.15
CA GLU E 50 -13.94 4.26 -36.91
C GLU E 50 -13.94 3.82 -35.45
N PHE E 51 -12.75 3.48 -34.92
CA PHE E 51 -12.65 2.92 -33.58
C PHE E 51 -13.09 3.93 -32.54
N THR E 52 -12.71 5.20 -32.71
CA THR E 52 -13.18 6.24 -31.81
C THR E 52 -14.70 6.33 -31.83
N GLY E 53 -15.30 6.29 -33.03
CA GLY E 53 -16.75 6.25 -33.12
C GLY E 53 -17.34 5.06 -32.37
N TRP E 54 -16.75 3.88 -32.53
CA TRP E 54 -17.25 2.69 -31.85
C TRP E 54 -17.18 2.85 -30.34
N ALA E 55 -16.03 3.34 -29.84
CA ALA E 55 -15.86 3.51 -28.40
C ALA E 55 -16.86 4.50 -27.84
N ARG E 56 -17.11 5.60 -28.56
CA ARG E 56 -18.12 6.56 -28.10
C ARG E 56 -19.50 5.95 -28.08
N GLU E 57 -19.86 5.21 -29.13
CA GLU E 57 -21.17 4.58 -29.19
C GLU E 57 -21.35 3.56 -28.07
N GLU E 58 -20.27 2.92 -27.63
CA GLU E 58 -20.36 1.89 -26.61
C GLU E 58 -20.36 2.44 -25.19
N GLY E 59 -20.43 3.75 -25.03
CA GLY E 59 -20.60 4.34 -23.72
C GLY E 59 -19.33 4.61 -22.94
N PHE E 60 -18.16 4.40 -23.53
CA PHE E 60 -16.92 4.71 -22.83
C PHE E 60 -16.77 6.22 -22.70
N THR E 61 -16.30 6.67 -21.52
CA THR E 61 -16.12 8.09 -21.30
C THR E 61 -14.82 8.61 -21.88
N THR E 62 -13.77 7.79 -21.87
CA THR E 62 -12.48 8.15 -22.45
C THR E 62 -11.95 6.98 -23.27
N PHE E 63 -11.43 7.29 -24.45
CA PHE E 63 -10.77 6.32 -25.32
C PHE E 63 -9.30 6.69 -25.38
N TYR E 64 -8.45 5.89 -24.72
CA TYR E 64 -7.01 6.09 -24.73
C TYR E 64 -6.39 5.36 -25.92
N VAL E 65 -5.49 6.04 -26.62
CA VAL E 65 -4.75 5.44 -27.73
C VAL E 65 -3.27 5.61 -27.46
N THR E 66 -2.56 4.49 -27.36
CA THR E 66 -1.11 4.54 -27.17
C THR E 66 -0.47 4.80 -28.52
N VAL E 67 0.03 6.03 -28.70
CA VAL E 67 0.57 6.45 -29.98
C VAL E 67 1.96 5.86 -30.19
N SER E 68 2.74 5.76 -29.12
CA SER E 68 4.15 5.43 -29.30
C SER E 68 4.80 5.13 -27.97
N SER E 69 5.82 4.28 -28.03
CA SER E 69 6.77 4.14 -26.95
C SER E 69 7.95 5.08 -27.18
N VAL E 70 8.79 5.22 -26.15
CA VAL E 70 10.03 5.98 -26.34
C VAL E 70 10.89 5.32 -27.42
N ALA E 71 10.96 3.98 -27.41
CA ALA E 71 11.78 3.27 -28.38
C ALA E 71 11.32 3.52 -29.82
N ASN E 72 10.02 3.76 -30.03
CA ASN E 72 9.52 3.96 -31.38
C ASN E 72 10.17 5.15 -32.07
N TYR E 73 10.54 6.18 -31.31
CA TYR E 73 11.17 7.36 -31.89
C TYR E 73 12.62 7.12 -32.25
N SER E 74 13.14 5.92 -32.01
CA SER E 74 14.45 5.52 -32.48
C SER E 74 14.40 4.88 -33.87
N ARG E 75 13.21 4.75 -34.45
CA ARG E 75 13.11 4.40 -35.86
C ARG E 75 13.57 5.55 -36.73
N SER E 76 13.65 5.30 -38.04
CA SER E 76 14.07 6.34 -38.96
C SER E 76 13.12 7.53 -38.92
N GLU E 77 13.64 8.71 -39.27
CA GLU E 77 12.83 9.93 -39.24
C GLU E 77 11.66 9.87 -40.21
N GLU E 78 11.82 9.16 -41.33
CA GLU E 78 10.71 9.03 -42.27
C GLU E 78 9.54 8.28 -41.64
N GLN E 79 9.83 7.20 -40.92
CA GLN E 79 8.77 6.45 -40.25
C GLN E 79 8.18 7.25 -39.10
N VAL E 80 9.02 7.97 -38.35
CA VAL E 80 8.52 8.81 -37.26
C VAL E 80 7.57 9.86 -37.79
N THR E 81 7.94 10.52 -38.89
CA THR E 81 7.08 11.55 -39.48
C THR E 81 5.79 10.94 -40.04
N THR E 82 5.90 9.82 -40.75
CA THR E 82 4.72 9.17 -41.31
C THR E 82 3.74 8.77 -40.21
N ALA E 83 4.24 8.12 -39.16
CA ALA E 83 3.38 7.65 -38.08
C ALA E 83 2.77 8.82 -37.31
N MET E 84 3.60 9.78 -36.89
CA MET E 84 3.09 10.93 -36.14
C MET E 84 2.07 11.71 -36.94
N ASN E 85 2.29 11.85 -38.25
CA ASN E 85 1.29 12.51 -39.09
C ASN E 85 0.01 11.70 -39.15
N ALA E 86 0.13 10.36 -39.22
CA ALA E 86 -1.04 9.51 -39.28
C ALA E 86 -1.89 9.64 -38.03
N PHE E 87 -1.26 9.60 -36.86
CA PHE E 87 -2.01 9.80 -35.61
C PHE E 87 -2.61 11.20 -35.52
N THR E 88 -1.83 12.23 -35.89
CA THR E 88 -2.36 13.60 -35.83
C THR E 88 -3.57 13.78 -36.73
N GLU E 89 -3.61 13.10 -37.88
CA GLU E 89 -4.74 13.23 -38.80
C GLU E 89 -6.05 12.75 -38.17
N VAL E 90 -5.99 11.71 -37.33
CA VAL E 90 -7.18 11.29 -36.59
C VAL E 90 -7.78 12.46 -35.82
N VAL E 91 -6.94 13.17 -35.08
CA VAL E 91 -7.40 14.32 -34.31
C VAL E 91 -7.89 15.43 -35.23
N ARG E 92 -7.19 15.64 -36.35
CA ARG E 92 -7.65 16.63 -37.31
C ARG E 92 -9.08 16.35 -37.75
N ARG E 93 -9.43 15.06 -37.90
CA ARG E 93 -10.76 14.73 -38.40
C ARG E 93 -11.82 14.74 -37.30
N CYS E 94 -11.47 14.39 -36.05
CA CYS E 94 -12.50 14.19 -35.03
C CYS E 94 -12.53 15.24 -33.93
N HIS E 95 -11.55 16.15 -33.88
CA HIS E 95 -11.36 16.98 -32.69
C HIS E 95 -12.54 17.91 -32.43
N ASP E 96 -13.29 18.28 -33.46
CA ASP E 96 -14.35 19.27 -33.31
C ASP E 96 -15.53 18.74 -32.50
N THR E 97 -15.71 17.43 -32.42
CA THR E 97 -16.88 16.86 -31.77
C THR E 97 -16.56 16.13 -30.47
N LEU E 98 -15.32 16.23 -29.99
CA LEU E 98 -14.96 15.57 -28.74
C LEU E 98 -13.89 16.40 -28.02
N ASN E 99 -13.67 16.04 -26.76
CA ASN E 99 -12.57 16.61 -25.99
C ASN E 99 -11.30 15.81 -26.27
N PHE E 100 -10.24 16.50 -26.67
CA PHE E 100 -8.96 15.89 -26.98
C PHE E 100 -7.94 16.26 -25.91
N ASN E 101 -7.10 15.30 -25.55
CA ASN E 101 -5.99 15.55 -24.64
C ASN E 101 -4.84 14.62 -24.99
N TYR E 102 -3.67 14.91 -24.41
CA TYR E 102 -2.49 14.09 -24.66
C TYR E 102 -1.54 14.19 -23.48
N SER E 103 -0.66 13.20 -23.37
CA SER E 103 0.33 13.15 -22.31
C SER E 103 1.42 12.16 -22.72
N GLY E 104 2.46 12.05 -21.88
CA GLY E 104 3.51 11.09 -22.06
C GLY E 104 4.86 11.74 -21.88
N THR E 105 5.90 11.06 -22.37
CA THR E 105 7.28 11.56 -22.33
C THR E 105 7.46 12.50 -23.53
N LEU E 106 6.95 13.72 -23.37
CA LEU E 106 6.84 14.65 -24.49
C LEU E 106 8.19 15.14 -24.99
N GLU E 107 9.26 15.03 -24.18
CA GLU E 107 10.56 15.56 -24.60
C GLU E 107 11.17 14.77 -25.76
N VAL E 108 10.72 13.53 -26.00
CA VAL E 108 11.25 12.75 -27.11
C VAL E 108 10.42 12.87 -28.37
N VAL E 109 9.27 13.54 -28.32
CA VAL E 109 8.43 13.76 -29.49
C VAL E 109 8.92 15.01 -30.22
N PRO E 110 9.08 14.95 -31.55
CA PRO E 110 9.45 16.18 -32.28
C PRO E 110 8.46 17.30 -32.03
N GLU E 111 9.02 18.49 -31.81
CA GLU E 111 8.23 19.63 -31.33
C GLU E 111 7.07 19.97 -32.27
N ARG E 112 7.26 19.76 -33.57
CA ARG E 112 6.21 20.06 -34.55
C ARG E 112 4.88 19.41 -34.17
N TRP E 113 4.93 18.12 -33.84
CA TRP E 113 3.69 17.40 -33.52
C TRP E 113 3.12 17.83 -32.18
N LEU E 114 3.98 18.16 -31.22
CA LEU E 114 3.49 18.69 -29.96
C LEU E 114 2.76 20.01 -30.17
N THR E 115 3.29 20.86 -31.05
CA THR E 115 2.63 22.13 -31.37
C THR E 115 1.28 21.90 -32.02
N GLU E 116 1.23 21.05 -33.06
CA GLU E 116 -0.03 20.82 -33.74
C GLU E 116 -1.06 20.17 -32.82
N LEU E 117 -0.64 19.18 -32.02
CA LEU E 117 -1.57 18.54 -31.09
C LEU E 117 -2.04 19.51 -30.01
N GLU E 118 -1.16 20.43 -29.59
CA GLU E 118 -1.58 21.45 -28.64
C GLU E 118 -2.65 22.35 -29.24
N ALA E 119 -2.45 22.77 -30.50
CA ALA E 119 -3.49 23.56 -31.18
C ALA E 119 -4.80 22.78 -31.28
N LEU E 120 -4.71 21.49 -31.63
CA LEU E 120 -5.91 20.68 -31.78
C LEU E 120 -6.64 20.50 -30.45
N ARG E 121 -5.88 20.35 -29.35
CA ARG E 121 -6.52 20.26 -28.04
C ARG E 121 -7.19 21.57 -27.68
N ALA E 122 -6.54 22.70 -27.97
CA ALA E 122 -7.19 23.99 -27.72
C ALA E 122 -8.46 24.16 -28.52
N LYS E 123 -8.51 23.58 -29.72
CA LYS E 123 -9.69 23.72 -30.57
C LYS E 123 -10.76 22.67 -30.29
N SER E 124 -10.50 21.69 -29.43
CA SER E 124 -11.44 20.60 -29.20
C SER E 124 -12.59 21.05 -28.30
N ASP E 125 -13.63 20.21 -28.25
CA ASP E 125 -14.85 20.47 -27.48
C ASP E 125 -14.61 20.06 -26.03
N SER E 126 -14.20 21.01 -25.19
CA SER E 126 -13.94 20.73 -23.78
C SER E 126 -15.20 20.37 -23.00
N GLN E 127 -16.39 20.68 -23.53
CA GLN E 127 -17.66 20.34 -22.90
C GLN E 127 -18.17 18.96 -23.30
N SER E 128 -17.50 18.28 -24.22
CA SER E 128 -17.94 16.95 -24.63
C SER E 128 -17.80 15.96 -23.48
N ASP E 129 -18.77 15.05 -23.38
CA ASP E 129 -18.70 13.98 -22.38
C ASP E 129 -17.86 12.81 -22.85
N PHE E 130 -17.27 12.89 -24.03
CA PHE E 130 -16.38 11.86 -24.56
C PHE E 130 -15.01 12.47 -24.81
N THR E 131 -13.97 11.75 -24.40
CA THR E 131 -12.59 12.22 -24.50
C THR E 131 -11.75 11.25 -25.31
N LEU E 132 -11.02 11.78 -26.29
CA LEU E 132 -9.96 11.05 -26.97
C LEU E 132 -8.63 11.51 -26.40
N HIS E 133 -7.83 10.56 -25.92
CA HIS E 133 -6.59 10.88 -25.21
C HIS E 133 -5.43 10.09 -25.80
N PHE E 134 -4.45 10.81 -26.38
CA PHE E 134 -3.25 10.19 -26.91
C PHE E 134 -2.17 10.14 -25.83
N ILE E 135 -1.51 8.99 -25.72
CA ILE E 135 -0.31 8.88 -24.89
C ILE E 135 0.87 8.62 -25.82
N MET E 136 1.89 9.46 -25.75
CA MET E 136 3.04 9.39 -26.63
C MET E 136 4.30 9.17 -25.81
N GLY E 137 5.22 8.38 -26.35
CA GLY E 137 6.45 8.07 -25.66
C GLY E 137 6.24 7.31 -24.35
N MET E 138 5.41 6.28 -24.38
CA MET E 138 5.15 5.51 -23.17
C MET E 138 6.38 4.71 -22.76
N SER E 139 6.65 4.70 -21.47
CA SER E 139 7.75 3.96 -20.86
C SER E 139 7.67 4.18 -19.36
N LEU E 140 7.44 3.11 -18.60
CA LEU E 140 7.29 3.27 -17.15
C LEU E 140 8.56 3.84 -16.53
N ALA E 141 9.72 3.46 -17.05
CA ALA E 141 10.97 4.00 -16.52
C ALA E 141 11.03 5.51 -16.69
N HIS E 142 10.74 6.00 -17.91
CA HIS E 142 10.76 7.43 -18.16
C HIS E 142 9.68 8.16 -17.38
N GLU E 143 8.50 7.53 -17.24
CA GLU E 143 7.40 8.14 -16.50
C GLU E 143 7.76 8.35 -15.04
N VAL E 144 8.23 7.28 -14.39
CA VAL E 144 8.61 7.34 -12.98
C VAL E 144 9.77 8.31 -12.77
N ILE E 145 10.77 8.24 -13.66
CA ILE E 145 11.91 9.15 -13.56
C ILE E 145 11.46 10.60 -13.69
N GLY E 146 10.55 10.87 -14.63
CA GLY E 146 10.04 12.23 -14.77
C GLY E 146 9.30 12.72 -13.54
N ILE E 147 8.46 11.86 -12.95
CA ILE E 147 7.73 12.26 -11.75
C ILE E 147 8.71 12.56 -10.61
N PHE E 148 9.69 11.67 -10.40
CA PHE E 148 10.69 11.91 -9.37
C PHE E 148 11.43 13.23 -9.60
N ASN E 149 11.96 13.43 -10.80
CA ASN E 149 12.71 14.65 -11.08
C ASN E 149 11.84 15.89 -10.94
N LYS E 150 10.53 15.76 -11.19
CA LYS E 150 9.63 16.89 -11.01
C LYS E 150 9.49 17.25 -9.53
N PHE E 151 9.29 16.26 -8.68
CA PHE E 151 9.01 16.54 -7.27
C PHE E 151 10.22 16.40 -6.35
N ASN E 152 11.39 16.06 -6.90
CA ASN E 152 12.59 15.85 -6.09
C ASN E 152 12.91 17.08 -5.26
N GLY E 153 12.87 16.92 -3.93
CA GLY E 153 13.21 17.96 -2.98
C GLY E 153 12.15 19.03 -2.77
N LYS E 154 10.97 18.91 -3.38
CA LYS E 154 9.94 19.94 -3.27
C LYS E 154 8.74 19.53 -2.44
N ILE E 155 8.60 18.25 -2.12
CA ILE E 155 7.51 17.79 -1.24
C ILE E 155 8.13 16.92 -0.15
N PRO E 156 7.51 16.81 1.02
CA PRO E 156 8.07 15.95 2.07
C PRO E 156 7.99 14.47 1.72
N ALA E 157 6.99 14.07 0.93
CA ALA E 157 6.80 12.67 0.55
C ALA E 157 5.83 12.62 -0.62
N LEU E 158 5.95 11.57 -1.43
CA LEU E 158 5.03 11.33 -2.54
C LEU E 158 3.82 10.55 -2.03
N THR E 159 2.62 11.02 -2.42
CA THR E 159 1.38 10.37 -2.06
C THR E 159 0.74 9.72 -3.28
N GLU E 160 -0.22 8.81 -3.01
CA GLU E 160 -0.95 8.20 -4.12
C GLU E 160 -1.78 9.22 -4.88
N GLU E 161 -2.27 10.27 -4.21
CA GLU E 161 -3.05 11.28 -4.90
C GLU E 161 -2.18 12.04 -5.90
N LEU E 162 -0.98 12.44 -5.49
CA LEU E 162 -0.08 13.17 -6.38
C LEU E 162 0.43 12.29 -7.50
N LEU E 163 0.81 11.05 -7.18
CA LEU E 163 1.23 10.10 -8.20
C LEU E 163 0.14 9.90 -9.25
N ALA E 164 -1.10 9.66 -8.79
CA ALA E 164 -2.20 9.49 -9.73
C ALA E 164 -2.41 10.76 -10.54
N ALA E 165 -2.23 11.93 -9.93
CA ALA E 165 -2.43 13.19 -10.64
C ALA E 165 -1.31 13.49 -11.63
N ASN E 166 -0.18 12.78 -11.57
CA ASN E 166 0.90 13.06 -12.50
C ASN E 166 1.26 11.89 -13.42
N ALA E 167 0.54 10.78 -13.36
CA ALA E 167 0.81 9.67 -14.28
C ALA E 167 0.34 10.03 -15.69
N TYR E 168 0.95 9.38 -16.68
CA TYR E 168 0.59 9.64 -18.07
C TYR E 168 -0.90 9.39 -18.30
N VAL E 169 -1.41 8.25 -17.82
CA VAL E 169 -2.83 7.94 -17.89
C VAL E 169 -3.48 8.47 -16.63
N PRO E 170 -4.38 9.46 -16.73
CA PRO E 170 -4.85 10.18 -15.53
C PRO E 170 -5.87 9.43 -14.70
N GLU E 171 -6.25 8.22 -15.08
CA GLU E 171 -7.25 7.47 -14.34
C GLU E 171 -6.98 5.99 -14.54
N PRO E 172 -7.51 5.12 -13.67
CA PRO E 172 -7.37 3.69 -13.90
C PRO E 172 -8.06 3.27 -15.19
N VAL E 173 -7.40 2.39 -15.95
CA VAL E 173 -7.94 1.92 -17.22
C VAL E 173 -8.77 0.66 -16.97
N ASP E 174 -10.00 0.67 -17.49
CA ASP E 174 -10.90 -0.48 -17.38
C ASP E 174 -10.55 -1.58 -18.37
N PHE E 175 -10.60 -1.29 -19.67
CA PHE E 175 -10.36 -2.30 -20.68
C PHE E 175 -9.17 -1.92 -21.55
N LEU E 176 -8.37 -2.92 -21.93
CA LEU E 176 -7.20 -2.73 -22.77
C LEU E 176 -7.20 -3.77 -23.89
N ILE E 177 -7.01 -3.31 -25.12
CA ILE E 177 -7.05 -4.17 -26.31
C ILE E 177 -5.73 -4.02 -27.06
N ARG E 178 -5.09 -5.16 -27.36
CA ARG E 178 -3.91 -5.16 -28.22
C ARG E 178 -4.07 -6.11 -29.39
N PRO E 179 -4.36 -5.61 -30.58
CA PRO E 179 -4.37 -6.45 -31.78
C PRO E 179 -2.94 -6.71 -32.25
N GLY E 180 -2.82 -7.53 -33.29
CA GLY E 180 -1.52 -7.80 -33.89
C GLY E 180 -0.84 -9.07 -33.45
N GLY E 181 -1.43 -9.84 -32.53
CA GLY E 181 -0.95 -11.17 -32.26
C GLY E 181 0.08 -11.31 -31.16
N HIS E 182 0.63 -10.20 -30.65
CA HIS E 182 1.67 -10.27 -29.64
C HIS E 182 1.04 -10.23 -28.26
N VAL E 183 1.35 -11.24 -27.45
CA VAL E 183 0.82 -11.29 -26.09
C VAL E 183 1.87 -10.74 -25.15
N ARG E 184 1.94 -9.41 -25.07
CA ARG E 184 2.89 -8.71 -24.22
C ARG E 184 2.45 -7.25 -24.18
N MET E 185 2.92 -6.54 -23.14
CA MET E 185 2.54 -5.16 -22.96
C MET E 185 3.57 -4.16 -23.47
N SER E 186 4.81 -4.59 -23.73
CA SER E 186 5.88 -3.73 -24.26
C SER E 186 6.06 -2.59 -23.26
N SER E 187 6.11 -1.33 -23.69
CA SER E 187 6.26 -0.20 -22.79
C SER E 187 4.93 0.46 -22.45
N PHE E 188 3.82 -0.23 -22.68
CA PHE E 188 2.50 0.39 -22.69
C PHE E 188 1.63 0.05 -21.49
N TYR E 189 2.17 -0.60 -20.46
CA TYR E 189 1.32 -0.92 -19.31
C TYR E 189 1.00 0.38 -18.56
N PRO E 190 -0.28 0.64 -18.25
CA PRO E 190 -0.62 1.89 -17.56
C PRO E 190 -0.35 1.80 -16.06
N LEU E 191 0.39 2.79 -15.55
CA LEU E 191 0.95 2.73 -14.20
C LEU E 191 -0.13 2.53 -13.13
N MET E 192 -1.22 3.28 -13.20
CA MET E 192 -2.21 3.29 -12.12
C MET E 192 -3.43 2.43 -12.45
N SER E 193 -3.24 1.31 -13.14
CA SER E 193 -4.33 0.41 -13.51
C SER E 193 -4.04 -1.00 -13.04
N PRO E 194 -4.06 -1.24 -11.73
CA PRO E 194 -3.69 -2.59 -11.24
C PRO E 194 -4.66 -3.68 -11.66
N PHE E 195 -5.94 -3.38 -11.88
CA PHE E 195 -6.93 -4.39 -12.21
C PHE E 195 -7.53 -4.21 -13.60
N ALA E 196 -6.77 -3.61 -14.51
CA ALA E 196 -7.22 -3.49 -15.90
C ALA E 196 -7.38 -4.88 -16.51
N GLU E 197 -8.44 -5.05 -17.32
CA GLU E 197 -8.64 -6.29 -18.04
C GLU E 197 -7.97 -6.19 -19.40
N MET E 198 -7.21 -7.20 -19.77
CA MET E 198 -6.44 -7.20 -21.01
C MET E 198 -7.05 -8.18 -22.01
N TYR E 199 -7.05 -7.78 -23.28
CA TYR E 199 -7.58 -8.60 -24.37
C TYR E 199 -6.60 -8.54 -25.52
N PHE E 200 -6.14 -9.71 -25.96
CA PHE E 200 -5.22 -9.85 -27.09
C PHE E 200 -5.91 -10.61 -28.20
N CYS E 201 -5.67 -10.19 -29.45
CA CYS E 201 -6.22 -10.87 -30.60
C CYS E 201 -5.23 -10.82 -31.75
N PRO E 202 -5.18 -11.86 -32.58
CA PRO E 202 -4.18 -11.89 -33.66
C PRO E 202 -4.47 -10.97 -34.82
N THR E 203 -5.71 -10.51 -34.96
CA THR E 203 -6.09 -9.65 -36.07
C THR E 203 -5.27 -8.37 -36.08
N LEU E 204 -4.69 -8.05 -37.24
CA LEU E 204 -4.03 -6.77 -37.41
C LEU E 204 -5.06 -5.64 -37.28
N LEU E 205 -4.58 -4.48 -36.79
CA LEU E 205 -5.48 -3.38 -36.50
C LEU E 205 -6.28 -2.96 -37.73
N ASN E 206 -5.62 -2.83 -38.89
CA ASN E 206 -6.32 -2.37 -40.07
C ASN E 206 -7.34 -3.36 -40.59
N ASP E 207 -7.34 -4.59 -40.07
CA ASP E 207 -8.35 -5.59 -40.41
C ASP E 207 -9.45 -5.68 -39.37
N MET E 208 -9.38 -4.91 -38.29
CA MET E 208 -10.41 -4.97 -37.26
C MET E 208 -11.73 -4.44 -37.78
N THR E 209 -12.78 -5.24 -37.61
CA THR E 209 -14.13 -4.85 -37.95
C THR E 209 -14.89 -4.46 -36.67
N ARG E 210 -16.08 -3.88 -36.87
CA ARG E 210 -16.94 -3.60 -35.73
C ARG E 210 -17.31 -4.88 -34.97
N ALA E 211 -17.48 -6.00 -35.69
CA ALA E 211 -17.79 -7.26 -35.03
C ALA E 211 -16.64 -7.76 -34.17
N ASP E 212 -15.39 -7.61 -34.65
CA ASP E 212 -14.23 -7.98 -33.84
C ASP E 212 -14.20 -7.18 -32.53
N PHE E 213 -14.44 -5.87 -32.64
CA PHE E 213 -14.52 -5.02 -31.46
C PHE E 213 -15.63 -5.47 -30.53
N ASP E 214 -16.79 -5.81 -31.08
CA ASP E 214 -17.94 -6.20 -30.26
C ASP E 214 -17.67 -7.50 -29.52
N VAL E 215 -17.04 -8.48 -30.17
CA VAL E 215 -16.76 -9.73 -29.45
C VAL E 215 -15.63 -9.52 -28.45
N ALA E 216 -14.69 -8.61 -28.73
CA ALA E 216 -13.72 -8.21 -27.71
C ALA E 216 -14.44 -7.66 -26.48
N LEU E 217 -15.46 -6.82 -26.70
CA LEU E 217 -16.21 -6.25 -25.59
C LEU E 217 -17.04 -7.30 -24.86
N GLU E 218 -17.57 -8.29 -25.58
CA GLU E 218 -18.24 -9.41 -24.93
C GLU E 218 -17.28 -10.13 -23.98
N ASP E 219 -16.09 -10.47 -24.48
CA ASP E 219 -15.06 -11.10 -23.66
C ASP E 219 -14.74 -10.25 -22.42
N LEU E 220 -14.47 -8.96 -22.63
CA LEU E 220 -14.05 -8.11 -21.53
C LEU E 220 -15.16 -7.91 -20.50
N ARG E 221 -16.40 -7.71 -20.96
CA ARG E 221 -17.52 -7.42 -20.07
C ARG E 221 -18.04 -8.65 -19.34
N GLU E 222 -17.84 -9.85 -19.88
CA GLU E 222 -18.28 -11.06 -19.16
C GLU E 222 -17.36 -11.44 -18.00
N ARG E 223 -16.15 -10.90 -17.95
CA ARG E 223 -15.21 -11.29 -16.91
C ARG E 223 -15.66 -10.80 -15.54
N ASP E 224 -15.37 -11.59 -14.53
CA ASP E 224 -15.69 -11.25 -13.14
C ASP E 224 -14.49 -10.54 -12.52
N ARG E 225 -14.62 -9.23 -12.34
CA ARG E 225 -13.57 -8.42 -11.72
C ARG E 225 -13.70 -8.49 -10.21
N ARG E 226 -12.62 -8.86 -9.53
CA ARG E 226 -12.65 -9.08 -8.09
C ARG E 226 -11.65 -8.23 -7.30
N TYR E 227 -10.69 -7.60 -7.97
CA TYR E 227 -9.80 -6.61 -7.36
C TYR E 227 -9.04 -7.21 -6.17
N GLY E 228 -8.58 -8.46 -6.31
CA GLY E 228 -7.86 -9.13 -5.26
C GLY E 228 -8.69 -9.58 -4.08
N LEU E 229 -9.98 -9.30 -4.08
CA LEU E 229 -10.86 -9.70 -2.98
C LEU E 229 -11.74 -10.87 -3.40
N MET F 15 24.14 -17.49 -17.59
CA MET F 15 23.41 -16.44 -18.30
C MET F 15 22.02 -16.27 -17.69
N MET F 16 21.68 -15.02 -17.37
CA MET F 16 20.46 -14.73 -16.64
C MET F 16 19.22 -15.00 -17.48
N THR F 17 18.31 -15.83 -16.96
CA THR F 17 17.03 -16.09 -17.60
C THR F 17 16.02 -16.18 -16.47
N ASN F 18 14.89 -15.47 -16.59
CA ASN F 18 13.94 -15.42 -15.48
C ASN F 18 12.53 -15.78 -15.91
N LEU F 19 11.79 -16.34 -14.95
CA LEU F 19 10.42 -16.78 -15.11
C LEU F 19 9.64 -16.26 -13.91
N MET F 20 8.46 -15.73 -14.18
CA MET F 20 7.60 -15.20 -13.14
C MET F 20 6.24 -15.87 -13.23
N LEU F 21 5.75 -16.36 -12.10
CA LEU F 21 4.48 -17.08 -12.03
C LEU F 21 3.51 -16.28 -11.17
N LEU F 22 2.28 -16.13 -11.68
CA LEU F 22 1.19 -15.49 -10.94
C LEU F 22 0.23 -16.61 -10.54
N PRO F 23 0.39 -17.19 -9.35
CA PRO F 23 -0.44 -18.34 -8.97
C PRO F 23 -1.88 -17.91 -8.69
N ASP F 24 -2.83 -18.61 -9.32
CA ASP F 24 -4.22 -18.21 -9.24
C ASP F 24 -5.12 -19.43 -9.32
N GLY F 25 -6.30 -19.32 -8.70
CA GLY F 25 -7.33 -20.32 -8.84
C GLY F 25 -7.53 -21.27 -7.65
N MET F 26 -7.07 -20.89 -6.46
CA MET F 26 -7.17 -21.80 -5.31
C MET F 26 -8.60 -21.93 -4.82
N ARG F 27 -9.38 -20.84 -4.82
CA ARG F 27 -10.77 -20.94 -4.39
C ARG F 27 -11.60 -21.78 -5.36
N ARG F 28 -11.48 -21.48 -6.66
CA ARG F 28 -12.21 -22.26 -7.66
C ARG F 28 -11.80 -23.71 -7.63
N TRP F 29 -10.54 -24.00 -7.30
CA TRP F 29 -10.09 -25.38 -7.18
C TRP F 29 -10.71 -26.04 -5.96
N SER F 30 -10.83 -25.30 -4.86
CA SER F 30 -11.49 -25.85 -3.67
C SER F 30 -12.94 -26.18 -3.95
N GLN F 31 -13.65 -25.30 -4.69
CA GLN F 31 -15.04 -25.61 -5.04
C GLN F 31 -15.11 -26.78 -6.02
N LYS F 32 -14.15 -26.86 -6.94
CA LYS F 32 -14.16 -27.93 -7.93
C LYS F 32 -13.93 -29.29 -7.27
N GLN F 33 -12.98 -29.37 -6.35
CA GLN F 33 -12.67 -30.64 -5.70
C GLN F 33 -13.59 -30.94 -4.53
N GLY F 34 -14.40 -29.99 -4.09
CA GLY F 34 -15.23 -30.20 -2.92
C GLY F 34 -14.43 -30.30 -1.64
N ILE F 35 -13.38 -29.49 -1.49
CA ILE F 35 -12.50 -29.52 -0.33
C ILE F 35 -12.42 -28.11 0.25
N SER F 36 -11.79 -28.03 1.43
CA SER F 36 -11.62 -26.75 2.11
C SER F 36 -10.58 -25.90 1.39
N LEU F 37 -10.58 -24.61 1.73
CA LEU F 37 -9.55 -23.71 1.20
C LEU F 37 -8.16 -24.13 1.64
N ASP F 38 -8.04 -24.62 2.88
CA ASP F 38 -6.74 -25.06 3.40
C ASP F 38 -6.17 -26.19 2.57
N ASP F 39 -7.00 -27.17 2.20
CA ASP F 39 -6.51 -28.30 1.41
C ASP F 39 -6.14 -27.86 0.00
N SER F 40 -6.91 -26.94 -0.58
CA SER F 40 -6.56 -26.40 -1.89
C SER F 40 -5.22 -25.67 -1.84
N TYR F 41 -4.95 -24.94 -0.76
CA TYR F 41 -3.67 -24.25 -0.63
C TYR F 41 -2.53 -25.21 -0.33
N ALA F 42 -2.82 -26.34 0.33
CA ALA F 42 -1.82 -27.38 0.50
C ALA F 42 -1.43 -27.98 -0.85
N ALA F 43 -2.43 -28.26 -1.69
CA ALA F 43 -2.15 -28.66 -3.06
C ALA F 43 -1.38 -27.58 -3.81
N MET F 44 -1.63 -26.29 -3.50
CA MET F 44 -0.84 -25.24 -4.10
C MET F 44 0.61 -25.31 -3.65
N THR F 45 0.84 -25.62 -2.36
CA THR F 45 2.21 -25.78 -1.89
C THR F 45 2.93 -26.90 -2.63
N ASP F 46 2.29 -28.06 -2.74
CA ASP F 46 2.88 -29.16 -3.50
C ASP F 46 3.16 -28.74 -4.93
N LYS F 47 2.19 -28.08 -5.56
CA LYS F 47 2.34 -27.68 -6.95
C LYS F 47 3.46 -26.66 -7.13
N LEU F 48 3.64 -25.76 -6.17
CA LEU F 48 4.69 -24.75 -6.29
C LEU F 48 6.07 -25.36 -6.05
N VAL F 49 6.18 -26.36 -5.19
CA VAL F 49 7.44 -27.09 -5.10
C VAL F 49 7.75 -27.76 -6.44
N GLU F 50 6.76 -28.45 -7.00
CA GLU F 50 6.91 -29.03 -8.34
C GLU F 50 7.36 -27.98 -9.35
N PHE F 51 6.69 -26.83 -9.37
CA PHE F 51 6.96 -25.81 -10.37
C PHE F 51 8.36 -25.25 -10.20
N THR F 52 8.80 -25.08 -8.96
CA THR F 52 10.18 -24.66 -8.72
C THR F 52 11.17 -25.67 -9.30
N GLY F 53 10.89 -26.97 -9.10
CA GLY F 53 11.71 -27.99 -9.74
C GLY F 53 11.72 -27.87 -11.25
N TRP F 54 10.55 -27.66 -11.85
CA TRP F 54 10.45 -27.54 -13.31
C TRP F 54 11.26 -26.35 -13.82
N ALA F 55 11.13 -25.20 -13.15
CA ALA F 55 11.85 -24.01 -13.56
C ALA F 55 13.35 -24.21 -13.46
N ARG F 56 13.80 -24.88 -12.39
CA ARG F 56 15.23 -25.16 -12.25
C ARG F 56 15.71 -26.09 -13.37
N GLU F 57 14.96 -27.15 -13.67
CA GLU F 57 15.37 -28.07 -14.72
C GLU F 57 15.41 -27.39 -16.07
N GLU F 58 14.57 -26.39 -16.29
CA GLU F 58 14.46 -25.72 -17.58
C GLU F 58 15.50 -24.61 -17.76
N GLY F 59 16.43 -24.48 -16.82
CA GLY F 59 17.54 -23.56 -16.99
C GLY F 59 17.31 -22.14 -16.53
N PHE F 60 16.18 -21.85 -15.89
CA PHE F 60 15.96 -20.50 -15.37
C PHE F 60 16.88 -20.23 -14.18
N THR F 61 17.45 -19.03 -14.14
CA THR F 61 18.33 -18.66 -13.04
C THR F 61 17.56 -18.18 -11.82
N THR F 62 16.44 -17.50 -12.03
CA THR F 62 15.59 -17.03 -10.95
C THR F 62 14.14 -17.33 -11.30
N PHE F 63 13.40 -17.83 -10.31
CA PHE F 63 11.98 -18.11 -10.43
C PHE F 63 11.23 -17.15 -9.51
N TYR F 64 10.54 -16.16 -10.09
CA TYR F 64 9.76 -15.20 -9.32
C TYR F 64 8.34 -15.71 -9.11
N VAL F 65 7.87 -15.62 -7.87
CA VAL F 65 6.51 -16.02 -7.51
C VAL F 65 5.85 -14.83 -6.82
N THR F 66 4.76 -14.34 -7.40
CA THR F 66 4.00 -13.23 -6.80
C THR F 66 3.12 -13.80 -5.71
N VAL F 67 3.47 -13.52 -4.44
CA VAL F 67 2.78 -14.12 -3.31
C VAL F 67 1.46 -13.41 -3.04
N SER F 68 1.42 -12.09 -3.20
CA SER F 68 0.27 -11.32 -2.78
C SER F 68 0.38 -9.90 -3.33
N SER F 69 -0.77 -9.30 -3.57
CA SER F 69 -0.85 -7.86 -3.78
C SER F 69 -1.13 -7.18 -2.44
N VAL F 70 -0.99 -5.85 -2.43
CA VAL F 70 -1.39 -5.09 -1.24
C VAL F 70 -2.86 -5.33 -0.94
N ALA F 71 -3.70 -5.36 -1.98
CA ALA F 71 -5.13 -5.57 -1.79
C ALA F 71 -5.43 -6.93 -1.16
N ASN F 72 -4.61 -7.95 -1.44
CA ASN F 72 -4.88 -9.29 -0.90
C ASN F 72 -4.90 -9.29 0.63
N TYR F 73 -4.13 -8.42 1.26
CA TYR F 73 -4.10 -8.38 2.72
C TYR F 73 -5.33 -7.71 3.32
N SER F 74 -6.26 -7.25 2.49
CA SER F 74 -7.55 -6.78 2.96
C SER F 74 -8.59 -7.90 3.03
N ARG F 75 -8.22 -9.12 2.66
CA ARG F 75 -9.07 -10.27 2.90
C ARG F 75 -9.16 -10.56 4.40
N SER F 76 -10.02 -11.53 4.73
CA SER F 76 -10.17 -11.93 6.13
C SER F 76 -8.83 -12.45 6.65
N GLU F 77 -8.67 -12.36 7.98
CA GLU F 77 -7.42 -12.78 8.59
C GLU F 77 -7.17 -14.26 8.36
N GLU F 78 -8.24 -15.07 8.34
CA GLU F 78 -8.11 -16.50 8.15
C GLU F 78 -7.57 -16.82 6.75
N GLN F 79 -8.06 -16.12 5.74
CA GLN F 79 -7.60 -16.37 4.37
C GLN F 79 -6.14 -15.94 4.20
N VAL F 80 -5.77 -14.78 4.77
CA VAL F 80 -4.39 -14.34 4.72
C VAL F 80 -3.48 -15.35 5.41
N THR F 81 -3.92 -15.85 6.58
CA THR F 81 -3.12 -16.82 7.31
C THR F 81 -2.94 -18.10 6.50
N THR F 82 -4.02 -18.60 5.88
CA THR F 82 -3.93 -19.81 5.07
C THR F 82 -2.95 -19.65 3.92
N ALA F 83 -3.11 -18.56 3.16
CA ALA F 83 -2.26 -18.38 1.97
C ALA F 83 -0.81 -18.15 2.36
N MET F 84 -0.56 -17.22 3.28
CA MET F 84 0.80 -16.93 3.70
C MET F 84 1.48 -18.16 4.28
N ASN F 85 0.73 -18.97 5.02
CA ASN F 85 1.29 -20.22 5.53
C ASN F 85 1.63 -21.17 4.38
N ALA F 86 0.79 -21.22 3.34
CA ALA F 86 1.07 -22.12 2.22
C ALA F 86 2.34 -21.72 1.47
N PHE F 87 2.48 -20.43 1.13
CA PHE F 87 3.69 -19.97 0.45
C PHE F 87 4.92 -20.17 1.34
N THR F 88 4.80 -19.79 2.61
CA THR F 88 5.90 -19.97 3.55
C THR F 88 6.29 -21.43 3.65
N GLU F 89 5.31 -22.34 3.56
CA GLU F 89 5.60 -23.76 3.55
C GLU F 89 6.41 -24.16 2.32
N VAL F 90 6.12 -23.54 1.18
CA VAL F 90 6.99 -23.75 0.01
C VAL F 90 8.44 -23.45 0.40
N VAL F 91 8.66 -22.30 1.05
CA VAL F 91 10.03 -21.95 1.45
C VAL F 91 10.59 -22.94 2.45
N ARG F 92 9.76 -23.38 3.42
CA ARG F 92 10.20 -24.36 4.41
C ARG F 92 10.70 -25.63 3.73
N ARG F 93 10.06 -26.04 2.63
CA ARG F 93 10.46 -27.27 1.98
C ARG F 93 11.65 -27.07 1.06
N CYS F 94 11.85 -25.88 0.50
CA CYS F 94 12.86 -25.72 -0.55
C CYS F 94 14.13 -24.98 -0.12
N HIS F 95 14.15 -24.33 1.05
CA HIS F 95 15.22 -23.37 1.32
C HIS F 95 16.59 -24.05 1.41
N ASP F 96 16.64 -25.33 1.75
CA ASP F 96 17.93 -26.00 1.94
C ASP F 96 18.67 -26.25 0.64
N THR F 97 17.95 -26.33 -0.50
CA THR F 97 18.58 -26.68 -1.76
C THR F 97 18.57 -25.54 -2.78
N LEU F 98 18.14 -24.35 -2.41
CA LEU F 98 18.17 -23.22 -3.34
C LEU F 98 18.42 -21.94 -2.55
N ASN F 99 18.73 -20.88 -3.30
CA ASN F 99 18.86 -19.54 -2.73
C ASN F 99 17.48 -18.89 -2.72
N PHE F 100 17.05 -18.41 -1.54
CA PHE F 100 15.75 -17.76 -1.39
C PHE F 100 15.93 -16.28 -1.10
N ASN F 101 15.04 -15.47 -1.68
CA ASN F 101 15.03 -14.03 -1.44
C ASN F 101 13.59 -13.57 -1.52
N TYR F 102 13.34 -12.33 -1.07
CA TYR F 102 12.00 -11.76 -1.11
C TYR F 102 12.12 -10.24 -1.12
N SER F 103 11.04 -9.59 -1.55
CA SER F 103 10.96 -8.13 -1.60
C SER F 103 9.50 -7.73 -1.70
N GLY F 104 9.25 -6.43 -1.68
CA GLY F 104 7.91 -5.92 -1.88
C GLY F 104 7.57 -4.86 -0.85
N THR F 105 6.26 -4.64 -0.70
CA THR F 105 5.74 -3.71 0.29
C THR F 105 5.64 -4.44 1.63
N LEU F 106 6.80 -4.55 2.30
CA LEU F 106 6.89 -5.40 3.48
C LEU F 106 6.09 -4.86 4.66
N GLU F 107 5.72 -3.57 4.64
CA GLU F 107 5.01 -2.99 5.78
C GLU F 107 3.60 -3.54 5.94
N VAL F 108 3.00 -4.10 4.88
CA VAL F 108 1.66 -4.65 4.94
C VAL F 108 1.64 -6.15 5.20
N VAL F 109 2.81 -6.79 5.25
CA VAL F 109 2.87 -8.23 5.51
C VAL F 109 2.79 -8.47 7.02
N PRO F 110 1.96 -9.40 7.48
CA PRO F 110 1.93 -9.72 8.92
C PRO F 110 3.31 -10.10 9.43
N GLU F 111 3.61 -9.61 10.63
CA GLU F 111 4.96 -9.66 11.18
C GLU F 111 5.46 -11.08 11.32
N ARG F 112 4.56 -12.02 11.66
CA ARG F 112 4.93 -13.42 11.80
C ARG F 112 5.58 -13.94 10.53
N TRP F 113 4.96 -13.68 9.37
CA TRP F 113 5.47 -14.21 8.12
C TRP F 113 6.77 -13.53 7.69
N LEU F 114 6.91 -12.23 7.97
CA LEU F 114 8.19 -11.59 7.71
C LEU F 114 9.30 -12.20 8.55
N THR F 115 9.00 -12.52 9.82
CA THR F 115 10.01 -13.13 10.68
C THR F 115 10.40 -14.51 10.17
N GLU F 116 9.42 -15.37 9.90
CA GLU F 116 9.73 -16.72 9.45
C GLU F 116 10.43 -16.70 8.10
N LEU F 117 9.95 -15.88 7.16
CA LEU F 117 10.56 -15.81 5.84
C LEU F 117 11.96 -15.22 5.90
N GLU F 118 12.19 -14.27 6.81
CA GLU F 118 13.54 -13.71 6.97
C GLU F 118 14.50 -14.77 7.51
N ALA F 119 14.07 -15.51 8.54
CA ALA F 119 14.91 -16.59 9.06
C ALA F 119 15.22 -17.62 7.98
N LEU F 120 14.22 -17.97 7.17
CA LEU F 120 14.44 -18.94 6.10
C LEU F 120 15.38 -18.39 5.03
N ARG F 121 15.27 -17.09 4.73
CA ARG F 121 16.18 -16.50 3.75
C ARG F 121 17.61 -16.48 4.24
N ALA F 122 17.81 -16.15 5.52
CA ALA F 122 19.16 -16.18 6.09
C ALA F 122 19.76 -17.58 6.05
N LYS F 123 18.92 -18.62 6.17
CA LYS F 123 19.34 -20.01 6.17
C LYS F 123 19.44 -20.65 4.78
N SER F 124 19.05 -19.95 3.72
CA SER F 124 18.94 -20.61 2.43
C SER F 124 20.34 -20.84 1.84
N ASP F 125 20.37 -21.66 0.79
CA ASP F 125 21.63 -22.06 0.17
C ASP F 125 22.10 -20.93 -0.75
N SER F 126 22.92 -20.04 -0.18
CA SER F 126 23.46 -18.91 -0.94
C SER F 126 24.39 -19.36 -2.07
N GLN F 127 24.84 -20.61 -2.05
CA GLN F 127 25.73 -21.14 -3.08
C GLN F 127 24.98 -21.69 -4.28
N SER F 128 23.65 -21.83 -4.20
CA SER F 128 22.89 -22.35 -5.32
C SER F 128 22.89 -21.35 -6.47
N ASP F 129 22.97 -21.88 -7.69
CA ASP F 129 22.87 -21.07 -8.90
C ASP F 129 21.41 -20.84 -9.32
N PHE F 130 20.46 -21.34 -8.55
CA PHE F 130 19.04 -21.16 -8.80
C PHE F 130 18.42 -20.43 -7.63
N THR F 131 17.58 -19.43 -7.93
CA THR F 131 16.99 -18.59 -6.90
C THR F 131 15.47 -18.66 -6.98
N LEU F 132 14.83 -18.89 -5.83
CA LEU F 132 13.40 -18.71 -5.66
C LEU F 132 13.17 -17.37 -4.96
N HIS F 133 12.35 -16.50 -5.57
CA HIS F 133 12.17 -15.14 -5.09
C HIS F 133 10.69 -14.81 -4.96
N PHE F 134 10.24 -14.58 -3.73
CA PHE F 134 8.87 -14.18 -3.47
C PHE F 134 8.76 -12.66 -3.50
N ILE F 135 7.73 -12.15 -4.18
CA ILE F 135 7.39 -10.73 -4.12
C ILE F 135 6.04 -10.62 -3.42
N MET F 136 6.01 -9.85 -2.34
CA MET F 136 4.83 -9.75 -1.48
C MET F 136 4.35 -8.31 -1.44
N GLY F 137 3.03 -8.13 -1.39
CA GLY F 137 2.45 -6.81 -1.37
C GLY F 137 2.79 -6.05 -2.64
N MET F 138 2.60 -6.68 -3.78
CA MET F 138 2.89 -6.03 -5.05
C MET F 138 1.85 -4.93 -5.30
N SER F 139 2.34 -3.79 -5.79
CA SER F 139 1.54 -2.63 -6.13
C SER F 139 2.46 -1.58 -6.72
N LEU F 140 2.26 -1.21 -7.99
CA LEU F 140 3.15 -0.26 -8.62
C LEU F 140 3.15 1.08 -7.89
N ALA F 141 1.99 1.50 -7.38
CA ALA F 141 1.90 2.77 -6.65
C ALA F 141 2.78 2.76 -5.40
N HIS F 142 2.67 1.71 -4.58
CA HIS F 142 3.48 1.62 -3.37
C HIS F 142 4.95 1.48 -3.70
N GLU F 143 5.28 0.75 -4.76
CA GLU F 143 6.68 0.58 -5.15
C GLU F 143 7.31 1.92 -5.54
N VAL F 144 6.65 2.65 -6.44
CA VAL F 144 7.15 3.95 -6.87
C VAL F 144 7.23 4.93 -5.70
N ILE F 145 6.20 4.94 -4.86
CA ILE F 145 6.20 5.84 -3.70
C ILE F 145 7.38 5.52 -2.78
N GLY F 146 7.62 4.23 -2.53
CA GLY F 146 8.74 3.85 -1.69
C GLY F 146 10.08 4.28 -2.26
N ILE F 147 10.26 4.11 -3.56
CA ILE F 147 11.52 4.52 -4.18
C ILE F 147 11.70 6.03 -4.07
N PHE F 148 10.64 6.79 -4.37
CA PHE F 148 10.70 8.24 -4.27
C PHE F 148 11.06 8.67 -2.85
N ASN F 149 10.30 8.19 -1.86
CA ASN F 149 10.56 8.58 -0.47
C ASN F 149 11.95 8.16 -0.02
N LYS F 150 12.49 7.08 -0.60
CA LYS F 150 13.87 6.71 -0.29
C LYS F 150 14.86 7.76 -0.80
N PHE F 151 14.70 8.19 -2.05
CA PHE F 151 15.68 9.08 -2.66
C PHE F 151 15.28 10.56 -2.67
N ASN F 152 14.12 10.92 -2.10
CA ASN F 152 13.64 12.31 -2.13
C ASN F 152 14.65 13.27 -1.52
N GLY F 153 15.13 14.21 -2.32
CA GLY F 153 16.01 15.26 -1.86
C GLY F 153 17.44 14.86 -1.62
N LYS F 154 17.81 13.61 -1.93
CA LYS F 154 19.13 13.08 -1.63
C LYS F 154 19.99 12.86 -2.88
N ILE F 155 19.40 12.88 -4.07
CA ILE F 155 20.14 12.73 -5.33
C ILE F 155 19.75 13.85 -6.27
N PRO F 156 20.60 14.22 -7.24
CA PRO F 156 20.20 15.26 -8.19
C PRO F 156 19.11 14.81 -9.15
N ALA F 157 19.05 13.52 -9.47
CA ALA F 157 18.05 12.99 -10.40
C ALA F 157 18.00 11.49 -10.26
N LEU F 158 16.83 10.93 -10.59
CA LEU F 158 16.67 9.49 -10.60
C LEU F 158 17.14 8.94 -11.94
N THR F 159 17.96 7.90 -11.89
CA THR F 159 18.47 7.23 -13.09
C THR F 159 17.80 5.87 -13.23
N GLU F 160 17.89 5.31 -14.43
CA GLU F 160 17.37 3.96 -14.65
C GLU F 160 18.13 2.92 -13.84
N GLU F 161 19.42 3.17 -13.56
CA GLU F 161 20.21 2.23 -12.77
C GLU F 161 19.70 2.15 -11.33
N LEU F 162 19.47 3.31 -10.70
CA LEU F 162 18.96 3.31 -9.33
C LEU F 162 17.54 2.76 -9.28
N LEU F 163 16.70 3.17 -10.22
CA LEU F 163 15.34 2.66 -10.30
C LEU F 163 15.34 1.13 -10.40
N ALA F 164 16.15 0.59 -11.32
CA ALA F 164 16.24 -0.86 -11.45
C ALA F 164 16.77 -1.51 -10.18
N ALA F 165 17.73 -0.86 -9.51
CA ALA F 165 18.32 -1.42 -8.30
C ALA F 165 17.39 -1.35 -7.09
N ASN F 166 16.31 -0.58 -7.16
CA ASN F 166 15.37 -0.50 -6.05
C ASN F 166 13.97 -0.99 -6.38
N ALA F 167 13.74 -1.53 -7.57
CA ALA F 167 12.45 -2.11 -7.89
C ALA F 167 12.26 -3.43 -7.16
N TYR F 168 10.99 -3.79 -6.94
CA TYR F 168 10.69 -5.06 -6.26
C TYR F 168 11.30 -6.25 -6.99
N VAL F 169 11.17 -6.28 -8.32
CA VAL F 169 11.79 -7.31 -9.15
C VAL F 169 13.17 -6.80 -9.55
N PRO F 170 14.26 -7.42 -9.07
CA PRO F 170 15.60 -6.86 -9.26
C PRO F 170 16.20 -7.12 -10.64
N GLU F 171 15.49 -7.76 -11.55
CA GLU F 171 16.02 -8.12 -12.85
C GLU F 171 14.89 -8.10 -13.86
N PRO F 172 15.21 -7.97 -15.15
CA PRO F 172 14.16 -8.09 -16.16
C PRO F 172 13.59 -9.50 -16.16
N VAL F 173 12.27 -9.59 -16.29
CA VAL F 173 11.61 -10.88 -16.36
C VAL F 173 11.54 -11.29 -17.81
N ASP F 174 12.04 -12.49 -18.11
CA ASP F 174 11.96 -13.00 -19.47
C ASP F 174 10.54 -13.46 -19.77
N PHE F 175 10.04 -14.40 -18.98
CA PHE F 175 8.73 -14.99 -19.23
C PHE F 175 7.81 -14.78 -18.04
N LEU F 176 6.52 -14.54 -18.32
CA LEU F 176 5.52 -14.38 -17.28
C LEU F 176 4.35 -15.30 -17.61
N ILE F 177 3.92 -16.09 -16.64
CA ILE F 177 2.87 -17.08 -16.84
C ILE F 177 1.79 -16.85 -15.80
N ARG F 178 0.55 -16.73 -16.26
CA ARG F 178 -0.61 -16.66 -15.37
C ARG F 178 -1.63 -17.73 -15.75
N PRO F 179 -1.67 -18.84 -15.02
CA PRO F 179 -2.76 -19.79 -15.18
C PRO F 179 -4.03 -19.27 -14.49
N GLY F 180 -5.12 -20.02 -14.64
CA GLY F 180 -6.35 -19.68 -13.94
C GLY F 180 -7.39 -18.92 -14.75
N GLY F 181 -7.10 -18.58 -16.00
CA GLY F 181 -8.10 -18.06 -16.91
C GLY F 181 -8.28 -16.56 -16.95
N HIS F 182 -7.68 -15.80 -16.04
CA HIS F 182 -7.83 -14.36 -16.04
C HIS F 182 -6.68 -13.70 -16.80
N VAL F 183 -7.02 -12.90 -17.81
CA VAL F 183 -6.03 -12.19 -18.62
C VAL F 183 -5.92 -10.77 -18.09
N ARG F 184 -5.12 -10.59 -17.05
CA ARG F 184 -4.92 -9.32 -16.37
C ARG F 184 -3.74 -9.49 -15.44
N MET F 185 -3.18 -8.37 -15.00
CA MET F 185 -2.01 -8.44 -14.13
C MET F 185 -2.35 -8.37 -12.66
N SER F 186 -3.52 -7.82 -12.29
CA SER F 186 -4.00 -7.86 -10.92
C SER F 186 -2.99 -7.31 -9.92
N SER F 187 -2.35 -6.19 -10.27
CA SER F 187 -1.36 -5.50 -9.43
C SER F 187 0.02 -6.19 -9.42
N PHE F 188 0.27 -7.15 -10.31
CA PHE F 188 1.50 -7.94 -10.27
C PHE F 188 2.45 -7.64 -11.42
N TYR F 189 2.22 -6.56 -12.17
CA TYR F 189 3.08 -6.24 -13.29
C TYR F 189 4.48 -5.85 -12.80
N PRO F 190 5.54 -6.40 -13.38
CA PRO F 190 6.90 -6.04 -12.94
C PRO F 190 7.34 -4.73 -13.59
N LEU F 191 7.77 -3.79 -12.75
CA LEU F 191 8.01 -2.41 -13.20
C LEU F 191 9.05 -2.33 -14.32
N MET F 192 10.19 -2.99 -14.14
CA MET F 192 11.34 -2.83 -15.04
C MET F 192 11.49 -3.98 -16.03
N SER F 193 10.40 -4.55 -16.53
CA SER F 193 10.45 -5.64 -17.52
C SER F 193 9.66 -5.22 -18.75
N PRO F 194 10.12 -4.20 -19.48
CA PRO F 194 9.37 -3.74 -20.66
C PRO F 194 9.27 -4.78 -21.75
N PHE F 195 10.17 -5.76 -21.79
CA PHE F 195 10.21 -6.71 -22.89
C PHE F 195 9.77 -8.10 -22.45
N ALA F 196 9.06 -8.21 -21.33
CA ALA F 196 8.56 -9.50 -20.87
C ALA F 196 7.50 -10.04 -21.84
N GLU F 197 7.57 -11.35 -22.10
CA GLU F 197 6.56 -12.06 -22.85
C GLU F 197 5.57 -12.69 -21.89
N MET F 198 4.27 -12.54 -22.18
CA MET F 198 3.21 -13.02 -21.30
C MET F 198 2.53 -14.24 -21.90
N TYR F 199 2.12 -15.17 -21.02
CA TYR F 199 1.41 -16.37 -21.40
C TYR F 199 0.27 -16.58 -20.41
N PHE F 200 -0.95 -16.68 -20.91
CA PHE F 200 -2.14 -16.95 -20.12
C PHE F 200 -2.75 -18.27 -20.55
N CYS F 201 -3.25 -19.03 -19.58
CA CYS F 201 -3.92 -20.30 -19.85
C CYS F 201 -5.05 -20.50 -18.86
N PRO F 202 -6.15 -21.14 -19.29
CA PRO F 202 -7.32 -21.28 -18.40
C PRO F 202 -7.14 -22.31 -17.30
N THR F 203 -6.19 -23.23 -17.43
CA THR F 203 -6.01 -24.26 -16.41
C THR F 203 -5.70 -23.63 -15.06
N LEU F 204 -6.43 -24.06 -14.03
CA LEU F 204 -6.11 -23.66 -12.67
C LEU F 204 -4.71 -24.15 -12.31
N LEU F 205 -4.04 -23.39 -11.43
CA LEU F 205 -2.66 -23.72 -11.07
C LEU F 205 -2.56 -25.13 -10.51
N ASN F 206 -3.48 -25.51 -9.63
CA ASN F 206 -3.41 -26.84 -9.03
C ASN F 206 -3.66 -27.95 -10.04
N ASP F 207 -4.13 -27.60 -11.24
CA ASP F 207 -4.34 -28.56 -12.31
C ASP F 207 -3.22 -28.56 -13.36
N MET F 208 -2.22 -27.68 -13.23
CA MET F 208 -1.14 -27.62 -14.21
C MET F 208 -0.23 -28.83 -14.11
N THR F 209 0.04 -29.45 -15.26
CA THR F 209 0.99 -30.55 -15.37
C THR F 209 2.31 -30.04 -15.95
N ARG F 210 3.33 -30.90 -15.88
CA ARG F 210 4.61 -30.58 -16.52
C ARG F 210 4.45 -30.36 -18.01
N ALA F 211 3.55 -31.10 -18.66
CA ALA F 211 3.31 -30.92 -20.08
C ALA F 211 2.71 -29.55 -20.37
N ASP F 212 1.80 -29.08 -19.51
CA ASP F 212 1.25 -27.73 -19.66
C ASP F 212 2.35 -26.68 -19.60
N PHE F 213 3.25 -26.82 -18.62
CA PHE F 213 4.39 -25.91 -18.52
C PHE F 213 5.27 -25.99 -19.76
N ASP F 214 5.50 -27.20 -20.27
CA ASP F 214 6.37 -27.36 -21.43
C ASP F 214 5.78 -26.70 -22.67
N VAL F 215 4.47 -26.84 -22.88
CA VAL F 215 3.89 -26.20 -24.05
C VAL F 215 3.82 -24.69 -23.85
N ALA F 216 3.64 -24.24 -22.61
CA ALA F 216 3.77 -22.81 -22.32
C ALA F 216 5.16 -22.31 -22.72
N LEU F 217 6.20 -23.07 -22.39
CA LEU F 217 7.56 -22.67 -22.73
C LEU F 217 7.80 -22.74 -24.23
N GLU F 218 7.17 -23.69 -24.93
CA GLU F 218 7.22 -23.69 -26.38
C GLU F 218 6.64 -22.40 -26.93
N ASP F 219 5.45 -22.04 -26.47
CA ASP F 219 4.83 -20.78 -26.91
C ASP F 219 5.74 -19.60 -26.66
N LEU F 220 6.27 -19.47 -25.43
CA LEU F 220 7.06 -18.29 -25.07
C LEU F 220 8.39 -18.24 -25.82
N ARG F 221 9.05 -19.39 -25.99
CA ARG F 221 10.37 -19.40 -26.62
C ARG F 221 10.32 -19.26 -28.14
N GLU F 222 9.19 -19.59 -28.77
CA GLU F 222 9.10 -19.43 -30.21
C GLU F 222 8.95 -17.97 -30.61
N ARG F 223 8.57 -17.10 -29.67
CA ARG F 223 8.34 -15.70 -30.00
C ARG F 223 9.66 -15.00 -30.30
N MET G 15 -11.85 -49.64 -20.00
CA MET G 15 -12.40 -49.03 -21.21
C MET G 15 -11.35 -48.98 -22.32
N MET G 16 -11.62 -49.72 -23.39
CA MET G 16 -10.73 -49.73 -24.54
C MET G 16 -10.91 -48.46 -25.36
N THR G 17 -9.80 -47.81 -25.68
CA THR G 17 -9.80 -46.55 -26.41
C THR G 17 -8.75 -46.59 -27.51
N ASN G 18 -9.08 -45.96 -28.65
CA ASN G 18 -8.22 -45.95 -29.82
C ASN G 18 -7.97 -44.50 -30.23
N LEU G 19 -6.92 -44.29 -31.02
CA LEU G 19 -6.50 -42.95 -31.43
C LEU G 19 -6.25 -42.91 -32.93
N MET G 20 -6.65 -41.82 -33.57
CA MET G 20 -6.44 -41.61 -35.00
C MET G 20 -5.71 -40.29 -35.23
N LEU G 21 -4.68 -40.33 -36.07
CA LEU G 21 -3.85 -39.18 -36.39
C LEU G 21 -3.94 -38.85 -37.87
N LEU G 22 -4.08 -37.56 -38.18
CA LEU G 22 -4.09 -37.02 -39.53
C LEU G 22 -2.80 -36.25 -39.77
N PRO G 23 -1.77 -36.88 -40.34
CA PRO G 23 -0.48 -36.19 -40.49
C PRO G 23 -0.55 -35.11 -41.56
N ASP G 24 -0.12 -33.90 -41.21
CA ASP G 24 -0.25 -32.75 -42.09
C ASP G 24 0.91 -31.79 -41.88
N GLY G 25 1.26 -31.08 -42.94
CA GLY G 25 2.24 -30.02 -42.87
C GLY G 25 3.62 -30.32 -43.43
N MET G 26 3.77 -31.34 -44.29
CA MET G 26 5.10 -31.72 -44.76
C MET G 26 5.70 -30.68 -45.70
N ARG G 27 4.89 -30.12 -46.61
CA ARG G 27 5.41 -29.09 -47.50
C ARG G 27 5.79 -27.83 -46.73
N ARG G 28 4.89 -27.35 -45.86
CA ARG G 28 5.20 -26.17 -45.05
C ARG G 28 6.43 -26.40 -44.18
N TRP G 29 6.61 -27.62 -43.67
CA TRP G 29 7.78 -27.88 -42.84
C TRP G 29 9.06 -27.89 -43.68
N SER G 30 9.00 -28.47 -44.88
CA SER G 30 10.18 -28.46 -45.74
C SER G 30 10.56 -27.04 -46.12
N GLN G 31 9.57 -26.19 -46.42
CA GLN G 31 9.89 -24.80 -46.73
C GLN G 31 10.41 -24.04 -45.52
N LYS G 32 9.84 -24.30 -44.34
CA LYS G 32 10.28 -23.59 -43.14
C LYS G 32 11.70 -23.97 -42.76
N GLN G 33 12.05 -25.26 -42.87
CA GLN G 33 13.39 -25.71 -42.54
C GLN G 33 14.38 -25.45 -43.67
N GLY G 34 13.91 -25.10 -44.86
CA GLY G 34 14.79 -24.93 -46.01
C GLY G 34 15.38 -26.23 -46.52
N ILE G 35 14.60 -27.30 -46.50
CA ILE G 35 15.07 -28.62 -46.93
C ILE G 35 14.11 -29.16 -47.98
N SER G 36 14.53 -30.26 -48.60
CA SER G 36 13.73 -30.88 -49.65
C SER G 36 12.50 -31.55 -49.05
N LEU G 37 11.54 -31.87 -49.91
CA LEU G 37 10.37 -32.62 -49.47
C LEU G 37 10.76 -33.99 -48.92
N ASP G 38 11.76 -34.64 -49.55
CA ASP G 38 12.21 -35.94 -49.09
C ASP G 38 12.69 -35.89 -47.65
N ASP G 39 13.48 -34.88 -47.29
CA ASP G 39 13.99 -34.77 -45.93
C ASP G 39 12.87 -34.45 -44.95
N SER G 40 11.88 -33.66 -45.38
CA SER G 40 10.71 -33.42 -44.54
C SER G 40 9.96 -34.72 -44.27
N TYR G 41 9.84 -35.59 -45.28
CA TYR G 41 9.16 -36.86 -45.06
C TYR G 41 10.01 -37.84 -44.26
N ALA G 42 11.34 -37.73 -44.31
CA ALA G 42 12.17 -38.51 -43.41
C ALA G 42 11.93 -38.11 -41.96
N ALA G 43 11.88 -36.79 -41.71
CA ALA G 43 11.49 -36.31 -40.39
C ALA G 43 10.08 -36.78 -40.02
N MET G 44 9.17 -36.89 -41.00
CA MET G 44 7.84 -37.42 -40.71
C MET G 44 7.91 -38.89 -40.29
N THR G 45 8.78 -39.68 -40.94
CA THR G 45 8.93 -41.07 -40.56
C THR G 45 9.39 -41.20 -39.11
N ASP G 46 10.46 -40.46 -38.75
CA ASP G 46 10.90 -40.47 -37.36
C ASP G 46 9.79 -40.03 -36.41
N LYS G 47 9.08 -38.96 -36.76
CA LYS G 47 8.04 -38.45 -35.88
C LYS G 47 6.91 -39.47 -35.70
N LEU G 48 6.57 -40.19 -36.77
CA LEU G 48 5.48 -41.17 -36.69
C LEU G 48 5.89 -42.40 -35.90
N VAL G 49 7.17 -42.79 -35.96
CA VAL G 49 7.65 -43.85 -35.07
C VAL G 49 7.54 -43.41 -33.62
N GLU G 50 8.01 -42.19 -33.32
CA GLU G 50 7.81 -41.61 -31.99
C GLU G 50 6.34 -41.66 -31.58
N PHE G 51 5.46 -41.19 -32.47
CA PHE G 51 4.05 -41.06 -32.15
C PHE G 51 3.41 -42.42 -31.90
N THR G 52 3.78 -43.43 -32.70
CA THR G 52 3.30 -44.78 -32.43
C THR G 52 3.73 -45.25 -31.05
N GLY G 53 4.99 -44.99 -30.68
CA GLY G 53 5.42 -45.29 -29.33
C GLY G 53 4.61 -44.57 -28.26
N TRP G 54 4.35 -43.27 -28.47
CA TRP G 54 3.56 -42.49 -27.51
C TRP G 54 2.17 -43.07 -27.36
N ALA G 55 1.52 -43.39 -28.48
CA ALA G 55 0.17 -43.94 -28.44
C ALA G 55 0.15 -45.29 -27.73
N ARG G 56 1.18 -46.12 -27.98
CA ARG G 56 1.25 -47.40 -27.28
C ARG G 56 1.41 -47.20 -25.78
N GLU G 57 2.28 -46.27 -25.38
CA GLU G 57 2.51 -46.03 -23.95
C GLU G 57 1.26 -45.53 -23.25
N GLU G 58 0.39 -44.81 -23.96
CA GLU G 58 -0.80 -44.22 -23.35
C GLU G 58 -1.98 -45.18 -23.29
N GLY G 59 -1.79 -46.45 -23.65
CA GLY G 59 -2.82 -47.46 -23.46
C GLY G 59 -3.82 -47.59 -24.58
N PHE G 60 -3.62 -46.90 -25.70
CA PHE G 60 -4.53 -47.04 -26.82
C PHE G 60 -4.41 -48.44 -27.44
N THR G 61 -5.55 -49.01 -27.81
CA THR G 61 -5.52 -50.35 -28.39
C THR G 61 -5.11 -50.31 -29.86
N THR G 62 -5.54 -49.28 -30.59
CA THR G 62 -5.18 -49.13 -32.00
C THR G 62 -4.82 -47.69 -32.29
N PHE G 63 -3.74 -47.50 -33.06
CA PHE G 63 -3.32 -46.19 -33.54
C PHE G 63 -3.52 -46.16 -35.05
N TYR G 64 -4.55 -45.44 -35.48
CA TYR G 64 -4.88 -45.26 -36.89
C TYR G 64 -4.14 -44.05 -37.43
N VAL G 65 -3.57 -44.20 -38.63
CA VAL G 65 -2.88 -43.11 -39.29
C VAL G 65 -3.52 -42.96 -40.66
N THR G 66 -4.07 -41.77 -40.93
CA THR G 66 -4.64 -41.54 -42.25
C THR G 66 -3.48 -41.23 -43.19
N VAL G 67 -3.15 -42.18 -44.05
CA VAL G 67 -1.97 -42.04 -44.89
C VAL G 67 -2.24 -41.07 -46.03
N SER G 68 -3.44 -41.11 -46.60
CA SER G 68 -3.68 -40.40 -47.85
C SER G 68 -5.17 -40.39 -48.15
N SER G 69 -5.57 -39.38 -48.91
CA SER G 69 -6.87 -39.39 -49.57
C SER G 69 -6.72 -39.96 -50.98
N VAL G 70 -7.86 -40.22 -51.62
CA VAL G 70 -7.84 -40.64 -53.03
C VAL G 70 -7.20 -39.56 -53.89
N ALA G 71 -7.52 -38.30 -53.64
CA ALA G 71 -6.98 -37.21 -54.43
C ALA G 71 -5.46 -37.11 -54.33
N ASN G 72 -4.89 -37.51 -53.18
CA ASN G 72 -3.45 -37.41 -53.00
C ASN G 72 -2.68 -38.22 -54.04
N TYR G 73 -3.25 -39.33 -54.51
CA TYR G 73 -2.57 -40.14 -55.51
C TYR G 73 -2.61 -39.54 -56.91
N SER G 74 -3.27 -38.39 -57.09
CA SER G 74 -3.17 -37.64 -58.33
C SER G 74 -2.01 -36.63 -58.30
N ARG G 75 -1.27 -36.55 -57.19
CA ARG G 75 -0.05 -35.77 -57.18
C ARG G 75 0.98 -36.41 -58.11
N SER G 76 2.10 -35.71 -58.29
CA SER G 76 3.14 -36.24 -59.16
C SER G 76 3.64 -37.58 -58.64
N GLU G 77 4.17 -38.39 -59.56
CA GLU G 77 4.65 -39.72 -59.18
C GLU G 77 5.80 -39.62 -58.18
N GLU G 78 6.60 -38.55 -58.25
CA GLU G 78 7.70 -38.37 -57.32
C GLU G 78 7.21 -38.13 -55.89
N GLN G 79 6.17 -37.30 -55.74
CA GLN G 79 5.64 -37.04 -54.40
C GLN G 79 4.92 -38.27 -53.85
N VAL G 80 4.19 -38.99 -54.70
CA VAL G 80 3.55 -40.22 -54.26
C VAL G 80 4.59 -41.22 -53.78
N THR G 81 5.67 -41.38 -54.54
CA THR G 81 6.74 -42.30 -54.15
C THR G 81 7.40 -41.88 -52.86
N THR G 82 7.70 -40.58 -52.72
CA THR G 82 8.33 -40.09 -51.50
C THR G 82 7.45 -40.36 -50.29
N ALA G 83 6.17 -40.01 -50.39
CA ALA G 83 5.27 -40.15 -49.24
C ALA G 83 5.02 -41.62 -48.90
N MET G 84 4.63 -42.42 -49.90
CA MET G 84 4.37 -43.83 -49.64
C MET G 84 5.61 -44.53 -49.10
N ASN G 85 6.80 -44.16 -49.59
CA ASN G 85 8.02 -44.73 -49.05
C ASN G 85 8.22 -44.34 -47.58
N ALA G 86 7.89 -43.09 -47.22
CA ALA G 86 8.04 -42.67 -45.83
C ALA G 86 7.11 -43.44 -44.90
N PHE G 87 5.82 -43.53 -45.25
CA PHE G 87 4.88 -44.28 -44.42
C PHE G 87 5.28 -45.75 -44.33
N THR G 88 5.61 -46.34 -45.47
CA THR G 88 6.06 -47.73 -45.49
C THR G 88 7.29 -47.90 -44.61
N GLU G 89 8.18 -46.91 -44.59
CA GLU G 89 9.37 -46.99 -43.74
C GLU G 89 8.99 -47.02 -42.27
N VAL G 90 7.94 -46.27 -41.89
CA VAL G 90 7.43 -46.41 -40.53
C VAL G 90 7.11 -47.88 -40.25
N VAL G 91 6.38 -48.53 -41.18
CA VAL G 91 6.03 -49.94 -40.94
C VAL G 91 7.28 -50.81 -40.90
N ARG G 92 8.25 -50.53 -41.77
CA ARG G 92 9.50 -51.29 -41.76
C ARG G 92 10.18 -51.23 -40.39
N ARG G 93 10.09 -50.07 -39.72
CA ARG G 93 10.79 -49.94 -38.45
C ARG G 93 10.02 -50.53 -37.28
N CYS G 94 8.69 -50.51 -37.31
CA CYS G 94 7.94 -50.91 -36.12
C CYS G 94 7.20 -52.24 -36.24
N HIS G 95 7.13 -52.84 -37.42
CA HIS G 95 6.18 -53.92 -37.67
C HIS G 95 6.45 -55.16 -36.82
N ASP G 96 7.71 -55.40 -36.42
CA ASP G 96 8.04 -56.64 -35.74
C ASP G 96 7.49 -56.71 -34.31
N THR G 97 7.20 -55.57 -33.69
CA THR G 97 6.78 -55.53 -32.28
C THR G 97 5.32 -55.15 -32.11
N LEU G 98 4.55 -55.06 -33.19
CA LEU G 98 3.14 -54.73 -33.08
C LEU G 98 2.37 -55.43 -34.19
N ASN G 99 1.06 -55.43 -34.06
CA ASN G 99 0.18 -55.91 -35.12
C ASN G 99 -0.06 -54.78 -36.11
N PHE G 100 0.23 -55.02 -37.39
CA PHE G 100 0.02 -54.03 -38.42
C PHE G 100 -1.11 -54.47 -39.34
N ASN G 101 -1.94 -53.51 -39.74
CA ASN G 101 -3.00 -53.78 -40.71
C ASN G 101 -3.22 -52.53 -41.55
N TYR G 102 -3.97 -52.69 -42.63
CA TYR G 102 -4.25 -51.57 -43.52
C TYR G 102 -5.57 -51.79 -44.24
N SER G 103 -6.13 -50.70 -44.74
CA SER G 103 -7.40 -50.72 -45.47
C SER G 103 -7.52 -49.43 -46.25
N GLY G 104 -8.60 -49.31 -47.04
CA GLY G 104 -8.93 -48.10 -47.77
C GLY G 104 -9.26 -48.41 -49.20
N THR G 105 -9.19 -47.37 -50.05
CA THR G 105 -9.42 -47.50 -51.49
C THR G 105 -8.11 -47.97 -52.12
N LEU G 106 -7.87 -49.28 -51.99
CA LEU G 106 -6.55 -49.82 -52.36
C LEU G 106 -6.30 -49.77 -53.86
N GLU G 107 -7.35 -49.64 -54.67
CA GLU G 107 -7.21 -49.67 -56.11
C GLU G 107 -6.49 -48.44 -56.68
N VAL G 108 -6.41 -47.34 -55.93
CA VAL G 108 -5.70 -46.15 -56.39
C VAL G 108 -4.27 -46.09 -55.86
N VAL G 109 -3.87 -46.99 -54.99
CA VAL G 109 -2.50 -47.00 -54.48
C VAL G 109 -1.62 -47.78 -55.47
N PRO G 110 -0.45 -47.26 -55.83
CA PRO G 110 0.45 -48.03 -56.69
C PRO G 110 0.74 -49.39 -56.06
N GLU G 111 0.68 -50.43 -56.88
CA GLU G 111 0.74 -51.80 -56.39
C GLU G 111 2.02 -52.10 -55.61
N ARG G 112 3.15 -51.47 -55.94
CA ARG G 112 4.39 -51.75 -55.22
C ARG G 112 4.19 -51.63 -53.71
N TRP G 113 3.59 -50.51 -53.29
CA TRP G 113 3.44 -50.26 -51.87
C TRP G 113 2.44 -51.20 -51.22
N LEU G 114 1.40 -51.60 -51.97
CA LEU G 114 0.48 -52.62 -51.46
C LEU G 114 1.19 -53.95 -51.27
N THR G 115 2.10 -54.30 -52.19
CA THR G 115 2.84 -55.54 -52.04
C THR G 115 3.71 -55.50 -50.78
N GLU G 116 4.49 -54.42 -50.62
CA GLU G 116 5.37 -54.35 -49.45
C GLU G 116 4.57 -54.29 -48.16
N LEU G 117 3.48 -53.52 -48.13
CA LEU G 117 2.67 -53.44 -46.91
C LEU G 117 1.99 -54.76 -46.60
N GLU G 118 1.61 -55.53 -47.62
CA GLU G 118 1.05 -56.85 -47.37
C GLU G 118 2.09 -57.78 -46.75
N ALA G 119 3.31 -57.77 -47.29
CA ALA G 119 4.38 -58.56 -46.70
C ALA G 119 4.66 -58.13 -45.26
N LEU G 120 4.69 -56.81 -45.01
CA LEU G 120 4.96 -56.32 -43.67
C LEU G 120 3.85 -56.71 -42.71
N ARG G 121 2.60 -56.71 -43.18
CA ARG G 121 1.51 -57.16 -42.33
C ARG G 121 1.68 -58.65 -42.01
N ALA G 122 2.07 -59.45 -42.99
CA ALA G 122 2.33 -60.87 -42.74
C ALA G 122 3.46 -61.07 -41.74
N LYS G 123 4.45 -60.16 -41.73
CA LYS G 123 5.58 -60.30 -40.81
C LYS G 123 5.32 -59.70 -39.44
N SER G 124 4.19 -59.03 -39.24
CA SER G 124 3.94 -58.34 -37.98
C SER G 124 3.49 -59.33 -36.91
N ASP G 125 3.49 -58.85 -35.67
CA ASP G 125 3.13 -59.65 -34.51
C ASP G 125 1.61 -59.61 -34.36
N SER G 126 0.94 -60.61 -34.94
CA SER G 126 -0.51 -60.67 -34.89
C SER G 126 -1.05 -60.88 -33.49
N GLN G 127 -0.21 -61.34 -32.55
CA GLN G 127 -0.66 -61.52 -31.17
C GLN G 127 -0.44 -60.27 -30.31
N SER G 128 0.16 -59.22 -30.87
CA SER G 128 0.43 -58.03 -30.09
C SER G 128 -0.87 -57.37 -29.66
N ASP G 129 -0.88 -56.81 -28.45
CA ASP G 129 -2.06 -56.10 -27.97
C ASP G 129 -2.15 -54.68 -28.50
N PHE G 130 -1.21 -54.25 -29.32
CA PHE G 130 -1.23 -52.92 -29.92
C PHE G 130 -1.23 -53.06 -31.44
N THR G 131 -2.06 -52.27 -32.11
CA THR G 131 -2.22 -52.33 -33.55
C THR G 131 -1.91 -50.97 -34.16
N LEU G 132 -1.06 -50.96 -35.18
CA LEU G 132 -0.89 -49.80 -36.05
C LEU G 132 -1.66 -50.08 -37.33
N HIS G 133 -2.57 -49.18 -37.70
CA HIS G 133 -3.47 -49.39 -38.82
C HIS G 133 -3.40 -48.20 -39.76
N PHE G 134 -2.92 -48.43 -40.97
CA PHE G 134 -2.88 -47.39 -42.01
C PHE G 134 -4.15 -47.43 -42.83
N ILE G 135 -4.75 -46.27 -43.06
CA ILE G 135 -5.84 -46.14 -44.03
C ILE G 135 -5.35 -45.28 -45.17
N MET G 136 -5.43 -45.82 -46.39
CA MET G 136 -4.89 -45.18 -47.58
C MET G 136 -6.02 -44.94 -48.58
N GLY G 137 -5.95 -43.80 -49.26
CA GLY G 137 -7.00 -43.44 -50.20
C GLY G 137 -8.35 -43.23 -49.55
N MET G 138 -8.38 -42.46 -48.47
CA MET G 138 -9.64 -42.17 -47.79
C MET G 138 -10.51 -41.25 -48.64
N SER G 139 -11.81 -41.56 -48.66
CA SER G 139 -12.84 -40.79 -49.37
C SER G 139 -14.20 -41.46 -49.12
N LEU G 140 -15.11 -40.74 -48.46
CA LEU G 140 -16.41 -41.35 -48.13
C LEU G 140 -17.17 -41.73 -49.39
N ALA G 141 -17.08 -40.93 -50.45
CA ALA G 141 -17.78 -41.28 -51.69
C ALA G 141 -17.24 -42.60 -52.25
N HIS G 142 -15.92 -42.72 -52.34
CA HIS G 142 -15.32 -43.95 -52.85
C HIS G 142 -15.60 -45.14 -51.91
N GLU G 143 -15.60 -44.89 -50.61
CA GLU G 143 -15.88 -45.95 -49.65
C GLU G 143 -17.30 -46.49 -49.82
N VAL G 144 -18.29 -45.58 -49.83
CA VAL G 144 -19.69 -45.98 -49.96
C VAL G 144 -19.92 -46.68 -51.31
N ILE G 145 -19.40 -46.09 -52.38
CA ILE G 145 -19.56 -46.69 -53.71
C ILE G 145 -18.94 -48.08 -53.76
N GLY G 146 -17.74 -48.23 -53.17
CA GLY G 146 -17.13 -49.54 -53.14
C GLY G 146 -17.96 -50.57 -52.40
N ILE G 147 -18.52 -50.19 -51.24
CA ILE G 147 -19.34 -51.13 -50.49
C ILE G 147 -20.59 -51.52 -51.28
N PHE G 148 -21.28 -50.52 -51.83
CA PHE G 148 -22.48 -50.78 -52.62
C PHE G 148 -22.17 -51.71 -53.80
N ASN G 149 -21.18 -51.35 -54.61
CA ASN G 149 -20.87 -52.16 -55.77
C ASN G 149 -20.43 -53.56 -55.39
N LYS G 150 -19.79 -53.72 -54.22
CA LYS G 150 -19.43 -55.06 -53.78
C LYS G 150 -20.67 -55.88 -53.45
N PHE G 151 -21.65 -55.29 -52.75
CA PHE G 151 -22.81 -56.07 -52.31
C PHE G 151 -24.04 -55.89 -53.21
N ASN G 152 -23.94 -55.10 -54.29
CA ASN G 152 -25.07 -54.83 -55.15
C ASN G 152 -25.66 -56.12 -55.73
N GLY G 153 -26.92 -56.39 -55.40
CA GLY G 153 -27.62 -57.54 -55.95
C GLY G 153 -27.24 -58.88 -55.36
N LYS G 154 -26.36 -58.92 -54.35
CA LYS G 154 -25.91 -60.17 -53.76
C LYS G 154 -26.45 -60.42 -52.36
N ILE G 155 -27.00 -59.41 -51.70
CA ILE G 155 -27.61 -59.56 -50.39
C ILE G 155 -29.00 -58.94 -50.43
N PRO G 156 -29.94 -59.39 -49.60
CA PRO G 156 -31.28 -58.78 -49.62
C PRO G 156 -31.30 -57.37 -49.06
N ALA G 157 -30.41 -57.05 -48.12
CA ALA G 157 -30.39 -55.72 -47.51
C ALA G 157 -29.06 -55.52 -46.79
N LEU G 158 -28.64 -54.28 -46.70
CA LEU G 158 -27.44 -53.92 -45.95
C LEU G 158 -27.81 -53.70 -44.49
N THR G 159 -27.06 -54.34 -43.60
CA THR G 159 -27.25 -54.20 -42.16
C THR G 159 -26.10 -53.37 -41.58
N GLU G 160 -26.30 -52.90 -40.35
CA GLU G 160 -25.22 -52.17 -39.67
C GLU G 160 -24.03 -53.06 -39.38
N GLU G 161 -24.26 -54.36 -39.14
CA GLU G 161 -23.16 -55.28 -38.88
C GLU G 161 -22.28 -55.46 -40.11
N LEU G 162 -22.90 -55.66 -41.28
CA LEU G 162 -22.12 -55.83 -42.51
C LEU G 162 -21.41 -54.55 -42.89
N LEU G 163 -22.10 -53.40 -42.78
CA LEU G 163 -21.46 -52.11 -43.03
C LEU G 163 -20.24 -51.93 -42.13
N ALA G 164 -20.41 -52.18 -40.83
CA ALA G 164 -19.29 -52.05 -39.90
C ALA G 164 -18.16 -53.00 -40.27
N ALA G 165 -18.50 -54.20 -40.77
CA ALA G 165 -17.47 -55.15 -41.16
C ALA G 165 -16.79 -54.79 -42.48
N ASN G 166 -17.36 -53.88 -43.26
CA ASN G 166 -16.75 -53.51 -44.54
C ASN G 166 -16.31 -52.05 -44.62
N ALA G 167 -16.45 -51.27 -43.56
CA ALA G 167 -15.95 -49.91 -43.56
C ALA G 167 -14.43 -49.91 -43.49
N TYR G 168 -13.82 -48.82 -43.98
CA TYR G 168 -12.36 -48.72 -43.95
C TYR G 168 -11.82 -48.80 -42.54
N VAL G 169 -12.40 -48.03 -41.62
CA VAL G 169 -12.03 -48.08 -40.21
C VAL G 169 -12.93 -49.11 -39.53
N PRO G 170 -12.37 -50.21 -39.01
CA PRO G 170 -13.20 -51.34 -38.56
C PRO G 170 -13.89 -51.14 -37.22
N GLU G 171 -13.74 -49.99 -36.58
CA GLU G 171 -14.36 -49.75 -35.29
C GLU G 171 -14.58 -48.25 -35.14
N PRO G 172 -15.49 -47.84 -34.26
CA PRO G 172 -15.63 -46.41 -33.98
C PRO G 172 -14.35 -45.84 -33.38
N VAL G 173 -13.98 -44.65 -33.84
CA VAL G 173 -12.79 -43.96 -33.38
C VAL G 173 -13.16 -43.07 -32.20
N ASP G 174 -12.40 -43.20 -31.12
CA ASP G 174 -12.61 -42.40 -29.92
C ASP G 174 -12.04 -40.98 -30.11
N PHE G 175 -10.74 -40.88 -30.35
CA PHE G 175 -10.05 -39.60 -30.43
C PHE G 175 -9.42 -39.44 -31.81
N LEU G 176 -9.48 -38.22 -32.34
CA LEU G 176 -8.90 -37.87 -33.63
C LEU G 176 -8.12 -36.58 -33.48
N ILE G 177 -6.88 -36.58 -33.98
CA ILE G 177 -5.97 -35.43 -33.85
C ILE G 177 -5.55 -35.00 -35.24
N ARG G 178 -5.72 -33.72 -35.55
CA ARG G 178 -5.22 -33.15 -36.81
C ARG G 178 -4.32 -31.97 -36.51
N PRO G 179 -3.00 -32.13 -36.57
CA PRO G 179 -2.08 -31.00 -36.48
C PRO G 179 -2.04 -30.24 -37.82
N GLY G 180 -1.28 -29.15 -37.84
CA GLY G 180 -1.09 -28.42 -39.07
C GLY G 180 -1.96 -27.21 -39.28
N GLY G 181 -2.87 -26.90 -38.36
CA GLY G 181 -3.57 -25.63 -38.37
C GLY G 181 -4.89 -25.57 -39.12
N HIS G 182 -5.24 -26.60 -39.88
CA HIS G 182 -6.47 -26.58 -40.67
C HIS G 182 -7.60 -27.19 -39.86
N VAL G 183 -8.69 -26.44 -39.70
CA VAL G 183 -9.86 -26.89 -38.98
C VAL G 183 -10.87 -27.42 -39.99
N ARG G 184 -10.69 -28.68 -40.39
CA ARG G 184 -11.52 -29.35 -41.36
C ARG G 184 -11.14 -30.82 -41.34
N MET G 185 -12.04 -31.67 -41.83
CA MET G 185 -11.80 -33.09 -41.87
C MET G 185 -11.34 -33.61 -43.22
N SER G 186 -11.48 -32.81 -44.28
CA SER G 186 -11.04 -33.20 -45.63
C SER G 186 -11.77 -34.51 -45.96
N SER G 187 -11.09 -35.50 -46.54
CA SER G 187 -11.70 -36.78 -46.88
C SER G 187 -11.54 -37.83 -45.79
N PHE G 188 -11.20 -37.42 -44.56
CA PHE G 188 -10.74 -38.37 -43.55
C PHE G 188 -11.74 -38.64 -42.43
N TYR G 189 -12.98 -38.18 -42.53
CA TYR G 189 -13.93 -38.45 -41.45
C TYR G 189 -14.27 -39.94 -41.46
N PRO G 190 -14.19 -40.63 -40.32
CA PRO G 190 -14.46 -42.08 -40.30
C PRO G 190 -15.94 -42.38 -40.32
N LEU G 191 -16.33 -43.27 -41.26
CA LEU G 191 -17.73 -43.49 -41.58
C LEU G 191 -18.53 -43.91 -40.35
N MET G 192 -18.00 -44.84 -39.56
CA MET G 192 -18.74 -45.43 -38.44
C MET G 192 -18.34 -44.83 -37.11
N SER G 193 -18.00 -43.55 -37.07
CA SER G 193 -17.59 -42.86 -35.85
C SER G 193 -18.42 -41.59 -35.66
N PRO G 194 -19.71 -41.72 -35.37
CA PRO G 194 -20.54 -40.52 -35.23
C PRO G 194 -20.13 -39.63 -34.06
N PHE G 195 -19.55 -40.20 -33.00
CA PHE G 195 -19.24 -39.46 -31.79
C PHE G 195 -17.73 -39.38 -31.51
N ALA G 196 -16.90 -39.46 -32.56
CA ALA G 196 -15.48 -39.28 -32.38
C ALA G 196 -15.18 -37.86 -31.86
N GLU G 197 -14.23 -37.74 -30.94
CA GLU G 197 -13.81 -36.45 -30.43
C GLU G 197 -12.69 -35.90 -31.30
N MET G 198 -12.82 -34.63 -31.71
CA MET G 198 -11.89 -34.01 -32.63
C MET G 198 -11.01 -33.01 -31.91
N TYR G 199 -9.72 -32.99 -32.26
CA TYR G 199 -8.77 -32.05 -31.69
C TYR G 199 -7.90 -31.51 -32.82
N PHE G 200 -7.87 -30.18 -32.94
CA PHE G 200 -7.06 -29.48 -33.92
C PHE G 200 -6.04 -28.62 -33.19
N CYS G 201 -4.82 -28.57 -33.73
CA CYS G 201 -3.76 -27.74 -33.18
C CYS G 201 -2.93 -27.20 -34.33
N PRO G 202 -2.41 -25.97 -34.22
CA PRO G 202 -1.69 -25.38 -35.36
C PRO G 202 -0.30 -25.96 -35.57
N THR G 203 0.27 -26.64 -34.58
CA THR G 203 1.62 -27.18 -34.71
C THR G 203 1.68 -28.18 -35.88
N LEU G 204 2.69 -27.99 -36.73
CA LEU G 204 2.97 -28.96 -37.78
C LEU G 204 3.35 -30.30 -37.15
N LEU G 205 3.07 -31.39 -37.88
CA LEU G 205 3.32 -32.72 -37.33
C LEU G 205 4.79 -32.90 -36.97
N ASN G 206 5.70 -32.46 -37.84
CA ASN G 206 7.13 -32.64 -37.59
C ASN G 206 7.63 -31.80 -36.44
N ASP G 207 6.86 -30.84 -35.95
CA ASP G 207 7.21 -30.04 -34.78
C ASP G 207 6.53 -30.52 -33.50
N MET G 208 5.66 -31.53 -33.59
CA MET G 208 4.94 -32.01 -32.42
C MET G 208 5.89 -32.68 -31.43
N THR G 209 5.83 -32.26 -30.17
CA THR G 209 6.59 -32.87 -29.10
C THR G 209 5.69 -33.80 -28.27
N ARG G 210 6.34 -34.56 -27.38
CA ARG G 210 5.59 -35.40 -26.46
C ARG G 210 4.66 -34.56 -25.59
N ALA G 211 5.08 -33.33 -25.24
CA ALA G 211 4.22 -32.46 -24.45
C ALA G 211 2.99 -32.01 -25.24
N ASP G 212 3.16 -31.72 -26.53
CA ASP G 212 2.01 -31.37 -27.37
C ASP G 212 0.99 -32.51 -27.40
N PHE G 213 1.49 -33.74 -27.58
CA PHE G 213 0.63 -34.91 -27.53
C PHE G 213 -0.07 -35.03 -26.19
N ASP G 214 0.67 -34.80 -25.10
CA ASP G 214 0.09 -34.96 -23.77
C ASP G 214 -1.02 -33.94 -23.51
N VAL G 215 -0.83 -32.68 -23.91
CA VAL G 215 -1.90 -31.71 -23.66
C VAL G 215 -3.08 -31.95 -24.61
N ALA G 216 -2.82 -32.43 -25.82
CA ALA G 216 -3.91 -32.90 -26.67
C ALA G 216 -4.72 -33.98 -25.97
N LEU G 217 -4.05 -34.92 -25.32
CA LEU G 217 -4.76 -35.99 -24.61
C LEU G 217 -5.47 -35.47 -23.38
N GLU G 218 -4.90 -34.47 -22.70
CA GLU G 218 -5.61 -33.83 -21.60
C GLU G 218 -6.93 -33.24 -22.09
N ASP G 219 -6.87 -32.47 -23.18
CA ASP G 219 -8.06 -31.92 -23.78
C ASP G 219 -9.07 -33.01 -24.14
N LEU G 220 -8.61 -34.04 -24.86
CA LEU G 220 -9.52 -35.07 -25.35
C LEU G 220 -10.17 -35.86 -24.22
N ARG G 221 -9.39 -36.21 -23.20
CA ARG G 221 -9.91 -37.01 -22.09
C ARG G 221 -10.75 -36.19 -21.12
N GLU G 222 -10.57 -34.86 -21.07
CA GLU G 222 -11.37 -34.03 -20.19
C GLU G 222 -12.80 -33.85 -20.68
N ARG G 223 -13.06 -34.12 -21.96
CA ARG G 223 -14.38 -33.88 -22.54
C ARG G 223 -15.43 -34.87 -22.03
N ASP G 224 -16.67 -34.40 -21.96
CA ASP G 224 -17.81 -35.21 -21.55
C ASP G 224 -18.51 -35.77 -22.78
N ARG G 225 -18.54 -37.10 -22.90
CA ARG G 225 -19.14 -37.77 -24.04
C ARG G 225 -20.55 -38.20 -23.66
N ARG G 226 -21.54 -37.69 -24.40
CA ARG G 226 -22.94 -37.95 -24.09
C ARG G 226 -23.66 -38.79 -25.13
N TYR G 227 -23.10 -38.92 -26.34
CA TYR G 227 -23.63 -39.80 -27.38
C TYR G 227 -25.09 -39.47 -27.71
N GLY G 228 -25.40 -38.17 -27.81
CA GLY G 228 -26.72 -37.71 -28.16
C GLY G 228 -27.73 -37.74 -27.04
N LEU G 229 -27.38 -38.25 -25.87
CA LEU G 229 -28.27 -38.37 -24.74
C LEU G 229 -27.94 -37.31 -23.68
N TYR G 230 -28.74 -37.31 -22.59
CA TYR G 230 -28.55 -36.46 -21.42
C TYR G 230 -27.91 -37.24 -20.28
N PRO G 231 -27.19 -36.57 -19.36
CA PRO G 231 -26.54 -37.23 -18.22
C PRO G 231 -27.54 -37.98 -17.33
N MET H 16 -22.83 -18.69 -55.36
CA MET H 16 -23.61 -19.54 -54.46
C MET H 16 -22.78 -20.02 -53.28
N THR H 17 -23.29 -19.80 -52.07
CA THR H 17 -22.61 -20.20 -50.85
C THR H 17 -23.62 -20.77 -49.88
N ASN H 18 -23.22 -21.81 -49.14
CA ASN H 18 -24.12 -22.43 -48.17
C ASN H 18 -23.47 -22.56 -46.80
N LEU H 19 -24.33 -22.61 -45.79
CA LEU H 19 -23.96 -22.64 -44.39
C LEU H 19 -24.76 -23.70 -43.67
N MET H 20 -24.09 -24.44 -42.79
CA MET H 20 -24.71 -25.49 -42.00
C MET H 20 -24.45 -25.19 -40.53
N LEU H 21 -25.51 -25.22 -39.72
CA LEU H 21 -25.42 -24.90 -38.31
C LEU H 21 -25.78 -26.13 -37.49
N LEU H 22 -24.96 -26.42 -36.48
CA LEU H 22 -25.21 -27.50 -35.54
C LEU H 22 -25.60 -26.89 -34.20
N PRO H 23 -26.88 -26.67 -33.94
CA PRO H 23 -27.28 -25.98 -32.70
C PRO H 23 -27.08 -26.87 -31.48
N ASP H 24 -26.43 -26.33 -30.46
CA ASP H 24 -26.08 -27.10 -29.28
C ASP H 24 -26.10 -26.21 -28.05
N GLY H 25 -26.37 -26.81 -26.90
CA GLY H 25 -26.26 -26.15 -25.63
C GLY H 25 -27.55 -25.72 -24.96
N MET H 26 -28.69 -26.32 -25.34
CA MET H 26 -29.97 -25.86 -24.79
C MET H 26 -30.15 -26.26 -23.33
N ARG H 27 -29.74 -27.48 -22.96
CA ARG H 27 -29.85 -27.93 -21.58
C ARG H 27 -28.97 -27.09 -20.66
N ARG H 28 -27.70 -26.93 -21.03
CA ARG H 28 -26.80 -26.10 -20.24
C ARG H 28 -27.29 -24.67 -20.14
N TRP H 29 -27.94 -24.15 -21.20
CA TRP H 29 -28.47 -22.80 -21.13
C TRP H 29 -29.67 -22.73 -20.20
N SER H 30 -30.51 -23.76 -20.18
CA SER H 30 -31.61 -23.79 -19.23
C SER H 30 -31.09 -23.79 -17.80
N GLN H 31 -30.01 -24.55 -17.55
CA GLN H 31 -29.41 -24.53 -16.22
C GLN H 31 -28.78 -23.18 -15.91
N LYS H 32 -28.17 -22.54 -16.91
CA LYS H 32 -27.49 -21.27 -16.71
C LYS H 32 -28.47 -20.15 -16.38
N GLN H 33 -29.61 -20.11 -17.08
CA GLN H 33 -30.62 -19.09 -16.85
C GLN H 33 -31.53 -19.42 -15.68
N GLY H 34 -31.48 -20.65 -15.17
CA GLY H 34 -32.41 -21.06 -14.12
C GLY H 34 -33.82 -21.21 -14.63
N ILE H 35 -34.01 -21.71 -15.84
CA ILE H 35 -35.32 -21.85 -16.46
C ILE H 35 -35.50 -23.29 -16.91
N SER H 36 -36.73 -23.62 -17.31
CA SER H 36 -37.04 -24.96 -17.76
C SER H 36 -36.43 -25.23 -19.13
N LEU H 37 -36.36 -26.52 -19.48
CA LEU H 37 -35.88 -26.91 -20.79
C LEU H 37 -36.76 -26.36 -21.90
N ASP H 38 -38.08 -26.31 -21.67
CA ASP H 38 -39.01 -25.77 -22.65
C ASP H 38 -38.69 -24.31 -22.98
N ASP H 39 -38.42 -23.50 -21.95
CA ASP H 39 -38.09 -22.10 -22.19
C ASP H 39 -36.74 -21.94 -22.88
N SER H 40 -35.77 -22.80 -22.54
CA SER H 40 -34.50 -22.76 -23.27
C SER H 40 -34.71 -23.07 -24.75
N TYR H 41 -35.60 -24.01 -25.06
CA TYR H 41 -35.88 -24.33 -26.46
C TYR H 41 -36.72 -23.27 -27.16
N ALA H 42 -37.57 -22.55 -26.43
CA ALA H 42 -38.26 -21.40 -27.02
C ALA H 42 -37.25 -20.31 -27.38
N ALA H 43 -36.30 -20.03 -26.47
CA ALA H 43 -35.21 -19.14 -26.81
C ALA H 43 -34.41 -19.67 -27.98
N MET H 44 -34.29 -21.00 -28.12
CA MET H 44 -33.64 -21.55 -29.30
C MET H 44 -34.43 -21.25 -30.56
N THR H 45 -35.76 -21.32 -30.49
CA THR H 45 -36.58 -20.98 -31.65
C THR H 45 -36.34 -19.54 -32.08
N ASP H 46 -36.43 -18.60 -31.14
CA ASP H 46 -36.15 -17.20 -31.45
C ASP H 46 -34.75 -17.02 -32.04
N LYS H 47 -33.77 -17.68 -31.44
CA LYS H 47 -32.39 -17.55 -31.89
C LYS H 47 -32.22 -18.08 -33.31
N LEU H 48 -32.91 -19.18 -33.63
CA LEU H 48 -32.79 -19.75 -34.97
C LEU H 48 -33.50 -18.89 -36.01
N VAL H 49 -34.59 -18.22 -35.62
CA VAL H 49 -35.21 -17.24 -36.52
C VAL H 49 -34.23 -16.10 -36.79
N GLU H 50 -33.63 -15.55 -35.73
CA GLU H 50 -32.57 -14.56 -35.90
C GLU H 50 -31.48 -15.06 -36.84
N PHE H 51 -31.02 -16.29 -36.61
CA PHE H 51 -29.91 -16.85 -37.36
C PHE H 51 -30.26 -17.00 -38.84
N THR H 52 -31.49 -17.45 -39.12
CA THR H 52 -31.95 -17.52 -40.49
C THR H 52 -31.92 -16.14 -41.14
N GLY H 53 -32.36 -15.11 -40.41
CA GLY H 53 -32.22 -13.76 -40.92
C GLY H 53 -30.78 -13.38 -41.23
N TRP H 54 -29.87 -13.70 -40.31
CA TRP H 54 -28.45 -13.37 -40.52
C TRP H 54 -27.90 -14.07 -41.75
N ALA H 55 -28.20 -15.37 -41.89
CA ALA H 55 -27.71 -16.13 -43.03
C ALA H 55 -28.24 -15.57 -44.34
N ARG H 56 -29.52 -15.20 -44.36
CA ARG H 56 -30.09 -14.61 -45.56
C ARG H 56 -29.41 -13.27 -45.89
N GLU H 57 -29.19 -12.44 -44.86
CA GLU H 57 -28.53 -11.16 -45.09
C GLU H 57 -27.08 -11.34 -45.57
N GLU H 58 -26.44 -12.44 -45.17
CA GLU H 58 -25.04 -12.66 -45.53
C GLU H 58 -24.87 -13.27 -46.91
N GLY H 59 -25.96 -13.43 -47.67
CA GLY H 59 -25.87 -13.85 -49.05
C GLY H 59 -25.85 -15.34 -49.29
N PHE H 60 -26.03 -16.15 -48.24
CA PHE H 60 -26.09 -17.59 -48.42
C PHE H 60 -27.36 -18.01 -49.13
N THR H 61 -27.23 -18.96 -50.06
CA THR H 61 -28.38 -19.43 -50.81
C THR H 61 -29.20 -20.46 -50.02
N THR H 62 -28.54 -21.31 -49.24
CA THR H 62 -29.22 -22.31 -48.43
C THR H 62 -28.62 -22.34 -47.04
N PHE H 63 -29.49 -22.40 -46.02
CA PHE H 63 -29.10 -22.50 -44.62
C PHE H 63 -29.53 -23.85 -44.09
N TYR H 64 -28.56 -24.75 -43.90
CA TYR H 64 -28.85 -26.07 -43.37
C TYR H 64 -28.79 -26.06 -41.85
N VAL H 65 -29.80 -26.64 -41.22
CA VAL H 65 -29.86 -26.74 -39.76
C VAL H 65 -30.08 -28.21 -39.42
N THR H 66 -29.14 -28.79 -38.67
CA THR H 66 -29.25 -30.18 -38.24
C THR H 66 -30.21 -30.26 -37.06
N VAL H 67 -31.39 -30.84 -37.28
CA VAL H 67 -32.44 -30.88 -36.26
C VAL H 67 -32.17 -31.97 -35.24
N SER H 68 -31.66 -33.12 -35.67
CA SER H 68 -31.57 -34.27 -34.79
C SER H 68 -30.73 -35.36 -35.42
N SER H 69 -30.06 -36.11 -34.58
CA SER H 69 -29.46 -37.38 -34.98
C SER H 69 -30.44 -38.52 -34.69
N VAL H 70 -30.11 -39.70 -35.21
CA VAL H 70 -30.86 -40.90 -34.83
C VAL H 70 -30.78 -41.11 -33.32
N ALA H 71 -29.59 -40.91 -32.75
CA ALA H 71 -29.42 -41.10 -31.30
C ALA H 71 -30.29 -40.15 -30.49
N ASN H 72 -30.55 -38.94 -31.00
CA ASN H 72 -31.35 -37.97 -30.25
C ASN H 72 -32.75 -38.49 -29.96
N TYR H 73 -33.30 -39.32 -30.83
CA TYR H 73 -34.64 -39.82 -30.58
C TYR H 73 -34.69 -40.90 -29.52
N SER H 74 -33.55 -41.28 -28.95
CA SER H 74 -33.51 -42.13 -27.77
C SER H 74 -33.53 -41.33 -26.48
N ARG H 75 -33.57 -40.00 -26.56
CA ARG H 75 -33.87 -39.22 -25.36
C ARG H 75 -35.32 -39.48 -24.94
N SER H 76 -35.69 -38.96 -23.77
CA SER H 76 -37.05 -39.17 -23.30
C SER H 76 -38.06 -38.57 -24.29
N GLU H 77 -39.28 -39.08 -24.23
CA GLU H 77 -40.33 -38.63 -25.13
C GLU H 77 -40.65 -37.14 -24.93
N GLU H 78 -40.56 -36.68 -23.68
CA GLU H 78 -40.82 -35.26 -23.40
C GLU H 78 -39.76 -34.38 -24.04
N GLN H 79 -38.49 -34.79 -23.97
CA GLN H 79 -37.41 -34.00 -24.56
C GLN H 79 -37.50 -33.97 -26.07
N VAL H 80 -37.83 -35.12 -26.68
CA VAL H 80 -38.03 -35.18 -28.12
C VAL H 80 -39.17 -34.25 -28.53
N THR H 81 -40.27 -34.26 -27.77
CA THR H 81 -41.40 -33.38 -28.09
C THR H 81 -41.01 -31.92 -28.00
N THR H 82 -40.30 -31.55 -26.93
CA THR H 82 -39.87 -30.16 -26.76
C THR H 82 -39.00 -29.71 -27.92
N ALA H 83 -37.98 -30.50 -28.26
CA ALA H 83 -37.04 -30.08 -29.30
C ALA H 83 -37.72 -30.03 -30.67
N MET H 84 -38.41 -31.09 -31.05
CA MET H 84 -39.08 -31.13 -32.35
C MET H 84 -40.10 -30.01 -32.47
N ASN H 85 -40.79 -29.70 -31.36
CA ASN H 85 -41.73 -28.58 -31.38
C ASN H 85 -41.01 -27.25 -31.59
N ALA H 86 -39.83 -27.07 -30.98
CA ALA H 86 -39.10 -25.82 -31.17
C ALA H 86 -38.67 -25.64 -32.62
N PHE H 87 -38.07 -26.68 -33.22
CA PHE H 87 -37.64 -26.57 -34.61
C PHE H 87 -38.83 -26.35 -35.54
N THR H 88 -39.90 -27.13 -35.34
CA THR H 88 -41.09 -26.96 -36.17
C THR H 88 -41.65 -25.55 -36.02
N GLU H 89 -41.58 -24.98 -34.81
CA GLU H 89 -42.05 -23.61 -34.61
C GLU H 89 -41.21 -22.63 -35.42
N VAL H 90 -39.90 -22.89 -35.52
CA VAL H 90 -39.07 -22.09 -36.42
C VAL H 90 -39.66 -22.08 -37.81
N VAL H 91 -40.02 -23.26 -38.33
CA VAL H 91 -40.59 -23.30 -39.68
C VAL H 91 -41.94 -22.58 -39.72
N ARG H 92 -42.77 -22.78 -38.70
CA ARG H 92 -44.07 -22.11 -38.65
C ARG H 92 -43.92 -20.60 -38.78
N ARG H 93 -42.85 -20.06 -38.19
CA ARG H 93 -42.65 -18.61 -38.25
C ARG H 93 -42.02 -18.17 -39.55
N CYS H 94 -41.24 -19.02 -40.22
CA CYS H 94 -40.47 -18.56 -41.37
C CYS H 94 -41.01 -19.02 -42.72
N HIS H 95 -41.94 -19.97 -42.76
CA HIS H 95 -42.24 -20.64 -44.03
C HIS H 95 -42.83 -19.70 -45.07
N ASP H 96 -43.52 -18.64 -44.65
CA ASP H 96 -44.17 -17.75 -45.62
C ASP H 96 -43.18 -16.90 -46.39
N THR H 97 -41.97 -16.67 -45.86
CA THR H 97 -41.01 -15.77 -46.48
C THR H 97 -39.78 -16.47 -47.02
N LEU H 98 -39.73 -17.80 -46.98
CA LEU H 98 -38.58 -18.52 -47.51
C LEU H 98 -39.04 -19.87 -48.05
N ASN H 99 -38.15 -20.50 -48.81
CA ASN H 99 -38.37 -21.87 -49.25
C ASN H 99 -37.91 -22.83 -48.18
N PHE H 100 -38.78 -23.75 -47.78
CA PHE H 100 -38.44 -24.74 -46.77
C PHE H 100 -38.35 -26.13 -47.38
N ASN H 101 -37.35 -26.90 -46.92
CA ASN H 101 -37.19 -28.28 -47.35
C ASN H 101 -36.61 -29.07 -46.18
N TYR H 102 -36.65 -30.39 -46.30
CA TYR H 102 -36.10 -31.25 -45.27
C TYR H 102 -35.73 -32.59 -45.88
N SER H 103 -34.91 -33.34 -45.14
CA SER H 103 -34.45 -34.66 -45.56
C SER H 103 -33.91 -35.38 -44.32
N GLY H 104 -33.53 -36.65 -44.51
CA GLY H 104 -32.86 -37.41 -43.48
C GLY H 104 -33.48 -38.79 -43.31
N THR H 105 -33.19 -39.41 -42.17
CA THR H 105 -33.75 -40.72 -41.81
C THR H 105 -35.12 -40.48 -41.21
N LEU H 106 -36.10 -40.28 -42.09
CA LEU H 106 -37.42 -39.83 -41.66
C LEU H 106 -38.17 -40.89 -40.86
N GLU H 107 -37.76 -42.16 -40.94
CA GLU H 107 -38.48 -43.23 -40.26
C GLU H 107 -38.39 -43.12 -38.75
N VAL H 108 -37.40 -42.41 -38.21
CA VAL H 108 -37.27 -42.27 -36.75
C VAL H 108 -37.94 -41.01 -36.23
N VAL H 109 -38.46 -40.17 -37.10
CA VAL H 109 -39.17 -38.95 -36.68
C VAL H 109 -40.63 -39.33 -36.38
N PRO H 110 -41.17 -38.91 -35.23
CA PRO H 110 -42.59 -39.17 -34.95
C PRO H 110 -43.50 -38.62 -36.05
N GLU H 111 -44.54 -39.39 -36.37
CA GLU H 111 -45.38 -39.07 -37.53
C GLU H 111 -45.98 -37.67 -37.43
N ARG H 112 -46.28 -37.21 -36.21
CA ARG H 112 -46.85 -35.88 -36.01
C ARG H 112 -45.96 -34.80 -36.65
N TRP H 113 -44.67 -34.85 -36.37
CA TRP H 113 -43.76 -33.83 -36.87
C TRP H 113 -43.51 -33.98 -38.37
N LEU H 114 -43.46 -35.20 -38.88
CA LEU H 114 -43.33 -35.38 -40.33
C LEU H 114 -44.55 -34.82 -41.05
N THR H 115 -45.74 -35.03 -40.50
CA THR H 115 -46.96 -34.50 -41.11
C THR H 115 -46.92 -32.98 -41.13
N GLU H 116 -46.66 -32.36 -39.97
CA GLU H 116 -46.66 -30.90 -39.92
C GLU H 116 -45.55 -30.30 -40.80
N LEU H 117 -44.35 -30.87 -40.75
CA LEU H 117 -43.25 -30.33 -41.55
C LEU H 117 -43.51 -30.50 -43.05
N GLU H 118 -44.17 -31.59 -43.44
CA GLU H 118 -44.54 -31.75 -44.84
C GLU H 118 -45.55 -30.69 -45.27
N ALA H 119 -46.58 -30.45 -44.44
CA ALA H 119 -47.53 -29.39 -44.76
C ALA H 119 -46.82 -28.04 -44.86
N LEU H 120 -45.88 -27.77 -43.94
CA LEU H 120 -45.18 -26.48 -43.97
C LEU H 120 -44.31 -26.36 -45.21
N ARG H 121 -43.68 -27.45 -45.64
CA ARG H 121 -42.88 -27.40 -46.86
C ARG H 121 -43.74 -27.15 -48.09
N ALA H 122 -44.91 -27.81 -48.17
CA ALA H 122 -45.82 -27.53 -49.28
C ALA H 122 -46.32 -26.09 -49.24
N LYS H 123 -46.44 -25.51 -48.04
CA LYS H 123 -46.94 -24.16 -47.84
C LYS H 123 -45.87 -23.07 -47.96
N SER H 124 -44.60 -23.44 -48.12
CA SER H 124 -43.52 -22.47 -48.08
C SER H 124 -43.42 -21.69 -49.39
N ASP H 125 -42.60 -20.63 -49.36
CA ASP H 125 -42.45 -19.72 -50.50
C ASP H 125 -41.48 -20.35 -51.49
N SER H 126 -42.03 -21.08 -52.46
CA SER H 126 -41.21 -21.72 -53.49
C SER H 126 -40.50 -20.72 -54.40
N GLN H 127 -40.91 -19.46 -54.36
CA GLN H 127 -40.29 -18.44 -55.18
C GLN H 127 -39.10 -17.77 -54.51
N SER H 128 -38.87 -18.02 -53.22
CA SER H 128 -37.74 -17.42 -52.52
C SER H 128 -36.42 -17.97 -53.09
N ASP H 129 -35.44 -17.09 -53.19
CA ASP H 129 -34.08 -17.45 -53.56
C ASP H 129 -33.26 -17.90 -52.36
N PHE H 130 -33.86 -17.96 -51.18
CA PHE H 130 -33.23 -18.42 -49.95
C PHE H 130 -33.99 -19.63 -49.44
N THR H 131 -33.24 -20.66 -49.04
CA THR H 131 -33.84 -21.93 -48.61
C THR H 131 -33.38 -22.25 -47.20
N LEU H 132 -34.33 -22.61 -46.34
CA LEU H 132 -34.06 -23.21 -45.05
C LEU H 132 -34.28 -24.72 -45.18
N HIS H 133 -33.27 -25.50 -44.82
CA HIS H 133 -33.31 -26.95 -45.00
C HIS H 133 -32.95 -27.64 -43.69
N PHE H 134 -33.91 -28.36 -43.14
CA PHE H 134 -33.72 -29.16 -41.93
C PHE H 134 -33.25 -30.56 -42.33
N ILE H 135 -32.24 -31.07 -41.63
CA ILE H 135 -31.84 -32.47 -41.76
C ILE H 135 -32.14 -33.16 -40.43
N MET H 136 -32.92 -34.24 -40.50
CA MET H 136 -33.41 -34.93 -39.31
C MET H 136 -32.96 -36.38 -39.30
N GLY H 137 -32.67 -36.89 -38.11
CA GLY H 137 -32.22 -38.26 -37.95
C GLY H 137 -30.93 -38.51 -38.70
N MET H 138 -29.97 -37.61 -38.54
CA MET H 138 -28.70 -37.75 -39.22
C MET H 138 -27.92 -38.93 -38.66
N SER H 139 -27.28 -39.68 -39.55
CA SER H 139 -26.44 -40.83 -39.24
C SER H 139 -25.87 -41.39 -40.53
N LEU H 140 -24.53 -41.36 -40.68
CA LEU H 140 -23.94 -41.82 -41.93
C LEU H 140 -24.27 -43.28 -42.19
N ALA H 141 -24.29 -44.11 -41.14
CA ALA H 141 -24.62 -45.52 -41.30
C ALA H 141 -26.03 -45.71 -41.84
N HIS H 142 -27.01 -45.03 -41.22
CA HIS H 142 -28.40 -45.14 -41.67
C HIS H 142 -28.58 -44.55 -43.06
N GLU H 143 -27.86 -43.46 -43.36
CA GLU H 143 -27.95 -42.85 -44.67
C GLU H 143 -27.46 -43.82 -45.76
N VAL H 144 -26.28 -44.39 -45.55
CA VAL H 144 -25.71 -45.33 -46.51
C VAL H 144 -26.61 -46.56 -46.65
N ILE H 145 -27.08 -47.09 -45.52
CA ILE H 145 -27.94 -48.27 -45.56
C ILE H 145 -29.22 -47.99 -46.35
N GLY H 146 -29.83 -46.81 -46.12
CA GLY H 146 -31.02 -46.47 -46.87
C GLY H 146 -30.77 -46.37 -48.36
N ILE H 147 -29.66 -45.74 -48.75
CA ILE H 147 -29.34 -45.63 -50.17
C ILE H 147 -29.14 -47.01 -50.78
N PHE H 148 -28.39 -47.88 -50.09
CA PHE H 148 -28.18 -49.23 -50.60
C PHE H 148 -29.51 -49.97 -50.77
N ASN H 149 -30.33 -50.02 -49.72
CA ASN H 149 -31.59 -50.76 -49.80
C ASN H 149 -32.51 -50.18 -50.87
N LYS H 150 -32.42 -48.87 -51.14
CA LYS H 150 -33.21 -48.30 -52.22
C LYS H 150 -32.73 -48.78 -53.58
N PHE H 151 -31.42 -48.77 -53.81
CA PHE H 151 -30.90 -49.06 -55.15
C PHE H 151 -30.39 -50.49 -55.32
N ASN H 152 -30.46 -51.32 -54.28
CA ASN H 152 -29.93 -52.68 -54.35
C ASN H 152 -30.59 -53.46 -55.48
N GLY H 153 -29.78 -53.91 -56.43
CA GLY H 153 -30.29 -54.72 -57.52
C GLY H 153 -31.06 -53.97 -58.58
N LYS H 154 -31.12 -52.62 -58.48
CA LYS H 154 -31.89 -51.80 -59.39
C LYS H 154 -31.03 -51.02 -60.37
N ILE H 155 -29.73 -50.90 -60.12
CA ILE H 155 -28.80 -50.22 -61.00
C ILE H 155 -27.56 -51.09 -61.19
N PRO H 156 -26.83 -50.95 -62.31
CA PRO H 156 -25.60 -51.75 -62.47
C PRO H 156 -24.49 -51.32 -61.53
N ALA H 157 -24.47 -50.06 -61.11
CA ALA H 157 -23.42 -49.58 -60.22
C ALA H 157 -23.85 -48.25 -59.61
N LEU H 158 -23.35 -47.97 -58.41
CA LEU H 158 -23.59 -46.69 -57.78
C LEU H 158 -22.56 -45.68 -58.29
N THR H 159 -23.04 -44.52 -58.70
CA THR H 159 -22.20 -43.45 -59.20
C THR H 159 -22.14 -42.31 -58.19
N GLU H 160 -21.13 -41.47 -58.36
CA GLU H 160 -20.99 -40.29 -57.51
C GLU H 160 -22.15 -39.32 -57.72
N GLU H 161 -22.69 -39.24 -58.93
CA GLU H 161 -23.85 -38.40 -59.18
C GLU H 161 -25.11 -38.95 -58.50
N LEU H 162 -25.34 -40.26 -58.57
CA LEU H 162 -26.50 -40.83 -57.88
C LEU H 162 -26.35 -40.71 -56.36
N LEU H 163 -25.15 -40.99 -55.85
CA LEU H 163 -24.88 -40.81 -54.43
C LEU H 163 -25.16 -39.38 -54.00
N ALA H 164 -24.62 -38.41 -54.74
CA ALA H 164 -24.86 -37.00 -54.42
C ALA H 164 -26.34 -36.65 -54.50
N ALA H 165 -27.05 -37.23 -55.48
CA ALA H 165 -28.46 -36.94 -55.66
C ALA H 165 -29.33 -37.62 -54.61
N ASN H 166 -28.79 -38.58 -53.86
CA ASN H 166 -29.56 -39.28 -52.84
C ASN H 166 -29.01 -39.09 -51.43
N ALA H 167 -27.97 -38.29 -51.24
CA ALA H 167 -27.50 -38.00 -49.90
C ALA H 167 -28.47 -37.05 -49.19
N TYR H 168 -28.46 -37.11 -47.85
CA TYR H 168 -29.35 -36.25 -47.06
C TYR H 168 -29.11 -34.77 -47.38
N VAL H 169 -27.85 -34.34 -47.38
CA VAL H 169 -27.49 -32.99 -47.76
C VAL H 169 -27.26 -32.98 -49.27
N PRO H 170 -28.09 -32.29 -50.06
CA PRO H 170 -28.07 -32.46 -51.52
C PRO H 170 -26.93 -31.74 -52.22
N GLU H 171 -26.02 -31.10 -51.52
CA GLU H 171 -24.93 -30.37 -52.14
C GLU H 171 -23.74 -30.36 -51.19
N PRO H 172 -22.54 -30.10 -51.69
CA PRO H 172 -21.40 -29.92 -50.78
C PRO H 172 -21.62 -28.71 -49.89
N VAL H 173 -21.27 -28.86 -48.62
CA VAL H 173 -21.44 -27.78 -47.65
C VAL H 173 -20.20 -26.91 -47.66
N ASP H 174 -20.39 -25.60 -47.81
CA ASP H 174 -19.28 -24.67 -47.76
C ASP H 174 -18.80 -24.45 -46.34
N PHE H 175 -19.69 -23.95 -45.47
CA PHE H 175 -19.28 -23.63 -44.10
C PHE H 175 -20.10 -24.43 -43.10
N LEU H 176 -19.46 -24.87 -42.01
CA LEU H 176 -20.12 -25.59 -40.94
C LEU H 176 -19.74 -24.98 -39.61
N ILE H 177 -20.73 -24.65 -38.79
CA ILE H 177 -20.51 -23.98 -37.51
C ILE H 177 -21.17 -24.80 -36.41
N ARG H 178 -20.41 -25.09 -35.35
CA ARG H 178 -20.96 -25.74 -34.17
C ARG H 178 -20.65 -24.92 -32.92
N PRO H 179 -21.62 -24.18 -32.41
CA PRO H 179 -21.46 -23.53 -31.11
C PRO H 179 -21.65 -24.55 -29.99
N GLY H 180 -21.47 -24.09 -28.76
CA GLY H 180 -21.69 -24.92 -27.58
C GLY H 180 -20.45 -25.55 -26.98
N GLY H 181 -19.27 -25.36 -27.58
CA GLY H 181 -18.02 -25.73 -26.96
C GLY H 181 -17.50 -27.13 -27.26
N HIS H 182 -18.29 -27.99 -27.88
CA HIS H 182 -17.85 -29.35 -28.17
C HIS H 182 -17.30 -29.44 -29.60
N VAL H 183 -16.08 -29.97 -29.72
CA VAL H 183 -15.42 -30.14 -31.00
C VAL H 183 -15.64 -31.57 -31.47
N ARG H 184 -16.78 -31.81 -32.10
CA ARG H 184 -17.18 -33.13 -32.59
C ARG H 184 -18.38 -32.93 -33.49
N MET H 185 -18.67 -33.96 -34.30
CA MET H 185 -19.79 -33.88 -35.22
C MET H 185 -21.07 -34.52 -34.68
N SER H 186 -20.97 -35.43 -33.71
CA SER H 186 -22.15 -35.98 -33.02
C SER H 186 -23.20 -36.56 -33.96
N SER H 187 -22.75 -37.21 -35.03
CA SER H 187 -23.56 -37.89 -36.06
C SER H 187 -24.06 -36.96 -37.15
N PHE H 188 -23.55 -35.72 -37.24
CA PHE H 188 -24.07 -34.70 -38.15
C PHE H 188 -23.13 -34.39 -39.31
N TYR H 189 -22.10 -35.19 -39.53
CA TYR H 189 -21.18 -34.91 -40.63
C TYR H 189 -21.87 -35.10 -41.97
N PRO H 190 -21.77 -34.12 -42.89
CA PRO H 190 -22.42 -34.26 -44.20
C PRO H 190 -21.59 -35.11 -45.14
N LEU H 191 -22.24 -36.14 -45.70
CA LEU H 191 -21.54 -37.20 -46.44
C LEU H 191 -20.71 -36.65 -47.61
N MET H 192 -21.30 -35.76 -48.41
CA MET H 192 -20.69 -35.32 -49.67
C MET H 192 -20.02 -33.95 -49.56
N SER H 193 -19.36 -33.65 -48.43
CA SER H 193 -18.69 -32.35 -48.24
C SER H 193 -17.21 -32.54 -47.94
N PRO H 194 -16.43 -33.04 -48.89
CA PRO H 194 -14.99 -33.23 -48.64
C PRO H 194 -14.23 -31.94 -48.40
N PHE H 195 -14.72 -30.80 -48.88
CA PHE H 195 -13.98 -29.54 -48.74
C PHE H 195 -14.69 -28.56 -47.81
N ALA H 196 -15.55 -29.05 -46.92
CA ALA H 196 -16.20 -28.18 -45.95
C ALA H 196 -15.21 -27.63 -44.94
N GLU H 197 -15.35 -26.35 -44.61
CA GLU H 197 -14.58 -25.72 -43.54
C GLU H 197 -15.40 -25.73 -42.27
N MET H 198 -14.77 -26.12 -41.15
CA MET H 198 -15.45 -26.23 -39.86
C MET H 198 -15.02 -25.13 -38.91
N TYR H 199 -15.98 -24.66 -38.11
CA TYR H 199 -15.75 -23.61 -37.11
C TYR H 199 -16.45 -24.00 -35.83
N PHE H 200 -15.71 -24.07 -34.73
CA PHE H 200 -16.23 -24.39 -33.41
C PHE H 200 -16.00 -23.20 -32.49
N CYS H 201 -16.97 -22.90 -31.64
CA CYS H 201 -16.85 -21.81 -30.69
C CYS H 201 -17.55 -22.20 -29.38
N PRO H 202 -17.03 -21.73 -28.25
CA PRO H 202 -17.61 -22.15 -26.95
C PRO H 202 -18.95 -21.52 -26.61
N THR H 203 -19.34 -20.42 -27.25
CA THR H 203 -20.61 -19.79 -26.91
C THR H 203 -21.78 -20.74 -27.13
N LEU H 204 -22.63 -20.86 -26.11
CA LEU H 204 -23.88 -21.57 -26.27
C LEU H 204 -24.73 -20.88 -27.33
N LEU H 205 -25.55 -21.67 -28.03
CA LEU H 205 -26.33 -21.15 -29.16
C LEU H 205 -27.20 -19.98 -28.73
N ASN H 206 -27.89 -20.10 -27.59
CA ASN H 206 -28.80 -19.05 -27.15
C ASN H 206 -28.07 -17.78 -26.73
N ASP H 207 -26.75 -17.82 -26.59
CA ASP H 207 -25.96 -16.63 -26.29
C ASP H 207 -25.27 -16.05 -27.52
N MET H 208 -25.41 -16.70 -28.69
CA MET H 208 -24.75 -16.21 -29.88
C MET H 208 -25.36 -14.89 -30.33
N THR H 209 -24.50 -13.90 -30.55
CA THR H 209 -24.89 -12.61 -31.09
C THR H 209 -24.57 -12.54 -32.57
N ARG H 210 -25.07 -11.49 -33.22
CA ARG H 210 -24.74 -11.24 -34.61
C ARG H 210 -23.24 -11.06 -34.80
N ALA H 211 -22.57 -10.44 -33.83
CA ALA H 211 -21.13 -10.26 -33.92
C ALA H 211 -20.40 -11.60 -33.87
N ASP H 212 -20.85 -12.52 -33.03
CA ASP H 212 -20.27 -13.87 -32.98
C ASP H 212 -20.37 -14.56 -34.35
N PHE H 213 -21.54 -14.47 -34.97
CA PHE H 213 -21.73 -15.03 -36.31
C PHE H 213 -20.78 -14.36 -37.31
N ASP H 214 -20.64 -13.03 -37.22
CA ASP H 214 -19.80 -12.31 -38.18
C ASP H 214 -18.34 -12.72 -38.06
N VAL H 215 -17.84 -12.87 -36.83
CA VAL H 215 -16.45 -13.26 -36.69
C VAL H 215 -16.25 -14.72 -37.06
N ALA H 216 -17.27 -15.57 -36.82
CA ALA H 216 -17.21 -16.93 -37.35
C ALA H 216 -17.05 -16.93 -38.87
N LEU H 217 -17.83 -16.07 -39.55
CA LEU H 217 -17.71 -16.00 -41.01
C LEU H 217 -16.39 -15.39 -41.46
N GLU H 218 -15.84 -14.44 -40.70
CA GLU H 218 -14.50 -13.95 -41.00
C GLU H 218 -13.49 -15.08 -40.96
N ASP H 219 -13.51 -15.85 -39.87
CA ASP H 219 -12.63 -17.01 -39.73
C ASP H 219 -12.79 -17.97 -40.90
N LEU H 220 -14.03 -18.33 -41.22
CA LEU H 220 -14.27 -19.32 -42.27
C LEU H 220 -13.84 -18.80 -43.64
N ARG H 221 -14.11 -17.52 -43.92
CA ARG H 221 -13.84 -16.95 -45.24
C ARG H 221 -12.35 -16.62 -45.46
N GLU H 222 -11.57 -16.40 -44.41
CA GLU H 222 -10.16 -16.09 -44.61
C GLU H 222 -9.35 -17.31 -45.04
N ARG H 223 -9.88 -18.50 -44.86
CA ARG H 223 -9.17 -19.73 -45.18
C ARG H 223 -9.05 -19.92 -46.70
MG MG I . -4.66 3.09 30.99
PA GST J . -4.76 2.34 27.93
O1A GST J . -4.19 3.26 28.98
O2A GST J . -4.14 2.65 26.60
O3A GST J . -6.26 2.52 27.85
O1B GST J . -4.45 0.77 28.31
PB GST J . -4.80 0.09 29.77
O2B GST J . -5.67 -1.13 29.56
O3B GST J . -5.54 1.09 30.64
S1 GST J . -2.98 -0.45 30.70
C1 GST J . -3.17 -0.35 32.50
C2 GST J . -4.18 -1.43 32.86
C3 GST J . -3.79 -2.60 33.30
C10 GST J . -2.31 -2.92 33.47
C4 GST J . -4.87 -3.63 33.61
C5 GST J . -4.47 -4.56 34.74
C6 GST J . -5.73 -5.30 35.17
C7 GST J . -5.65 -6.44 35.80
C9 GST J . -4.28 -7.04 36.12
C8 GST J . -6.92 -7.17 36.23
C1 DMA K . -4.51 1.18 35.74
O1 DMA K . -5.25 1.30 34.57
C2 DMA K . -3.18 1.93 35.67
C3 DMA K . -2.03 1.31 35.91
C4 DMA K . -0.74 2.11 35.85
C5 DMA K . -1.98 -0.17 36.23
PA DMA K . -6.01 2.73 34.22
PA DMA K . -5.92 2.74 34.10
O1A DMA K . -5.42 3.27 32.93
O1A DMA K . -7.39 2.56 33.82
O2A DMA K . -5.75 3.68 35.35
O2A DMA K . -5.22 3.14 32.83
O3A DMA K . -7.62 2.47 34.02
O3A DMA K . -5.70 3.93 35.22
PB DMA K . -8.80 3.61 34.16
PB DMA K . -6.82 5.08 35.59
O1B DMA K . -9.36 3.91 32.79
O1B DMA K . -7.37 4.79 36.97
O2B DMA K . -8.24 4.89 34.76
O2B DMA K . -7.95 5.08 34.59
O3B DMA K . -9.91 3.08 35.05
O3B DMA K . -6.18 6.45 35.58
MG MG L . 9.98 23.87 48.89
PA GST M . 11.77 26.59 48.60
O1A GST M . 13.01 25.86 49.05
O2A GST M . 10.82 25.60 47.97
O3A GST M . 12.15 27.64 47.59
O1B GST M . 11.08 27.30 49.91
PB GST M . 9.82 26.68 50.75
O2B GST M . 9.79 25.17 50.63
O3B GST M . 9.90 27.08 52.20
S1 GST M . 8.04 27.48 49.94
C1 GST M . 6.69 26.35 50.34
C2 GST M . 6.84 25.74 51.73
C3 GST M . 5.97 26.07 52.66
C10 GST M . 4.84 27.06 52.34
C4 GST M . 6.09 25.46 54.05
C5 GST M . 6.04 26.61 55.05
C6 GST M . 5.31 26.16 56.31
C7 GST M . 5.98 26.02 57.42
C9 GST M . 7.48 26.29 57.45
C8 GST M . 5.26 25.57 58.69
C1 DMA N . 6.05 22.57 49.71
O1 DMA N . 6.55 21.29 49.98
C2 DMA N . 5.26 23.07 50.92
C3 DMA N . 3.95 23.24 50.86
C4 DMA N . 3.21 23.75 52.10
C5 DMA N . 3.17 22.93 49.58
PA DMA N . 8.03 21.10 50.66
O1A DMA N . 8.97 22.20 50.21
O2A DMA N . 7.93 21.11 52.17
O3A DMA N . 8.60 19.64 50.18
PB DMA N . 10.14 19.34 49.70
O1B DMA N . 10.50 20.24 48.53
O2B DMA N . 11.09 19.59 50.85
O3B DMA N . 10.23 17.90 49.26
MG MG O . 0.98 21.68 9.40
PA GST P . -3.06 20.92 9.40
O1A GST P . -1.72 21.32 9.94
O2A GST P . -2.92 19.78 8.44
O3A GST P . -3.97 20.54 10.55
O1B GST P . -3.76 22.18 8.61
PB GST P . -2.94 23.07 7.51
O2B GST P . -3.47 22.77 6.13
O3B GST P . -1.47 22.76 7.57
S1 GST P . -3.29 25.11 7.97
C1 GST P . -1.80 26.08 7.57
C2 GST P . -1.71 26.28 6.06
C3 GST P . -2.00 27.46 5.54
C10 GST P . -2.43 28.62 6.43
C4 GST P . -1.89 27.64 4.03
C5 GST P . -3.24 27.99 3.41
C6 GST P . -3.13 27.85 1.89
C7 GST P . -3.03 28.92 1.12
C9 GST P . -2.92 28.75 -0.39
C8 GST P . -3.05 30.32 1.73
C1 DMA Q . 1.60 25.82 6.19
O1 DMA Q . 1.75 24.43 6.28
C2 DMA Q . 1.99 26.46 7.52
C3 DMA Q . 1.79 27.74 7.73
C4 DMA Q . 1.14 28.63 6.67
C5 DMA Q . 2.21 28.34 9.07
PA DMA Q . 2.96 23.64 5.48
PA DMA Q . 2.99 23.81 5.38
O1A DMA Q . 3.74 24.60 4.60
O1A DMA Q . 2.53 22.56 4.66
O2A DMA Q . 3.90 23.04 6.52
O2A DMA Q . 3.45 24.85 4.39
O3A DMA Q . 2.29 22.45 4.55
O3A DMA Q . 4.25 23.44 6.39
PB DMA Q . 2.54 20.83 4.69
PB DMA Q . 4.21 22.15 7.41
O1B DMA Q . 3.26 20.34 3.45
O1B DMA Q . 5.51 22.06 8.17
O2B DMA Q . 1.22 20.10 4.80
O2B DMA Q . 4.01 20.89 6.59
O3B DMA Q . 3.37 20.49 5.90
O3B DMA Q . 3.06 22.29 8.38
MG MG R . 25.80 30.52 23.79
PA GST S . 26.92 30.14 26.67
O1A GST S . 26.72 29.46 28.00
O2A GST S . 25.85 29.70 25.71
O3A GST S . 26.86 31.64 26.86
O1B GST S . 28.41 29.76 26.08
PB GST S . 28.80 29.74 24.48
O2B GST S . 27.82 30.56 23.66
O3B GST S . 30.21 30.26 24.30
S1 GST S . 28.72 27.73 23.84
C1 GST S . 29.16 27.54 22.09
C2 GST S . 29.52 28.85 21.40
C3 GST S . 30.14 28.75 20.23
C10 GST S . 30.45 27.38 19.68
C4 GST S . 30.55 29.99 19.44
C5 GST S . 32.06 30.15 19.63
C6 GST S . 32.76 30.53 18.32
C7 GST S . 33.55 31.58 18.32
C9 GST S . 33.72 32.39 19.60
C8 GST S . 34.28 31.99 17.04
C1 DMA T . 25.73 28.95 19.90
O1 DMA T . 24.99 30.08 19.58
C2 DMA T . 26.93 28.83 18.96
C3 DMA T . 26.99 27.93 17.99
C4 DMA T . 28.22 27.85 17.11
C5 DMA T . 25.84 26.97 17.75
PA DMA T . 25.17 31.50 20.41
O1A DMA T . 26.19 32.38 19.72
O2A DMA T . 25.59 31.28 21.84
O3A DMA T . 23.69 32.23 20.33
PB DMA T . 22.96 33.23 21.41
O1B DMA T . 21.73 33.78 20.73
O2B DMA T . 23.88 34.36 21.79
O3B DMA T . 22.54 32.45 22.62
MG MG U . 4.45 -3.81 -33.87
PA GST V . 4.13 -4.37 -37.46
O1A GST V . 3.59 -4.75 -36.10
O2A GST V . 3.36 -5.09 -38.54
O3A GST V . 5.59 -4.74 -37.54
O1B GST V . 3.97 -2.76 -37.71
PB GST V . 4.39 -1.59 -36.62
O2B GST V . 5.36 -0.63 -37.28
O3B GST V . 5.02 -2.21 -35.40
S1 GST V . 2.61 -0.58 -36.10
C1 GST V . 2.66 0.04 -34.39
C2 GST V . 3.83 1.01 -34.26
C3 GST V . 3.65 2.30 -34.13
C10 GST V . 2.23 2.88 -34.12
C4 GST V . 4.86 3.19 -33.98
C5 GST V . 4.50 4.65 -34.22
C6 GST V . 5.79 5.47 -34.23
C7 GST V . 5.76 6.74 -33.93
C9 GST V . 4.43 7.42 -33.57
C8 GST V . 7.05 7.55 -33.94
C1 DMA W . 4.69 -0.11 -31.26
O1 DMA W . 5.83 -0.74 -30.78
C2 DMA W . 3.43 -0.64 -30.59
C3 DMA W . 2.39 0.13 -30.37
C4 DMA W . 1.15 -0.45 -29.69
C5 DMA W . 2.41 1.60 -30.77
PA DMA W . 6.23 -2.26 -31.27
PA DMA W . 6.22 -2.20 -31.43
O1A DMA W . 5.18 -2.80 -32.22
O1A DMA W . 7.67 -2.22 -31.84
O2A DMA W . 6.32 -3.15 -30.05
O2A DMA W . 5.36 -2.45 -32.65
O3A DMA W . 7.68 -2.21 -32.05
O3A DMA W . 5.95 -3.40 -30.33
PB DMA W . 9.02 -3.08 -31.63
PB DMA W . 7.13 -4.04 -29.38
O1B DMA W . 9.65 -3.61 -32.89
O1B DMA W . 7.69 -2.95 -28.50
O2B DMA W . 8.65 -4.23 -30.74
O2B DMA W . 8.22 -4.57 -30.27
O3B DMA W . 9.99 -2.18 -30.91
O3B DMA W . 6.56 -5.15 -28.55
MG MG X . -7.90 -15.12 -8.08
PA GST Y . -9.62 -17.83 -7.16
O1A GST Y . -10.82 -16.91 -7.26
O2A GST Y . -8.59 -17.36 -8.15
O3A GST Y . -10.03 -19.24 -7.47
O1B GST Y . -9.02 -17.76 -5.64
PB GST Y . -7.64 -16.97 -5.22
O2B GST Y . -7.61 -15.62 -5.90
O3B GST Y . -7.59 -16.81 -3.72
S1 GST Y . -5.97 -18.12 -5.84
C1 GST Y . -4.46 -17.14 -5.67
C2 GST Y . -4.65 -15.96 -4.72
C3 GST Y . -3.68 -15.70 -3.86
C10 GST Y . -2.43 -16.56 -3.84
C4 GST Y . -3.81 -14.52 -2.89
C5 GST Y . -3.50 -15.02 -1.49
C6 GST Y . -2.68 -14.00 -0.69
C7 GST Y . -3.16 -13.50 0.43
C9 GST Y . -4.54 -13.94 0.93
C8 GST Y . -2.35 -12.48 1.23
C1 DMA Z . -4.07 -13.90 -7.79
O1 DMA Z . -4.44 -12.65 -8.27
C2 DMA Z . -3.22 -13.71 -6.55
C3 DMA Z . -1.91 -13.79 -6.58
C4 DMA Z . -1.12 -13.60 -5.30
C5 DMA Z . -1.18 -14.08 -7.90
PA DMA Z . -5.90 -12.03 -7.82
O1A DMA Z . -6.88 -13.16 -7.62
O2A DMA Z . -5.78 -11.21 -6.55
O3A DMA Z . -6.42 -11.07 -9.04
PB DMA Z . -8.00 -10.78 -9.35
O1B DMA Z . -8.60 -11.98 -10.04
O2B DMA Z . -8.72 -10.50 -8.06
O3B DMA Z . -8.11 -9.57 -10.26
MG MG AA . -2.39 -30.20 -46.05
PA GST BA . 1.23 -28.95 -46.41
O1A GST BA . 0.10 -29.14 -45.44
O2A GST BA . 0.72 -28.27 -47.66
O3A GST BA . 2.33 -28.16 -45.75
O1B GST BA . 1.87 -30.41 -46.85
PB GST BA . 0.97 -31.70 -47.27
O2B GST BA . 1.35 -32.19 -48.64
O3B GST BA . -0.50 -31.33 -47.25
S1 GST BA . 1.38 -33.23 -45.84
C1 GST BA . -0.13 -34.22 -45.63
C2 GST BA . -0.43 -35.02 -46.90
C3 GST BA . -0.11 -36.29 -47.01
C10 GST BA . 0.59 -37.00 -45.84
C4 GST BA . -0.44 -37.05 -48.29
C5 GST BA . 0.79 -37.82 -48.78
C6 GST BA . 0.60 -38.21 -50.24
C7 GST BA . 0.51 -39.47 -50.62
C9 GST BA . 0.61 -40.59 -49.59
C8 GST BA . 0.32 -39.82 -52.09
C1 DMA CA . -3.79 -34.37 -46.75
O1 DMA CA . -4.02 -33.06 -47.17
C2 DMA CA . -4.02 -34.47 -45.24
C3 DMA CA . -3.68 -35.55 -44.57
C4 DMA CA . -3.06 -36.75 -45.27
C5 DMA CA . -3.94 -35.60 -43.07
PA DMA CA . -5.15 -32.70 -48.29
PA DMA CA . -5.12 -32.87 -48.37
O1A DMA CA . -5.88 -33.95 -48.73
O1A DMA CA . -4.50 -32.12 -49.52
O2A DMA CA . -6.14 -31.73 -47.69
O2A DMA CA . -5.61 -34.22 -48.83
O3A DMA CA . -4.39 -32.00 -49.60
O3A DMA CA . -6.42 -32.03 -47.78
PB DMA CA . -4.73 -30.53 -50.25
PB DMA CA . -6.28 -30.64 -46.91
O1B DMA CA . -5.51 -30.71 -51.53
O1B DMA CA . -7.34 -30.60 -45.84
O2B DMA CA . -3.44 -29.80 -50.55
O2B DMA CA . -6.44 -29.45 -47.83
O3B DMA CA . -5.54 -29.69 -49.29
O3B DMA CA . -4.91 -30.58 -46.26
MG MG DA . -25.83 -31.36 -26.51
PA GST EA . -26.87 -29.60 -24.04
O1A GST EA . -26.58 -28.40 -23.16
O2A GST EA . -25.91 -29.57 -25.21
O3A GST EA . -26.71 -30.88 -23.26
O1B GST EA . -28.41 -29.53 -24.57
PB GST EA . -28.89 -30.19 -26.00
O2B GST EA . -27.92 -31.27 -26.42
O3B GST EA . -30.29 -30.75 -25.87
S1 GST EA . -28.90 -28.60 -27.39
C1 GST EA . -29.45 -29.11 -29.04
C2 GST EA . -29.89 -30.57 -29.13
C3 GST EA . -30.75 -30.86 -30.08
C10 GST EA . -31.25 -29.73 -30.98
C4 GST EA . -31.25 -32.28 -30.29
C5 GST EA . -32.74 -32.31 -30.00
C6 GST EA . -33.48 -33.30 -30.90
C7 GST EA . -34.20 -34.26 -30.38
C9 GST EA . -34.31 -34.40 -28.85
C8 GST EA . -34.95 -35.25 -31.26
C1 DMA FA . -26.51 -31.33 -30.65
O1 DMA FA . -25.77 -32.51 -30.73
C2 DMA FA . -27.80 -31.53 -31.44
C3 DMA FA . -27.94 -31.09 -32.67
C4 DMA FA . -29.27 -31.32 -33.39
C5 DMA FA . -26.79 -30.36 -33.38
PA DMA FA . -25.69 -33.55 -29.45
O1A DMA FA . -26.61 -34.73 -29.67
O2A DMA FA . -26.07 -32.86 -28.16
O3A DMA FA . -24.15 -34.08 -29.41
PB DMA FA . -23.40 -34.76 -28.12
O1B DMA FA . -22.24 -35.59 -28.63
O2B DMA FA . -24.37 -35.63 -27.36
O3B DMA FA . -22.90 -33.65 -27.23
#